data_8YWT
#
_entry.id   8YWT
#
loop_
_entity.id
_entity.type
_entity.pdbx_description
1 polymer 'V-type ATP synthase subunit I'
2 polymer 'V-type ATP synthase, subunit K'
3 polymer 'V-type ATP synthase subunit C'
4 polymer 'V-type ATP synthase, subunit (VAPC-THERM)'
5 polymer 'V-type ATP synthase subunit E'
6 water water
#
loop_
_entity_poly.entity_id
_entity_poly.type
_entity_poly.pdbx_seq_one_letter_code
_entity_poly.pdbx_strand_id
1 'polypeptide(L)'
;MIAPMEKLVLAGPKGRAKELLQSLQQAGVVHLETLRPEALSAYQLSPEERAELRRWEAVSAGAEHTLSLLGLEAEPARPF
PEGLEAAEKALSPIQAHAEGLTRQKQELEEELALAQAYLEPLERLAALAHGLDKSPFLRVIPFLLTEKELPLVEEALRKA
LEDRYLLAHEAYAGGVAALVVVHRKEVDQAKAALSRAGVAELRLPGALGELPLSEAARRLKERAEAAPRELSEVRQHLAK
LARESASTLQSLWTRAQDEVARLKALEELASGRFGFALLGYVPVKAKPKVEEALARHKESVVYAFEPVDEHHEADRIPVV
LDNPPWAKPFELLVSFLNTPKYGTFDPTPVVPVFFPFWFGMIVGDIGYALLFYLVGRWLSGYVKRNEPLVIDLFALKLKP
QVIGKLVHILNWMVFWTVVWGVIYGEFFGTFLEHLGVFGTPEHPGLIPILIHRIDTAKTANLLILLSVAFGVVLVFFGLA
LRAYLGLKHRHMAHFWEGVGYLGGLVGVLALAASYLGNLQAGWLQGLMYLGFGVFLLAVLMSRIWLMIPEIFTQAGHILS
HIRIYAVGAAGGILAGLLTDVGFALAERLGLLGVLLGLLVAGVLHLLILLLTTLGHMLQPIRLLWVEFFTKFGFYEENGR
PYRPFKSVREAQ
;
N
2 'polypeptide(L)'
;MKKLLVTVLLAVFGALAFAAEEAAASGGLDRGLIAVGMGLAVGLAALGTGVAQARIGAAGVGAIAEDRSNFGTALIFLLL
PETLVIFGLLIAFILNGRLHHH
;
O,P,Q,R,S,T,U,V,W,X,Y,Z
3 'polypeptide(L)'
;MADDFAYLNARVRVRRGTLLKESFFQEALDLSFADFLRLLSETVYGGELAGQGLPDVDRAVLRTQAKLVGDLPRLVTGEA
REAVRLLLLRNDLHNLQALLRAKATGRPFEEVLLLPGTLREEVWRQAYEAQDPAGMAQVLAVPGHPLARALRAVLRETQD
LARVEALLAKRFFEDVAKAAKGLDQPALRDYLALEVDAENLRTAFKLQGSGLAPDAFFLKGGRFVDRVRFARLMEGDYAV
LDELSGTPFSGLSGVRDLKALERGLRCVLLKEAKKGVQDPLGVGLVLAYVKEREWEAVRLRLLARRAYFGLPRAQVEEEV
VCP
;
M
4 'polypeptide(L)'
;MTGGLVLNAISRAGGAMGGLGLIKSLAEKEKQLLERLEAAKKEAEERVKRAEAEAKALLEEAEAKAKALEAQYRERERAE
TEALLARYRERAEAEAKAVREKAMARLDEAVALVLKEVLP
;
K
5 'polypeptide(L)'
;MSKLEAILSQEVEAEIQALLQEAEAKAEAVKREAEEKAKALLQARERALEAQYRAALRRAESAGELLVATARTQARGEVL
EEVRRRVREALEALPQKPEWPEVVRKLALEALEALPGAKALVANPEDLPHLEALARERGVELQAEPALRLGVRAVGAEGK
TQVENSLLARLDRAWDALSSKVAQALWG
;
L
#
# COMPACT_ATOMS: atom_id res chain seq x y z
N PRO A 4 -22.46 34.18 -0.27
CA PRO A 4 -21.59 34.99 0.55
C PRO A 4 -21.41 34.44 1.97
N MET A 5 -20.28 34.75 2.61
CA MET A 5 -20.23 34.72 4.08
C MET A 5 -21.00 35.90 4.65
N GLU A 6 -21.63 35.67 5.79
CA GLU A 6 -22.48 36.63 6.48
C GLU A 6 -21.67 37.82 6.99
N LYS A 7 -22.22 39.04 6.90
CA LYS A 7 -21.53 40.23 7.40
C LYS A 7 -21.56 40.28 8.93
N LEU A 8 -20.41 40.44 9.58
CA LEU A 8 -20.27 40.41 11.06
C LEU A 8 -19.82 41.78 11.59
N VAL A 9 -20.18 42.10 12.83
CA VAL A 9 -19.81 43.33 13.57
C VAL A 9 -19.44 43.01 15.02
N LEU A 10 -18.76 43.90 15.73
CA LEU A 10 -18.34 43.69 17.13
C LEU A 10 -19.38 44.22 18.13
N ALA A 11 -19.98 43.34 18.92
CA ALA A 11 -20.69 43.67 20.14
C ALA A 11 -19.73 43.71 21.34
N GLY A 12 -20.09 44.42 22.41
CA GLY A 12 -19.28 44.47 23.63
C GLY A 12 -19.94 45.25 24.78
N PRO A 13 -20.87 44.64 25.54
CA PRO A 13 -21.50 45.29 26.69
C PRO A 13 -20.51 45.57 27.82
N LYS A 14 -20.75 46.69 28.49
CA LYS A 14 -19.98 47.27 29.61
C LYS A 14 -20.96 47.79 30.66
N GLY A 15 -20.47 48.22 31.83
CA GLY A 15 -21.30 48.83 32.86
C GLY A 15 -20.53 49.24 34.11
N ARG A 16 -21.25 49.75 35.12
CA ARG A 16 -20.67 50.31 36.36
C ARG A 16 -20.86 49.45 37.63
N ALA A 17 -21.37 48.23 37.48
CA ALA A 17 -21.51 47.25 38.57
C ALA A 17 -21.08 45.83 38.14
N LYS A 18 -20.32 45.15 39.00
CA LYS A 18 -19.70 43.84 38.73
C LYS A 18 -20.68 42.66 38.81
N GLU A 19 -21.56 42.66 39.80
CA GLU A 19 -22.23 41.44 40.28
C GLU A 19 -23.19 40.78 39.28
N LEU A 20 -23.79 41.57 38.37
CA LEU A 20 -24.77 41.05 37.40
C LEU A 20 -24.16 40.22 36.27
N LEU A 21 -22.83 40.17 36.11
CA LEU A 21 -22.19 39.56 34.93
C LEU A 21 -22.58 38.09 34.69
N GLN A 22 -22.93 37.31 35.72
CA GLN A 22 -23.42 35.94 35.54
C GLN A 22 -24.85 35.90 34.96
N SER A 23 -25.71 36.86 35.30
CA SER A 23 -27.03 37.03 34.68
C SER A 23 -26.91 37.49 33.22
N LEU A 24 -25.93 38.35 32.92
CA LEU A 24 -25.62 38.75 31.53
C LEU A 24 -25.20 37.55 30.69
N GLN A 25 -24.28 36.71 31.19
CA GLN A 25 -23.91 35.46 30.52
C GLN A 25 -25.10 34.52 30.33
N GLN A 26 -26.03 34.44 31.29
CA GLN A 26 -27.20 33.57 31.19
C GLN A 26 -28.13 34.01 30.04
N ALA A 27 -28.55 35.28 29.99
CA ALA A 27 -29.36 35.76 28.87
C ALA A 27 -28.58 35.70 27.54
N GLY A 28 -27.28 36.00 27.58
CA GLY A 28 -26.35 35.90 26.46
C GLY A 28 -26.04 34.48 25.99
N VAL A 29 -26.61 33.42 26.59
CA VAL A 29 -26.60 32.05 26.06
C VAL A 29 -28.02 31.56 25.72
N VAL A 30 -29.06 32.17 26.27
CA VAL A 30 -30.48 31.94 25.89
C VAL A 30 -30.76 32.43 24.48
N HIS A 31 -30.26 33.62 24.11
CA HIS A 31 -29.97 33.98 22.71
C HIS A 31 -28.46 33.85 22.50
N LEU A 32 -28.04 33.29 21.37
CA LEU A 32 -26.76 32.61 21.22
C LEU A 32 -25.77 33.27 20.24
N GLU A 33 -26.12 34.42 19.68
CA GLU A 33 -25.55 34.93 18.43
C GLU A 33 -24.03 35.22 18.43
N THR A 34 -23.39 35.27 19.59
CA THR A 34 -22.05 35.87 19.74
C THR A 34 -20.95 34.81 19.79
N LEU A 35 -19.92 34.91 18.93
CA LEU A 35 -18.62 34.29 19.20
C LEU A 35 -17.80 35.26 20.04
N ARG A 36 -17.15 34.78 21.10
CA ARG A 36 -16.44 35.61 22.07
C ARG A 36 -14.92 35.37 22.04
N PRO A 37 -14.09 36.38 21.74
CA PRO A 37 -12.66 36.39 22.07
C PRO A 37 -12.45 36.82 23.53
N GLU A 38 -11.21 36.82 24.02
CA GLU A 38 -10.84 37.55 25.23
C GLU A 38 -10.95 39.06 25.02
N ALA A 39 -11.63 39.79 25.90
CA ALA A 39 -11.98 41.20 25.68
C ALA A 39 -10.78 42.18 25.72
N LEU A 40 -9.73 41.82 26.45
CA LEU A 40 -8.39 42.44 26.45
C LEU A 40 -7.33 41.34 26.62
N SER A 41 -7.51 40.53 27.65
CA SER A 41 -6.86 39.24 27.93
C SER A 41 -7.69 38.51 28.99
N ALA A 42 -7.51 37.21 29.19
CA ALA A 42 -8.21 36.47 30.23
C ALA A 42 -7.55 36.68 31.61
N TYR A 43 -8.22 37.35 32.55
CA TYR A 43 -7.74 37.53 33.93
C TYR A 43 -8.85 37.62 35.01
N GLN A 44 -10.03 37.03 34.76
CA GLN A 44 -11.11 36.89 35.76
C GLN A 44 -11.33 35.42 36.18
N LEU A 45 -11.24 35.15 37.49
CA LEU A 45 -11.73 33.94 38.18
C LEU A 45 -11.69 34.10 39.72
N SER A 46 -12.34 33.20 40.45
CA SER A 46 -12.31 33.05 41.91
C SER A 46 -12.03 31.58 42.30
N PRO A 47 -11.38 31.28 43.43
CA PRO A 47 -11.17 29.90 43.90
C PRO A 47 -12.48 29.16 44.20
N GLU A 48 -13.55 29.85 44.58
CA GLU A 48 -14.88 29.27 44.74
C GLU A 48 -15.51 28.93 43.38
N GLU A 49 -15.31 29.78 42.37
CA GLU A 49 -15.74 29.52 41.00
C GLU A 49 -14.95 28.37 40.36
N ARG A 50 -13.65 28.22 40.69
CA ARG A 50 -12.85 27.04 40.30
C ARG A 50 -13.42 25.76 40.92
N ALA A 51 -13.79 25.78 42.19
CA ALA A 51 -14.41 24.62 42.85
C ALA A 51 -15.75 24.23 42.19
N GLU A 52 -16.60 25.20 41.84
CA GLU A 52 -17.82 24.93 41.08
C GLU A 52 -17.53 24.36 39.68
N LEU A 53 -16.57 24.93 38.95
CA LEU A 53 -16.17 24.44 37.63
C LEU A 53 -15.62 23.00 37.71
N ARG A 54 -14.78 22.66 38.69
CA ARG A 54 -14.32 21.29 38.94
C ARG A 54 -15.49 20.33 39.14
N ARG A 55 -16.48 20.69 39.96
CA ARG A 55 -17.62 19.81 40.24
C ARG A 55 -18.50 19.63 39.01
N TRP A 56 -18.78 20.68 38.24
CA TRP A 56 -19.56 20.56 37.00
C TRP A 56 -18.82 19.80 35.89
N GLU A 57 -17.53 20.05 35.69
CA GLU A 57 -16.77 19.30 34.68
C GLU A 57 -16.54 17.83 35.10
N ALA A 58 -16.50 17.53 36.40
CA ALA A 58 -16.56 16.17 36.90
C ALA A 58 -17.90 15.47 36.61
N VAL A 59 -19.05 16.13 36.81
CA VAL A 59 -20.36 15.58 36.43
C VAL A 59 -20.43 15.33 34.91
N SER A 60 -19.93 16.25 34.09
CA SER A 60 -19.88 16.07 32.64
C SER A 60 -19.06 14.85 32.23
N ALA A 61 -17.80 14.78 32.67
CA ALA A 61 -16.89 13.69 32.35
C ALA A 61 -17.35 12.33 32.90
N GLY A 62 -17.89 12.29 34.12
CA GLY A 62 -18.42 11.07 34.72
C GLY A 62 -19.65 10.55 34.01
N ALA A 63 -20.54 11.45 33.55
CA ALA A 63 -21.71 11.09 32.78
C ALA A 63 -21.34 10.52 31.39
N GLU A 64 -20.49 11.18 30.61
CA GLU A 64 -20.09 10.63 29.30
C GLU A 64 -19.21 9.39 29.40
N HIS A 65 -18.38 9.28 30.45
CA HIS A 65 -17.66 8.04 30.75
C HIS A 65 -18.64 6.91 31.01
N THR A 66 -19.59 7.05 31.94
CA THR A 66 -20.51 5.93 32.22
C THR A 66 -21.47 5.66 31.06
N LEU A 67 -21.85 6.65 30.25
CA LEU A 67 -22.55 6.39 28.97
C LEU A 67 -21.73 5.47 28.07
N SER A 68 -20.43 5.70 27.92
CA SER A 68 -19.56 4.84 27.11
C SER A 68 -19.36 3.44 27.68
N LEU A 69 -19.33 3.25 29.02
CA LEU A 69 -19.31 1.91 29.63
C LEU A 69 -20.59 1.13 29.31
N LEU A 70 -21.73 1.83 29.31
CA LEU A 70 -23.05 1.34 28.88
C LEU A 70 -23.18 1.16 27.35
N GLY A 71 -22.14 1.48 26.57
CA GLY A 71 -22.14 1.38 25.10
C GLY A 71 -22.95 2.47 24.37
N LEU A 72 -23.37 3.52 25.07
CA LEU A 72 -24.16 4.63 24.54
C LEU A 72 -23.27 5.73 23.93
N GLU A 73 -23.89 6.82 23.46
CA GLU A 73 -23.21 8.05 23.03
C GLU A 73 -23.81 9.28 23.72
N ALA A 74 -22.99 10.30 23.96
CA ALA A 74 -23.38 11.52 24.64
C ALA A 74 -24.05 12.54 23.68
N GLU A 75 -25.28 12.23 23.24
CA GLU A 75 -26.19 13.17 22.60
C GLU A 75 -26.92 14.05 23.64
N PRO A 76 -27.41 15.25 23.29
CA PRO A 76 -28.18 16.10 24.21
C PRO A 76 -29.63 15.61 24.39
N ALA A 77 -30.27 16.03 25.49
CA ALA A 77 -31.63 15.69 25.89
C ALA A 77 -32.29 16.86 26.65
N ARG A 78 -33.43 16.66 27.32
CA ARG A 78 -33.97 17.67 28.24
C ARG A 78 -33.02 17.86 29.43
N PRO A 79 -32.59 19.08 29.81
CA PRO A 79 -31.65 19.27 30.91
C PRO A 79 -32.14 18.74 32.26
N PHE A 80 -31.22 18.25 33.09
CA PHE A 80 -31.52 17.80 34.46
C PHE A 80 -32.04 18.96 35.33
N PRO A 81 -33.12 18.79 36.14
CA PRO A 81 -33.95 19.92 36.56
C PRO A 81 -33.34 20.88 37.60
N GLU A 82 -32.60 20.38 38.59
CA GLU A 82 -32.17 21.19 39.74
C GLU A 82 -30.93 20.63 40.46
N GLY A 83 -30.08 21.53 40.99
CA GLY A 83 -29.08 21.25 42.03
C GLY A 83 -27.80 20.49 41.62
N LEU A 84 -26.63 21.07 41.89
CA LEU A 84 -25.34 20.37 41.79
C LEU A 84 -25.24 19.19 42.77
N GLU A 85 -25.73 19.33 43.99
CA GLU A 85 -25.72 18.25 44.98
C GLU A 85 -26.54 17.04 44.51
N ALA A 86 -27.71 17.30 43.92
CA ALA A 86 -28.55 16.26 43.31
C ALA A 86 -27.92 15.66 42.05
N ALA A 87 -27.20 16.45 41.24
CA ALA A 87 -26.44 15.94 40.10
C ALA A 87 -25.40 14.90 40.55
N GLU A 88 -24.57 15.22 41.54
CA GLU A 88 -23.57 14.27 42.05
C GLU A 88 -24.20 13.05 42.72
N LYS A 89 -25.28 13.24 43.50
CA LYS A 89 -26.03 12.14 44.12
C LYS A 89 -26.78 11.25 43.13
N ALA A 90 -27.23 11.78 41.99
CA ALA A 90 -27.82 10.97 40.92
C ALA A 90 -26.77 10.18 40.14
N LEU A 91 -25.61 10.78 39.83
CA LEU A 91 -24.57 10.15 39.02
C LEU A 91 -23.84 9.01 39.76
N SER A 92 -23.48 9.23 41.02
CA SER A 92 -22.53 8.37 41.75
C SER A 92 -22.95 6.89 41.83
N PRO A 93 -24.21 6.54 42.18
CA PRO A 93 -24.65 5.14 42.22
C PRO A 93 -24.71 4.46 40.84
N ILE A 94 -25.04 5.21 39.78
CA ILE A 94 -25.10 4.71 38.40
C ILE A 94 -23.69 4.40 37.88
N GLN A 95 -22.75 5.33 38.04
CA GLN A 95 -21.36 5.14 37.62
C GLN A 95 -20.72 3.97 38.37
N ALA A 96 -20.96 3.84 39.68
CA ALA A 96 -20.46 2.72 40.47
C ALA A 96 -20.98 1.36 39.99
N HIS A 97 -22.26 1.25 39.59
CA HIS A 97 -22.82 0.01 39.07
C HIS A 97 -22.24 -0.33 37.69
N ALA A 98 -22.10 0.66 36.80
CA ALA A 98 -21.53 0.49 35.47
C ALA A 98 -20.08 0.02 35.53
N GLU A 99 -19.25 0.67 36.33
CA GLU A 99 -17.85 0.30 36.57
C GLU A 99 -17.75 -1.10 37.19
N GLY A 100 -18.63 -1.48 38.12
CA GLY A 100 -18.67 -2.81 38.70
C GLY A 100 -18.97 -3.91 37.67
N LEU A 101 -19.98 -3.73 36.81
CA LEU A 101 -20.26 -4.69 35.74
C LEU A 101 -19.12 -4.77 34.70
N THR A 102 -18.49 -3.65 34.33
CA THR A 102 -17.30 -3.67 33.46
C THR A 102 -16.13 -4.35 34.15
N ARG A 103 -15.92 -4.16 35.45
CA ARG A 103 -14.86 -4.83 36.21
C ARG A 103 -15.08 -6.34 36.27
N GLN A 104 -16.32 -6.80 36.47
CA GLN A 104 -16.66 -8.22 36.35
C GLN A 104 -16.33 -8.75 34.95
N LYS A 105 -16.78 -8.06 33.90
CA LYS A 105 -16.56 -8.47 32.51
C LYS A 105 -15.07 -8.63 32.18
N GLN A 106 -14.23 -7.67 32.57
CA GLN A 106 -12.79 -7.73 32.34
C GLN A 106 -12.15 -8.94 33.02
N GLU A 107 -12.56 -9.31 34.23
CA GLU A 107 -11.96 -10.45 34.93
C GLU A 107 -12.46 -11.82 34.43
N LEU A 108 -13.71 -11.91 33.98
CA LEU A 108 -14.20 -13.09 33.28
C LEU A 108 -13.43 -13.32 31.97
N GLU A 109 -13.16 -12.24 31.20
CA GLU A 109 -12.31 -12.31 30.01
C GLU A 109 -10.90 -12.82 30.34
N GLU A 110 -10.25 -12.27 31.37
CA GLU A 110 -8.90 -12.64 31.77
C GLU A 110 -8.80 -14.10 32.27
N GLU A 111 -9.78 -14.59 33.04
CA GLU A 111 -9.84 -15.99 33.47
C GLU A 111 -10.00 -16.95 32.28
N LEU A 112 -10.94 -16.67 31.36
CA LEU A 112 -11.17 -17.50 30.19
C LEU A 112 -9.94 -17.56 29.28
N ALA A 113 -9.28 -16.42 29.04
CA ALA A 113 -8.08 -16.33 28.22
C ALA A 113 -6.93 -17.21 28.76
N LEU A 114 -6.67 -17.17 30.08
CA LEU A 114 -5.60 -17.96 30.67
C LEU A 114 -5.94 -19.46 30.69
N ALA A 115 -7.20 -19.81 30.98
CA ALA A 115 -7.64 -21.20 30.99
C ALA A 115 -7.50 -21.85 29.60
N GLN A 116 -8.01 -21.21 28.54
CA GLN A 116 -7.95 -21.80 27.20
C GLN A 116 -6.52 -21.93 26.63
N ALA A 117 -5.54 -21.18 27.13
CA ALA A 117 -4.12 -21.36 26.80
C ALA A 117 -3.52 -22.60 27.47
N TYR A 118 -3.68 -22.74 28.79
CA TYR A 118 -3.17 -23.89 29.55
C TYR A 118 -3.92 -25.21 29.26
N LEU A 119 -5.16 -25.15 28.78
CA LEU A 119 -6.01 -26.33 28.60
C LEU A 119 -5.40 -27.41 27.70
N GLU A 120 -4.81 -27.03 26.55
CA GLU A 120 -4.17 -28.01 25.66
C GLU A 120 -3.01 -28.77 26.33
N PRO A 121 -1.92 -28.14 26.81
CA PRO A 121 -0.86 -28.88 27.48
C PRO A 121 -1.38 -29.66 28.70
N LEU A 122 -2.33 -29.15 29.49
CA LEU A 122 -2.90 -29.96 30.58
C LEU A 122 -3.63 -31.21 30.08
N GLU A 123 -4.41 -31.13 29.00
CA GLU A 123 -5.03 -32.32 28.40
C GLU A 123 -4.00 -33.28 27.80
N ARG A 124 -2.95 -32.77 27.14
CA ARG A 124 -1.83 -33.57 26.62
C ARG A 124 -1.15 -34.34 27.76
N LEU A 125 -0.75 -33.66 28.83
CA LEU A 125 -0.11 -34.33 29.97
C LEU A 125 -1.08 -35.26 30.72
N ALA A 126 -2.37 -34.94 30.82
CA ALA A 126 -3.37 -35.83 31.42
C ALA A 126 -3.63 -37.09 30.58
N ALA A 127 -3.41 -37.05 29.26
CA ALA A 127 -3.47 -38.20 28.36
C ALA A 127 -2.13 -38.98 28.27
N LEU A 128 -1.00 -38.31 28.50
CA LEU A 128 0.33 -38.89 28.59
C LEU A 128 0.53 -39.67 29.89
N ALA A 129 -0.10 -39.18 30.98
CA ALA A 129 -0.32 -39.93 32.22
C ALA A 129 -1.42 -40.98 32.07
N HIS A 130 -1.38 -42.02 32.90
CA HIS A 130 -2.40 -43.09 32.99
C HIS A 130 -3.01 -43.21 34.39
N GLY A 131 -3.13 -42.10 35.11
CA GLY A 131 -3.49 -42.09 36.54
C GLY A 131 -2.31 -42.33 37.50
N LEU A 132 -1.07 -42.24 37.02
CA LEU A 132 0.13 -42.43 37.83
C LEU A 132 0.31 -41.31 38.88
N ASP A 133 -0.26 -40.12 38.66
CA ASP A 133 -0.30 -39.03 39.64
C ASP A 133 -0.94 -39.47 40.96
N LYS A 134 -2.05 -40.20 40.88
CA LYS A 134 -2.80 -40.74 42.03
C LYS A 134 -2.13 -41.95 42.72
N SER A 135 -0.94 -42.39 42.28
CA SER A 135 -0.26 -43.56 42.88
C SER A 135 0.15 -43.30 44.34
N PRO A 136 -0.07 -44.24 45.28
CA PRO A 136 0.42 -44.09 46.66
C PRO A 136 1.94 -44.23 46.82
N PHE A 137 2.62 -44.86 45.86
CA PHE A 137 3.99 -45.37 46.01
C PHE A 137 5.07 -44.59 45.23
N LEU A 138 4.71 -43.88 44.17
CA LEU A 138 5.59 -43.14 43.27
C LEU A 138 5.07 -41.74 42.90
N ARG A 139 5.78 -40.91 42.13
CA ARG A 139 5.37 -39.50 41.91
C ARG A 139 5.77 -39.00 40.52
N VAL A 140 5.09 -37.95 40.05
CA VAL A 140 5.13 -37.47 38.67
C VAL A 140 5.45 -35.97 38.61
N ILE A 141 6.35 -35.56 37.72
CA ILE A 141 6.72 -34.15 37.48
C ILE A 141 6.35 -33.74 36.04
N PRO A 142 5.40 -32.81 35.84
CA PRO A 142 5.03 -32.27 34.53
C PRO A 142 5.95 -31.11 34.10
N PHE A 143 6.33 -31.04 32.83
CA PHE A 143 7.05 -29.89 32.24
C PHE A 143 6.92 -29.83 30.71
N LEU A 144 7.28 -28.69 30.12
CA LEU A 144 7.29 -28.42 28.68
C LEU A 144 8.72 -28.19 28.18
N LEU A 145 9.04 -28.71 27.00
CA LEU A 145 10.40 -28.68 26.42
C LEU A 145 10.39 -28.65 24.88
N THR A 146 11.54 -28.85 24.25
CA THR A 146 11.74 -28.97 22.79
C THR A 146 12.73 -30.11 22.50
N GLU A 147 12.58 -30.77 21.35
CA GLU A 147 13.42 -31.93 20.99
C GLU A 147 14.91 -31.58 20.80
N LYS A 148 15.23 -30.30 20.61
CA LYS A 148 16.59 -29.77 20.56
C LYS A 148 17.37 -30.02 21.85
N GLU A 149 16.70 -30.14 23.00
CA GLU A 149 17.33 -30.18 24.33
C GLU A 149 16.87 -31.31 25.26
N LEU A 150 15.94 -32.16 24.83
CA LEU A 150 15.52 -33.34 25.61
C LEU A 150 16.69 -34.27 26.07
N PRO A 151 17.76 -34.49 25.28
CA PRO A 151 18.94 -35.22 25.75
C PRO A 151 19.67 -34.60 26.96
N LEU A 152 19.59 -33.28 27.17
CA LEU A 152 20.18 -32.64 28.36
C LEU A 152 19.41 -33.02 29.62
N VAL A 153 18.08 -33.16 29.52
CA VAL A 153 17.23 -33.63 30.62
C VAL A 153 17.47 -35.11 30.91
N GLU A 154 17.55 -35.96 29.89
CA GLU A 154 17.90 -37.38 30.07
C GLU A 154 19.27 -37.55 30.73
N GLU A 155 20.28 -36.78 30.31
CA GLU A 155 21.59 -36.78 30.96
C GLU A 155 21.54 -36.30 32.42
N ALA A 156 20.81 -35.22 32.70
CA ALA A 156 20.69 -34.70 34.06
C ALA A 156 20.07 -35.75 35.00
N LEU A 157 19.02 -36.44 34.56
CA LEU A 157 18.40 -37.54 35.30
C LEU A 157 19.36 -38.73 35.46
N ARG A 158 20.06 -39.15 34.39
CA ARG A 158 21.05 -40.24 34.43
C ARG A 158 22.16 -39.98 35.44
N LYS A 159 22.68 -38.75 35.52
CA LYS A 159 23.70 -38.37 36.51
C LYS A 159 23.16 -38.28 37.94
N ALA A 160 21.94 -37.76 38.12
CA ALA A 160 21.38 -37.50 39.45
C ALA A 160 20.71 -38.72 40.12
N LEU A 161 20.09 -39.62 39.33
CA LEU A 161 19.33 -40.78 39.79
C LEU A 161 19.79 -42.06 39.05
N GLU A 162 19.73 -43.22 39.70
CA GLU A 162 20.28 -44.49 39.22
C GLU A 162 19.41 -45.21 38.16
N ASP A 163 18.91 -44.49 37.15
CA ASP A 163 18.09 -45.01 36.04
C ASP A 163 16.77 -45.72 36.43
N ARG A 164 16.32 -45.49 37.66
CA ARG A 164 15.02 -45.90 38.23
C ARG A 164 13.91 -44.86 38.04
N TYR A 165 14.21 -43.76 37.34
CA TYR A 165 13.23 -42.80 36.80
C TYR A 165 12.60 -43.33 35.51
N LEU A 166 11.53 -42.66 35.07
CA LEU A 166 10.99 -42.75 33.70
C LEU A 166 10.74 -41.34 33.17
N LEU A 167 10.66 -41.18 31.85
CA LEU A 167 10.40 -39.91 31.18
C LEU A 167 9.61 -40.16 29.88
N ALA A 168 8.28 -40.08 29.98
CA ALA A 168 7.38 -40.14 28.83
C ALA A 168 7.21 -38.75 28.18
N HIS A 169 7.02 -38.70 26.86
CA HIS A 169 6.82 -37.42 26.16
C HIS A 169 5.96 -37.52 24.90
N GLU A 170 5.37 -36.40 24.48
CA GLU A 170 4.65 -36.25 23.22
C GLU A 170 4.89 -34.87 22.59
N ALA A 171 5.16 -34.82 21.28
CA ALA A 171 5.29 -33.56 20.55
C ALA A 171 3.92 -32.95 20.16
N TYR A 172 3.85 -31.62 20.14
CA TYR A 172 2.74 -30.82 19.64
C TYR A 172 3.30 -29.53 18.99
N ALA A 173 2.46 -28.68 18.38
CA ALA A 173 2.94 -27.53 17.60
C ALA A 173 3.96 -26.68 18.39
N GLY A 174 5.20 -26.59 17.88
CA GLY A 174 6.29 -25.80 18.47
C GLY A 174 6.93 -26.36 19.76
N GLY A 175 6.57 -27.56 20.25
CA GLY A 175 7.11 -28.06 21.52
C GLY A 175 6.78 -29.50 21.89
N VAL A 176 7.15 -29.87 23.11
CA VAL A 176 7.01 -31.21 23.67
C VAL A 176 6.38 -31.15 25.06
N ALA A 177 5.38 -31.97 25.29
CA ALA A 177 4.80 -32.28 26.60
C ALA A 177 5.63 -33.41 27.23
N ALA A 178 6.18 -33.18 28.43
CA ALA A 178 7.10 -34.11 29.07
C ALA A 178 6.69 -34.44 30.53
N LEU A 179 6.95 -35.68 30.93
CA LEU A 179 6.40 -36.27 32.15
C LEU A 179 7.42 -37.20 32.82
N VAL A 180 8.22 -36.67 33.75
CA VAL A 180 9.12 -37.47 34.60
C VAL A 180 8.32 -38.24 35.63
N VAL A 181 8.73 -39.48 35.91
CA VAL A 181 8.17 -40.31 36.99
C VAL A 181 9.31 -40.86 37.85
N VAL A 182 9.20 -40.76 39.18
CA VAL A 182 10.23 -41.22 40.15
C VAL A 182 9.60 -41.76 41.43
N HIS A 183 10.36 -42.54 42.21
CA HIS A 183 9.99 -42.92 43.57
C HIS A 183 9.89 -41.69 44.50
N ARG A 184 8.98 -41.73 45.48
CA ARG A 184 8.61 -40.61 46.36
C ARG A 184 9.78 -39.93 47.08
N LYS A 185 10.82 -40.67 47.47
CA LYS A 185 12.01 -40.06 48.11
C LYS A 185 12.78 -39.14 47.16
N GLU A 186 12.73 -39.41 45.86
CA GLU A 186 13.67 -38.85 44.88
C GLU A 186 13.13 -37.61 44.12
N VAL A 187 11.90 -37.16 44.37
CA VAL A 187 11.32 -35.99 43.67
C VAL A 187 12.17 -34.73 43.85
N ASP A 188 12.78 -34.55 45.01
CA ASP A 188 13.69 -33.43 45.27
C ASP A 188 14.97 -33.52 44.41
N GLN A 189 15.46 -34.74 44.18
CA GLN A 189 16.61 -35.01 43.32
C GLN A 189 16.25 -34.78 41.85
N ALA A 190 15.06 -35.22 41.41
CA ALA A 190 14.55 -34.93 40.08
C ALA A 190 14.40 -33.42 39.83
N LYS A 191 13.84 -32.67 40.79
CA LYS A 191 13.74 -31.21 40.72
C LYS A 191 15.11 -30.52 40.63
N ALA A 192 16.11 -30.99 41.38
CA ALA A 192 17.49 -30.50 41.23
C ALA A 192 18.10 -30.86 39.85
N ALA A 193 17.89 -32.08 39.36
CA ALA A 193 18.36 -32.51 38.04
C ALA A 193 17.76 -31.64 36.92
N LEU A 194 16.44 -31.46 36.92
CA LEU A 194 15.75 -30.59 35.98
C LEU A 194 16.29 -29.15 36.07
N SER A 195 16.47 -28.62 37.28
CA SER A 195 17.04 -27.28 37.49
C SER A 195 18.43 -27.13 36.83
N ARG A 196 19.30 -28.14 36.95
CA ARG A 196 20.62 -28.17 36.28
C ARG A 196 20.54 -28.30 34.76
N ALA A 197 19.44 -28.83 34.22
CA ALA A 197 19.11 -28.80 32.79
C ALA A 197 18.39 -27.50 32.35
N GLY A 198 18.18 -26.53 33.24
CA GLY A 198 17.43 -25.30 32.94
C GLY A 198 15.92 -25.48 32.88
N VAL A 199 15.38 -26.51 33.55
CA VAL A 199 13.97 -26.93 33.53
C VAL A 199 13.38 -26.90 34.94
N ALA A 200 12.06 -26.69 35.04
CA ALA A 200 11.30 -26.75 36.29
C ALA A 200 9.91 -27.36 36.05
N GLU A 201 9.19 -27.70 37.11
CA GLU A 201 7.78 -28.13 37.03
C GLU A 201 6.89 -27.04 36.40
N LEU A 202 5.96 -27.43 35.52
CA LEU A 202 4.95 -26.54 34.98
C LEU A 202 3.95 -26.11 36.07
N ARG A 203 3.98 -24.83 36.47
CA ARG A 203 3.01 -24.24 37.42
C ARG A 203 1.65 -24.03 36.74
N LEU A 204 0.66 -24.86 37.09
CA LEU A 204 -0.73 -24.68 36.67
C LEU A 204 -1.30 -23.40 37.29
N PRO A 205 -2.22 -22.67 36.64
CA PRO A 205 -2.36 -21.23 36.87
C PRO A 205 -2.84 -20.84 38.28
N GLY A 206 -4.01 -21.32 38.69
CA GLY A 206 -4.59 -21.00 40.01
C GLY A 206 -4.02 -21.85 41.16
N ALA A 207 -4.75 -21.90 42.27
CA ALA A 207 -4.55 -22.85 43.37
C ALA A 207 -4.59 -24.33 42.92
N LEU A 208 -5.07 -24.60 41.70
CA LEU A 208 -5.02 -25.90 41.01
C LEU A 208 -3.62 -26.50 40.91
N GLY A 209 -2.55 -25.72 41.09
CA GLY A 209 -1.18 -26.23 41.24
C GLY A 209 -0.99 -27.23 42.38
N GLU A 210 -1.83 -27.20 43.42
CA GLU A 210 -1.78 -28.18 44.53
C GLU A 210 -2.51 -29.50 44.23
N LEU A 211 -3.38 -29.54 43.21
CA LEU A 211 -4.20 -30.70 42.88
C LEU A 211 -3.43 -31.72 42.00
N PRO A 212 -3.82 -33.01 42.00
CA PRO A 212 -3.32 -33.99 41.04
C PRO A 212 -3.56 -33.53 39.60
N LEU A 213 -2.64 -33.82 38.68
CA LEU A 213 -2.70 -33.28 37.32
C LEU A 213 -3.99 -33.65 36.57
N SER A 214 -4.44 -34.91 36.71
CA SER A 214 -5.70 -35.38 36.12
C SER A 214 -6.96 -34.76 36.77
N GLU A 215 -6.85 -34.26 38.02
CA GLU A 215 -7.90 -33.52 38.72
C GLU A 215 -7.88 -32.01 38.38
N ALA A 216 -6.71 -31.45 38.07
CA ALA A 216 -6.55 -30.05 37.65
C ALA A 216 -7.10 -29.80 36.24
N ALA A 217 -6.78 -30.66 35.28
CA ALA A 217 -7.21 -30.51 33.87
C ALA A 217 -8.73 -30.39 33.71
N ARG A 218 -9.51 -31.13 34.52
CA ARG A 218 -10.98 -31.09 34.53
C ARG A 218 -11.52 -29.69 34.82
N ARG A 219 -10.89 -28.95 35.73
CA ARG A 219 -11.32 -27.59 36.11
C ARG A 219 -11.10 -26.57 35.00
N LEU A 220 -9.98 -26.60 34.31
CA LEU A 220 -9.79 -25.71 33.16
C LEU A 220 -10.83 -25.98 32.08
N LYS A 221 -11.13 -27.26 31.81
CA LYS A 221 -12.13 -27.65 30.82
C LYS A 221 -13.53 -27.12 31.18
N GLU A 222 -14.01 -27.38 32.39
CA GLU A 222 -15.33 -26.91 32.79
C GLU A 222 -15.41 -25.37 32.90
N ARG A 223 -14.37 -24.68 33.38
CA ARG A 223 -14.36 -23.21 33.42
C ARG A 223 -14.34 -22.60 32.02
N ALA A 224 -13.56 -23.16 31.08
CA ALA A 224 -13.57 -22.73 29.69
C ALA A 224 -14.93 -22.96 28.99
N GLU A 225 -15.67 -24.00 29.38
CA GLU A 225 -17.04 -24.25 28.90
C GLU A 225 -18.10 -23.36 29.58
N ALA A 226 -17.94 -23.06 30.88
CA ALA A 226 -18.90 -22.29 31.68
C ALA A 226 -18.76 -20.76 31.54
N ALA A 227 -17.54 -20.22 31.49
CA ALA A 227 -17.31 -18.78 31.48
C ALA A 227 -18.02 -18.02 30.35
N PRO A 228 -18.10 -18.51 29.09
CA PRO A 228 -18.85 -17.84 28.03
C PRO A 228 -20.34 -17.58 28.36
N ARG A 229 -20.98 -18.47 29.14
CA ARG A 229 -22.35 -18.24 29.65
C ARG A 229 -22.41 -17.12 30.68
N GLU A 230 -21.41 -17.03 31.56
CA GLU A 230 -21.31 -15.93 32.52
C GLU A 230 -21.01 -14.58 31.83
N LEU A 231 -20.22 -14.56 30.75
CA LEU A 231 -20.07 -13.37 29.91
C LEU A 231 -21.44 -12.94 29.35
N SER A 232 -22.24 -13.87 28.86
CA SER A 232 -23.59 -13.56 28.37
C SER A 232 -24.48 -12.99 29.47
N GLU A 233 -24.40 -13.49 30.70
CA GLU A 233 -25.15 -12.92 31.83
C GLU A 233 -24.72 -11.48 32.16
N VAL A 234 -23.42 -11.18 32.33
CA VAL A 234 -22.99 -9.80 32.65
C VAL A 234 -23.31 -8.83 31.50
N ARG A 235 -23.24 -9.27 30.24
CA ARG A 235 -23.64 -8.44 29.08
C ARG A 235 -25.14 -8.12 29.10
N GLN A 236 -25.99 -9.09 29.45
CA GLN A 236 -27.42 -8.83 29.66
C GLN A 236 -27.68 -7.85 30.81
N HIS A 237 -27.00 -7.99 31.94
CA HIS A 237 -27.13 -7.06 33.09
C HIS A 237 -26.69 -5.63 32.75
N LEU A 238 -25.60 -5.48 32.01
CA LEU A 238 -25.07 -4.18 31.57
C LEU A 238 -25.99 -3.52 30.54
N ALA A 239 -26.59 -4.28 29.63
CA ALA A 239 -27.65 -3.79 28.74
C ALA A 239 -28.90 -3.34 29.51
N LYS A 240 -29.32 -4.09 30.55
CA LYS A 240 -30.45 -3.71 31.40
C LYS A 240 -30.16 -2.44 32.20
N LEU A 241 -28.96 -2.28 32.76
CA LEU A 241 -28.53 -1.04 33.43
C LEU A 241 -28.62 0.16 32.49
N ALA A 242 -28.25 0.01 31.21
CA ALA A 242 -28.40 1.09 30.24
C ALA A 242 -29.87 1.52 30.11
N ARG A 243 -30.80 0.58 29.93
CA ARG A 243 -32.25 0.86 29.86
C ARG A 243 -32.79 1.53 31.13
N GLU A 244 -32.28 1.15 32.31
CA GLU A 244 -32.64 1.76 33.60
C GLU A 244 -32.04 3.15 33.87
N SER A 245 -31.07 3.65 33.08
CA SER A 245 -30.30 4.86 33.46
C SER A 245 -29.88 5.79 32.32
N ALA A 246 -30.02 5.39 31.05
CA ALA A 246 -29.65 6.20 29.89
C ALA A 246 -30.27 7.59 29.90
N SER A 247 -31.60 7.69 30.04
CA SER A 247 -32.33 8.98 30.00
C SER A 247 -31.88 9.94 31.11
N THR A 248 -31.60 9.42 32.31
CA THR A 248 -31.06 10.20 33.43
C THR A 248 -29.68 10.75 33.10
N LEU A 249 -28.76 9.89 32.64
CA LEU A 249 -27.41 10.27 32.24
C LEU A 249 -27.39 11.29 31.08
N GLN A 250 -28.24 11.10 30.08
CA GLN A 250 -28.37 12.01 28.94
C GLN A 250 -28.78 13.42 29.39
N SER A 251 -29.74 13.51 30.31
CA SER A 251 -30.24 14.76 30.89
C SER A 251 -29.17 15.46 31.72
N LEU A 252 -28.41 14.67 32.48
CA LEU A 252 -27.38 15.13 33.40
C LEU A 252 -26.12 15.62 32.68
N TRP A 253 -25.68 14.90 31.65
CA TRP A 253 -24.62 15.35 30.73
C TRP A 253 -25.01 16.64 29.99
N THR A 254 -26.27 16.78 29.59
CA THR A 254 -26.77 18.01 28.94
C THR A 254 -26.66 19.22 29.87
N ARG A 255 -27.14 19.09 31.11
CA ARG A 255 -27.02 20.12 32.15
C ARG A 255 -25.56 20.52 32.35
N ALA A 256 -24.69 19.55 32.58
CA ALA A 256 -23.29 19.81 32.91
C ALA A 256 -22.55 20.55 31.80
N GLN A 257 -22.85 20.25 30.53
CA GLN A 257 -22.29 20.93 29.36
C GLN A 257 -22.58 22.44 29.38
N ASP A 258 -23.82 22.84 29.67
CA ASP A 258 -24.19 24.26 29.75
C ASP A 258 -23.55 24.97 30.95
N GLU A 259 -23.48 24.31 32.11
CA GLU A 259 -22.86 24.88 33.30
C GLU A 259 -21.35 25.14 33.10
N VAL A 260 -20.60 24.18 32.55
CA VAL A 260 -19.19 24.41 32.23
C VAL A 260 -19.03 25.43 31.10
N ALA A 261 -19.92 25.49 30.11
CA ALA A 261 -19.84 26.51 29.06
C ALA A 261 -19.89 27.92 29.64
N ARG A 262 -20.84 28.21 30.56
CA ARG A 262 -20.88 29.50 31.27
C ARG A 262 -19.63 29.76 32.10
N LEU A 263 -19.17 28.78 32.87
CA LEU A 263 -18.01 28.93 33.77
C LEU A 263 -16.66 29.01 33.06
N LYS A 264 -16.49 28.39 31.89
CA LYS A 264 -15.30 28.55 31.03
C LYS A 264 -15.33 29.92 30.33
N ALA A 265 -16.48 30.29 29.77
CA ALA A 265 -16.63 31.56 29.07
C ALA A 265 -16.42 32.77 29.99
N LEU A 266 -16.74 32.63 31.29
CA LEU A 266 -16.49 33.62 32.33
C LEU A 266 -15.03 34.10 32.39
N GLU A 267 -14.06 33.27 32.01
CA GLU A 267 -12.65 33.67 31.99
C GLU A 267 -12.31 34.70 30.91
N GLU A 268 -13.12 34.84 29.88
CA GLU A 268 -12.82 35.65 28.69
C GLU A 268 -13.23 37.14 28.83
N LEU A 269 -13.94 37.49 29.91
CA LEU A 269 -14.24 38.87 30.30
C LEU A 269 -12.96 39.63 30.71
N ALA A 270 -12.90 40.93 30.41
CA ALA A 270 -11.99 41.85 31.09
C ALA A 270 -12.62 42.35 32.41
N SER A 271 -11.79 42.78 33.36
CA SER A 271 -12.25 43.13 34.72
C SER A 271 -11.44 44.26 35.34
N GLY A 272 -12.06 45.04 36.23
CA GLY A 272 -11.39 46.13 36.95
C GLY A 272 -12.22 46.75 38.08
N ARG A 273 -11.96 48.03 38.36
CA ARG A 273 -12.55 48.82 39.47
C ARG A 273 -14.09 48.94 39.43
N PHE A 274 -14.69 48.89 38.23
CA PHE A 274 -16.15 48.87 38.04
C PHE A 274 -16.60 47.82 37.01
N GLY A 275 -15.88 47.72 35.90
CA GLY A 275 -16.33 47.03 34.69
C GLY A 275 -16.10 45.52 34.64
N PHE A 276 -16.83 44.89 33.72
CA PHE A 276 -16.89 43.46 33.43
C PHE A 276 -16.74 43.20 31.91
N ALA A 277 -16.10 44.13 31.19
CA ALA A 277 -16.25 44.32 29.75
C ALA A 277 -16.13 43.02 28.93
N LEU A 278 -17.20 42.72 28.18
CA LEU A 278 -17.29 41.61 27.24
C LEU A 278 -16.99 42.09 25.81
N LEU A 279 -16.63 41.18 24.91
CA LEU A 279 -16.42 41.45 23.48
C LEU A 279 -16.90 40.24 22.67
N GLY A 280 -17.39 40.43 21.45
CA GLY A 280 -17.72 39.32 20.57
C GLY A 280 -18.23 39.71 19.20
N TYR A 281 -17.87 38.94 18.19
CA TYR A 281 -18.35 39.12 16.82
C TYR A 281 -19.77 38.54 16.69
N VAL A 282 -20.66 39.29 16.05
CA VAL A 282 -22.09 38.98 15.88
C VAL A 282 -22.49 39.21 14.42
N PRO A 283 -23.26 38.31 13.77
CA PRO A 283 -23.81 38.55 12.43
C PRO A 283 -24.79 39.73 12.39
N VAL A 284 -24.80 40.58 11.37
CA VAL A 284 -25.72 41.73 11.32
C VAL A 284 -27.19 41.34 11.33
N LYS A 285 -27.55 40.20 10.71
CA LYS A 285 -28.91 39.63 10.73
C LYS A 285 -29.30 39.05 12.10
N ALA A 286 -28.34 38.82 12.99
CA ALA A 286 -28.55 38.30 14.33
C ALA A 286 -28.72 39.39 15.42
N LYS A 287 -28.35 40.64 15.14
CA LYS A 287 -28.45 41.78 16.07
C LYS A 287 -29.82 41.89 16.78
N PRO A 288 -30.98 41.66 16.15
CA PRO A 288 -32.27 41.78 16.84
C PRO A 288 -32.42 40.86 18.07
N LYS A 289 -31.76 39.71 18.09
CA LYS A 289 -31.77 38.82 19.26
C LYS A 289 -30.85 39.32 20.38
N VAL A 290 -29.66 39.82 20.04
CA VAL A 290 -28.75 40.45 21.02
C VAL A 290 -29.41 41.66 21.68
N GLU A 291 -30.12 42.48 20.90
CA GLU A 291 -30.93 43.58 21.42
C GLU A 291 -31.96 43.08 22.46
N GLU A 292 -32.73 42.03 22.18
CA GLU A 292 -33.68 41.45 23.16
C GLU A 292 -32.99 40.87 24.40
N ALA A 293 -31.84 40.22 24.25
CA ALA A 293 -31.07 39.68 25.39
C ALA A 293 -30.52 40.77 26.32
N LEU A 294 -30.17 41.95 25.79
CA LEU A 294 -29.61 43.04 26.57
C LEU A 294 -30.65 44.07 27.04
N ALA A 295 -31.80 44.20 26.36
CA ALA A 295 -32.85 45.16 26.76
C ALA A 295 -33.37 44.96 28.19
N ARG A 296 -33.49 43.70 28.65
CA ARG A 296 -33.86 43.37 30.04
C ARG A 296 -32.83 43.81 31.09
N HIS A 297 -31.58 44.03 30.69
CA HIS A 297 -30.45 44.35 31.57
C HIS A 297 -29.99 45.83 31.48
N LYS A 298 -30.74 46.69 30.78
CA LYS A 298 -30.50 48.15 30.66
C LYS A 298 -30.48 48.90 32.00
N GLU A 299 -30.92 48.26 33.09
CA GLU A 299 -30.73 48.74 34.46
C GLU A 299 -29.25 48.85 34.88
N SER A 300 -28.32 48.20 34.16
CA SER A 300 -26.89 48.22 34.46
C SER A 300 -25.99 48.26 33.21
N VAL A 301 -26.31 47.53 32.15
CA VAL A 301 -25.46 47.50 30.95
C VAL A 301 -25.57 48.76 30.08
N VAL A 302 -24.48 49.06 29.39
CA VAL A 302 -24.42 49.93 28.20
C VAL A 302 -23.74 49.14 27.08
N TYR A 303 -24.26 49.22 25.86
CA TYR A 303 -23.73 48.48 24.70
C TYR A 303 -23.99 49.21 23.38
N ALA A 304 -23.13 48.92 22.39
CA ALA A 304 -23.27 49.33 21.00
C ALA A 304 -22.55 48.33 20.09
N PHE A 305 -22.92 48.28 18.81
CA PHE A 305 -22.25 47.44 17.81
C PHE A 305 -21.29 48.30 16.98
N GLU A 306 -20.01 47.96 17.00
CA GLU A 306 -18.96 48.62 16.22
C GLU A 306 -18.78 47.95 14.85
N PRO A 307 -18.64 48.70 13.76
CA PRO A 307 -18.31 48.14 12.45
C PRO A 307 -16.93 47.47 12.48
N VAL A 308 -16.74 46.45 11.64
CA VAL A 308 -15.50 45.67 11.59
C VAL A 308 -14.74 45.93 10.28
N ASP A 309 -13.42 46.13 10.39
CA ASP A 309 -12.52 46.24 9.23
C ASP A 309 -12.31 44.86 8.57
N GLU A 310 -12.38 44.79 7.24
CA GLU A 310 -12.07 43.57 6.48
C GLU A 310 -10.55 43.39 6.26
N HIS A 311 -9.73 44.43 6.40
CA HIS A 311 -8.29 44.39 6.11
C HIS A 311 -7.47 43.82 7.25
N HIS A 312 -7.53 44.47 8.41
CA HIS A 312 -6.90 44.01 9.65
C HIS A 312 -7.87 43.10 10.41
N GLU A 313 -7.36 42.20 11.24
CA GLU A 313 -8.15 41.15 11.91
C GLU A 313 -8.83 40.12 10.98
N ALA A 314 -8.55 40.09 9.67
CA ALA A 314 -9.27 39.19 8.75
C ALA A 314 -9.09 37.69 9.10
N ASP A 315 -7.95 37.32 9.66
CA ASP A 315 -7.68 35.98 10.21
C ASP A 315 -8.44 35.70 11.53
N ARG A 316 -8.94 36.76 12.19
CA ARG A 316 -9.59 36.77 13.50
C ARG A 316 -11.11 36.79 13.42
N ILE A 317 -11.73 37.51 12.48
CA ILE A 317 -13.21 37.56 12.33
C ILE A 317 -13.72 36.16 11.96
N PRO A 318 -14.77 35.64 12.62
CA PRO A 318 -15.38 34.36 12.27
C PRO A 318 -16.05 34.32 10.90
N VAL A 319 -16.09 33.15 10.28
CA VAL A 319 -16.82 32.91 9.02
C VAL A 319 -17.99 31.96 9.24
N VAL A 320 -19.18 32.40 8.81
CA VAL A 320 -20.41 31.61 8.64
C VAL A 320 -21.03 31.98 7.30
N LEU A 321 -21.63 31.03 6.58
CA LEU A 321 -22.18 31.27 5.24
C LEU A 321 -23.64 31.72 5.28
N ASP A 322 -24.08 32.51 4.30
CA ASP A 322 -25.46 32.99 4.14
C ASP A 322 -25.94 32.97 2.68
N ASN A 323 -26.10 31.79 2.10
CA ASN A 323 -26.68 31.62 0.76
C ASN A 323 -28.22 31.65 0.77
N PRO A 324 -28.89 32.00 -0.34
CA PRO A 324 -30.35 31.96 -0.46
C PRO A 324 -30.91 30.52 -0.57
N PRO A 325 -32.22 30.29 -0.36
CA PRO A 325 -32.77 28.94 -0.14
C PRO A 325 -32.58 27.93 -1.28
N TRP A 326 -32.46 28.38 -2.53
CA TRP A 326 -32.14 27.51 -3.68
C TRP A 326 -30.68 27.03 -3.68
N ALA A 327 -29.76 27.79 -3.08
CA ALA A 327 -28.34 27.48 -2.99
C ALA A 327 -27.93 26.83 -1.67
N LYS A 328 -28.64 27.03 -0.56
CA LYS A 328 -28.26 26.46 0.76
C LYS A 328 -27.97 24.94 0.75
N PRO A 329 -28.76 24.06 0.10
CA PRO A 329 -28.50 22.63 0.20
C PRO A 329 -27.16 22.21 -0.39
N PHE A 330 -26.69 22.93 -1.40
CA PHE A 330 -25.39 22.72 -2.04
C PHE A 330 -24.20 23.08 -1.15
N GLU A 331 -24.39 23.64 0.04
CA GLU A 331 -23.29 23.80 1.01
C GLU A 331 -22.69 22.46 1.42
N LEU A 332 -23.45 21.36 1.41
CA LEU A 332 -22.94 20.01 1.70
C LEU A 332 -21.80 19.58 0.78
N LEU A 333 -21.77 20.09 -0.45
CA LEU A 333 -20.80 19.75 -1.47
C LEU A 333 -19.50 20.54 -1.31
N VAL A 334 -19.42 21.52 -0.40
CA VAL A 334 -18.28 22.46 -0.30
C VAL A 334 -17.80 22.76 1.12
N SER A 335 -18.68 22.76 2.12
CA SER A 335 -18.34 23.24 3.47
C SER A 335 -17.41 22.30 4.27
N PHE A 336 -17.24 21.06 3.84
CA PHE A 336 -16.28 20.11 4.43
C PHE A 336 -14.84 20.27 3.91
N LEU A 337 -14.62 21.02 2.81
CA LEU A 337 -13.32 21.12 2.15
C LEU A 337 -12.39 22.13 2.82
N ASN A 338 -12.92 23.32 3.09
CA ASN A 338 -12.24 24.41 3.79
C ASN A 338 -13.29 25.40 4.29
N THR A 339 -12.93 26.23 5.26
CA THR A 339 -13.71 27.41 5.64
C THR A 339 -13.01 28.63 5.05
N PRO A 340 -13.67 29.44 4.21
CA PRO A 340 -13.06 30.65 3.65
C PRO A 340 -12.54 31.57 4.73
N LYS A 341 -11.59 32.44 4.42
CA LYS A 341 -11.29 33.60 5.25
C LYS A 341 -12.33 34.70 5.04
N TYR A 342 -12.50 35.58 6.03
CA TYR A 342 -13.39 36.73 5.91
C TYR A 342 -12.95 37.64 4.75
N GLY A 343 -13.89 38.13 3.95
CA GLY A 343 -13.59 38.99 2.79
C GLY A 343 -13.08 38.27 1.53
N THR A 344 -12.79 36.97 1.59
CA THR A 344 -12.57 36.10 0.44
C THR A 344 -13.92 35.76 -0.23
N PHE A 345 -13.93 35.00 -1.33
CA PHE A 345 -15.13 34.54 -2.01
C PHE A 345 -15.71 33.25 -1.39
N ASP A 346 -17.04 33.14 -1.31
CA ASP A 346 -17.75 31.88 -1.07
C ASP A 346 -18.23 31.30 -2.41
N PRO A 347 -17.72 30.14 -2.87
CA PRO A 347 -18.08 29.56 -4.15
C PRO A 347 -19.41 28.79 -4.16
N THR A 348 -20.16 28.73 -3.07
CA THR A 348 -21.41 27.95 -2.99
C THR A 348 -22.44 28.23 -4.11
N PRO A 349 -22.76 29.47 -4.53
CA PRO A 349 -23.80 29.69 -5.53
C PRO A 349 -23.41 29.24 -6.95
N VAL A 350 -22.15 28.90 -7.18
CA VAL A 350 -21.67 28.36 -8.46
C VAL A 350 -22.01 26.87 -8.59
N VAL A 351 -22.22 26.18 -7.47
CA VAL A 351 -22.51 24.75 -7.41
C VAL A 351 -23.86 24.37 -8.02
N PRO A 352 -25.02 24.96 -7.63
CA PRO A 352 -26.31 24.64 -8.23
C PRO A 352 -26.41 24.90 -9.74
N VAL A 353 -25.67 25.86 -10.28
CA VAL A 353 -25.76 26.21 -11.72
C VAL A 353 -24.97 25.28 -12.63
N PHE A 354 -23.83 24.72 -12.20
CA PHE A 354 -22.98 23.86 -13.03
C PHE A 354 -23.01 22.39 -12.65
N PHE A 355 -22.97 22.01 -11.37
CA PHE A 355 -22.92 20.58 -11.01
C PHE A 355 -24.13 19.77 -11.53
N PRO A 356 -25.41 20.15 -11.29
CA PRO A 356 -26.56 19.40 -11.80
C PRO A 356 -26.67 19.39 -13.32
N PHE A 357 -26.23 20.46 -13.99
CA PHE A 357 -26.23 20.58 -15.45
C PHE A 357 -25.24 19.62 -16.10
N TRP A 358 -24.04 19.49 -15.56
CA TRP A 358 -23.04 18.54 -16.03
C TRP A 358 -23.43 17.08 -15.74
N PHE A 359 -24.07 16.81 -14.61
CA PHE A 359 -24.64 15.49 -14.33
C PHE A 359 -25.73 15.13 -15.36
N GLY A 360 -26.61 16.07 -15.69
CA GLY A 360 -27.60 15.87 -16.74
C GLY A 360 -26.99 15.61 -18.12
N MET A 361 -25.97 16.38 -18.51
CA MET A 361 -25.20 16.15 -19.74
C MET A 361 -24.56 14.78 -19.80
N ILE A 362 -23.94 14.32 -18.72
CA ILE A 362 -23.30 13.02 -18.64
C ILE A 362 -24.32 11.90 -18.75
N VAL A 363 -25.29 11.85 -17.84
CA VAL A 363 -26.24 10.72 -17.80
C VAL A 363 -27.14 10.77 -19.02
N GLY A 364 -27.89 11.85 -19.22
CA GLY A 364 -28.62 12.11 -20.45
C GLY A 364 -29.56 10.98 -20.87
N ASP A 365 -30.29 10.37 -19.95
CA ASP A 365 -31.21 9.27 -20.25
C ASP A 365 -32.48 9.46 -19.44
N ILE A 366 -33.62 9.54 -20.12
CA ILE A 366 -34.92 9.74 -19.48
C ILE A 366 -35.30 8.55 -18.60
N GLY A 367 -34.99 7.32 -19.02
CA GLY A 367 -35.26 6.10 -18.28
C GLY A 367 -34.43 6.03 -17.00
N TYR A 368 -33.15 6.37 -17.04
CA TYR A 368 -32.35 6.53 -15.82
C TYR A 368 -32.85 7.67 -14.92
N ALA A 369 -33.26 8.81 -15.47
CA ALA A 369 -33.81 9.91 -14.69
C ALA A 369 -35.07 9.54 -13.92
N LEU A 370 -35.94 8.70 -14.47
CA LEU A 370 -37.10 8.15 -13.78
C LEU A 370 -36.69 7.20 -12.66
N LEU A 371 -35.67 6.36 -12.82
CA LEU A 371 -35.16 5.55 -11.70
C LEU A 371 -34.62 6.44 -10.57
N PHE A 372 -33.88 7.51 -10.87
CA PHE A 372 -33.46 8.48 -9.86
C PHE A 372 -34.65 9.20 -9.20
N TYR A 373 -35.70 9.56 -9.93
CA TYR A 373 -36.88 10.17 -9.34
C TYR A 373 -37.57 9.26 -8.31
N LEU A 374 -37.66 7.96 -8.57
CA LEU A 374 -38.15 6.96 -7.62
C LEU A 374 -37.28 6.85 -6.36
N VAL A 375 -35.97 7.13 -6.41
CA VAL A 375 -35.14 7.23 -5.20
C VAL A 375 -35.47 8.50 -4.42
N GLY A 376 -35.74 9.61 -5.10
CA GLY A 376 -36.19 10.84 -4.45
C GLY A 376 -37.52 10.69 -3.72
N ARG A 377 -38.51 10.01 -4.32
CA ARG A 377 -39.76 9.65 -3.64
C ARG A 377 -39.53 8.79 -2.40
N TRP A 378 -38.58 7.85 -2.46
CA TRP A 378 -38.23 6.98 -1.33
C TRP A 378 -37.59 7.76 -0.16
N LEU A 379 -36.56 8.57 -0.40
CA LEU A 379 -35.97 9.47 0.61
C LEU A 379 -37.00 10.46 1.19
N SER A 380 -37.95 10.93 0.39
CA SER A 380 -38.99 11.87 0.86
C SER A 380 -39.88 11.28 1.97
N GLY A 381 -40.03 9.95 2.02
CA GLY A 381 -40.81 9.26 3.05
C GLY A 381 -40.19 9.37 4.43
N TYR A 382 -38.85 9.34 4.54
CA TYR A 382 -38.13 9.58 5.79
C TYR A 382 -38.22 11.03 6.26
N VAL A 383 -38.12 12.02 5.36
CA VAL A 383 -38.38 13.43 5.69
C VAL A 383 -39.80 13.59 6.21
N LYS A 384 -40.80 13.03 5.51
CA LYS A 384 -42.23 13.16 5.82
C LYS A 384 -42.62 12.50 7.14
N ARG A 385 -42.09 11.31 7.45
CA ARG A 385 -42.33 10.61 8.72
C ARG A 385 -41.44 11.07 9.88
N ASN A 386 -40.41 11.87 9.61
CA ASN A 386 -39.37 12.25 10.56
C ASN A 386 -38.69 11.01 11.15
N GLU A 387 -38.18 10.15 10.28
CA GLU A 387 -37.36 8.98 10.66
C GLU A 387 -35.91 9.18 10.20
N PRO A 388 -34.90 8.99 11.06
CA PRO A 388 -33.53 8.87 10.60
C PRO A 388 -33.36 7.65 9.70
N LEU A 389 -32.77 7.81 8.52
CA LEU A 389 -32.35 6.67 7.70
C LEU A 389 -31.13 6.04 8.36
N VAL A 390 -31.08 4.71 8.47
CA VAL A 390 -29.90 3.97 8.97
C VAL A 390 -29.59 2.81 8.03
N ILE A 391 -28.33 2.70 7.61
CA ILE A 391 -27.78 1.58 6.83
C ILE A 391 -26.40 1.27 7.41
N ASP A 392 -26.34 0.31 8.34
CA ASP A 392 -25.11 0.01 9.09
C ASP A 392 -23.97 -0.54 8.21
N LEU A 393 -24.26 -1.15 7.06
CA LEU A 393 -23.29 -1.59 6.04
C LEU A 393 -22.30 -0.47 5.68
N PHE A 394 -22.76 0.77 5.67
CA PHE A 394 -21.99 1.97 5.32
C PHE A 394 -21.64 2.84 6.54
N ALA A 395 -21.99 2.40 7.76
CA ALA A 395 -22.13 3.26 8.95
C ALA A 395 -23.00 4.51 8.70
N LEU A 396 -23.90 4.45 7.71
CA LEU A 396 -24.72 5.57 7.30
C LEU A 396 -25.85 5.75 8.30
N LYS A 397 -25.92 6.93 8.91
CA LYS A 397 -27.14 7.47 9.51
C LYS A 397 -27.36 8.89 9.00
N LEU A 398 -28.55 9.20 8.51
CA LEU A 398 -28.96 10.55 8.15
C LEU A 398 -30.14 10.96 9.02
N LYS A 399 -30.02 12.07 9.74
CA LYS A 399 -31.16 12.71 10.39
C LYS A 399 -32.13 13.25 9.32
N PRO A 400 -33.45 13.32 9.55
CA PRO A 400 -34.42 13.63 8.51
C PRO A 400 -34.28 15.04 7.92
N GLN A 401 -33.68 15.99 8.64
CA GLN A 401 -33.36 17.33 8.11
C GLN A 401 -32.24 17.31 7.05
N VAL A 402 -31.27 16.38 7.14
CA VAL A 402 -30.22 16.20 6.11
C VAL A 402 -30.79 15.51 4.87
N ILE A 403 -31.76 14.60 5.01
CA ILE A 403 -32.39 13.94 3.86
C ILE A 403 -33.11 14.97 2.97
N GLY A 404 -33.69 16.03 3.54
CA GLY A 404 -34.28 17.14 2.76
C GLY A 404 -33.27 17.92 1.91
N LYS A 405 -32.01 18.01 2.35
CA LYS A 405 -30.89 18.56 1.57
C LYS A 405 -30.59 17.67 0.37
N LEU A 406 -30.46 16.36 0.57
CA LEU A 406 -30.19 15.40 -0.50
C LEU A 406 -31.33 15.40 -1.54
N VAL A 407 -32.60 15.37 -1.11
CA VAL A 407 -33.76 15.39 -2.01
C VAL A 407 -33.82 16.67 -2.85
N HIS A 408 -33.48 17.83 -2.30
CA HIS A 408 -33.42 19.07 -3.08
C HIS A 408 -32.36 18.99 -4.18
N ILE A 409 -31.15 18.53 -3.88
CA ILE A 409 -30.09 18.35 -4.88
C ILE A 409 -30.51 17.34 -5.94
N LEU A 410 -31.08 16.20 -5.56
CA LEU A 410 -31.51 15.15 -6.49
C LEU A 410 -32.58 15.62 -7.47
N ASN A 411 -33.52 16.48 -7.07
CA ASN A 411 -34.52 17.04 -8.00
C ASN A 411 -33.89 17.91 -9.10
N TRP A 412 -32.81 18.64 -8.82
CA TRP A 412 -32.06 19.40 -9.82
C TRP A 412 -31.29 18.48 -10.75
N MET A 413 -30.75 17.36 -10.26
CA MET A 413 -30.08 16.36 -11.08
C MET A 413 -31.06 15.62 -12.01
N VAL A 414 -32.26 15.30 -11.54
CA VAL A 414 -33.32 14.70 -12.38
C VAL A 414 -33.72 15.62 -13.52
N PHE A 415 -33.98 16.90 -13.25
CA PHE A 415 -34.41 17.86 -14.25
C PHE A 415 -33.45 17.94 -15.45
N TRP A 416 -32.17 18.18 -15.21
CA TRP A 416 -31.20 18.23 -16.31
C TRP A 416 -31.03 16.88 -17.02
N THR A 417 -31.20 15.75 -16.33
CA THR A 417 -31.08 14.42 -16.95
C THR A 417 -32.23 14.11 -17.90
N VAL A 418 -33.47 14.51 -17.61
CA VAL A 418 -34.57 14.36 -18.58
C VAL A 418 -34.42 15.29 -19.78
N VAL A 419 -34.06 16.57 -19.61
CA VAL A 419 -33.95 17.48 -20.77
C VAL A 419 -32.78 17.13 -21.68
N TRP A 420 -31.62 16.74 -21.16
CA TRP A 420 -30.57 16.16 -21.99
C TRP A 420 -30.99 14.81 -22.57
N GLY A 421 -31.74 13.98 -21.85
CA GLY A 421 -32.28 12.74 -22.37
C GLY A 421 -33.22 12.89 -23.57
N VAL A 422 -33.98 13.99 -23.69
CA VAL A 422 -34.73 14.29 -24.93
C VAL A 422 -33.83 14.89 -26.02
N ILE A 423 -32.79 15.65 -25.68
CA ILE A 423 -31.80 16.15 -26.66
C ILE A 423 -31.05 14.99 -27.32
N TYR A 424 -30.60 14.00 -26.57
CA TYR A 424 -29.96 12.80 -27.10
C TYR A 424 -30.94 11.76 -27.65
N GLY A 425 -32.25 11.89 -27.39
CA GLY A 425 -33.26 10.88 -27.73
C GLY A 425 -33.02 9.53 -27.05
N GLU A 426 -32.73 9.53 -25.75
CA GLU A 426 -32.22 8.39 -25.02
C GLU A 426 -33.11 8.04 -23.81
N PHE A 427 -33.57 6.79 -23.76
CA PHE A 427 -34.42 6.23 -22.73
C PHE A 427 -34.04 4.76 -22.58
N PHE A 428 -33.36 4.37 -21.51
CA PHE A 428 -32.58 3.13 -21.45
C PHE A 428 -31.75 2.90 -22.72
N GLY A 429 -30.85 3.84 -23.03
CA GLY A 429 -30.12 3.85 -24.28
C GLY A 429 -31.07 4.00 -25.46
N THR A 430 -31.27 2.91 -26.20
CA THR A 430 -31.88 2.83 -27.53
C THR A 430 -33.36 2.42 -27.53
N PHE A 431 -34.00 2.20 -26.38
CA PHE A 431 -35.34 1.57 -26.33
C PHE A 431 -36.42 2.35 -27.10
N LEU A 432 -36.63 3.65 -26.84
CA LEU A 432 -37.59 4.46 -27.60
C LEU A 432 -37.15 4.73 -29.05
N GLU A 433 -35.87 4.53 -29.37
CA GLU A 433 -35.30 4.71 -30.71
C GLU A 433 -35.39 3.43 -31.57
N HIS A 434 -35.41 2.23 -30.97
CA HIS A 434 -35.87 1.00 -31.63
C HIS A 434 -37.34 1.09 -32.00
N LEU A 435 -38.18 1.54 -31.07
CA LEU A 435 -39.61 1.72 -31.27
C LEU A 435 -39.96 2.83 -32.28
N GLY A 436 -38.99 3.64 -32.73
CA GLY A 436 -39.23 4.76 -33.64
C GLY A 436 -39.95 5.96 -33.03
N VAL A 437 -40.07 6.05 -31.70
CA VAL A 437 -40.57 7.25 -31.01
C VAL A 437 -39.56 8.38 -31.17
N PHE A 438 -38.28 8.12 -30.89
CA PHE A 438 -37.17 8.99 -31.28
C PHE A 438 -36.55 8.48 -32.59
N GLY A 439 -36.21 9.38 -33.50
CA GLY A 439 -35.56 8.98 -34.76
C GLY A 439 -34.71 10.05 -35.41
N THR A 440 -34.01 9.64 -36.46
CA THR A 440 -33.16 10.45 -37.33
C THR A 440 -33.20 9.88 -38.77
N PRO A 441 -32.74 10.60 -39.80
CA PRO A 441 -32.90 10.23 -41.22
C PRO A 441 -32.49 8.81 -41.67
N GLU A 442 -31.73 8.03 -40.90
CA GLU A 442 -31.52 6.60 -41.18
C GLU A 442 -32.78 5.73 -40.99
N HIS A 443 -33.60 6.03 -39.98
CA HIS A 443 -34.93 5.46 -39.78
C HIS A 443 -35.84 6.49 -39.05
N PRO A 444 -36.37 7.51 -39.76
CA PRO A 444 -37.05 8.63 -39.11
C PRO A 444 -38.24 8.18 -38.24
N GLY A 445 -38.42 8.88 -37.12
CA GLY A 445 -39.42 8.58 -36.09
C GLY A 445 -40.32 9.77 -35.76
N LEU A 446 -41.14 9.64 -34.74
CA LEU A 446 -42.10 10.69 -34.34
C LEU A 446 -41.39 11.97 -33.87
N ILE A 447 -40.31 11.84 -33.10
CA ILE A 447 -39.58 12.95 -32.49
C ILE A 447 -38.13 12.96 -33.01
N PRO A 448 -37.68 14.05 -33.69
CA PRO A 448 -36.31 14.17 -34.16
C PRO A 448 -35.30 14.26 -33.00
N ILE A 449 -34.24 13.46 -33.01
CA ILE A 449 -33.15 13.56 -32.02
C ILE A 449 -32.27 14.79 -32.30
N LEU A 450 -32.09 15.68 -31.32
CA LEU A 450 -31.42 16.97 -31.51
C LEU A 450 -29.89 16.81 -31.69
N ILE A 451 -29.27 15.91 -30.92
CA ILE A 451 -27.85 15.56 -31.01
C ILE A 451 -27.72 14.05 -30.81
N HIS A 452 -27.52 13.26 -31.86
CA HIS A 452 -27.37 11.81 -31.72
C HIS A 452 -26.02 11.45 -31.11
N ARG A 453 -25.91 11.44 -29.78
CA ARG A 453 -24.65 11.32 -29.00
C ARG A 453 -23.71 10.20 -29.49
N ILE A 454 -24.28 9.06 -29.88
CA ILE A 454 -23.53 7.87 -30.32
C ILE A 454 -23.17 7.86 -31.82
N ASP A 455 -23.67 8.80 -32.62
CA ASP A 455 -23.20 9.05 -33.99
C ASP A 455 -21.86 9.80 -33.96
N THR A 456 -20.79 9.08 -33.65
CA THR A 456 -19.50 9.65 -33.25
C THR A 456 -18.87 10.51 -34.35
N ALA A 457 -18.91 10.05 -35.60
CA ALA A 457 -18.34 10.77 -36.74
C ALA A 457 -19.10 12.07 -37.08
N LYS A 458 -20.36 12.22 -36.63
CA LYS A 458 -21.17 13.42 -36.87
C LYS A 458 -21.17 14.41 -35.70
N THR A 459 -21.08 13.92 -34.46
CA THR A 459 -21.30 14.72 -33.24
C THR A 459 -20.08 14.91 -32.35
N ALA A 460 -18.99 14.15 -32.50
CA ALA A 460 -17.89 14.22 -31.54
C ALA A 460 -17.24 15.61 -31.47
N ASN A 461 -17.01 16.29 -32.59
CA ASN A 461 -16.41 17.62 -32.60
C ASN A 461 -17.28 18.65 -31.88
N LEU A 462 -18.60 18.57 -32.04
CA LEU A 462 -19.55 19.45 -31.36
C LEU A 462 -19.47 19.29 -29.84
N LEU A 463 -19.56 18.05 -29.34
CA LEU A 463 -19.54 17.76 -27.91
C LEU A 463 -18.15 17.92 -27.28
N ILE A 464 -17.06 17.74 -28.03
CA ILE A 464 -15.71 18.05 -27.55
C ILE A 464 -15.51 19.56 -27.39
N LEU A 465 -15.90 20.38 -28.37
CA LEU A 465 -15.84 21.84 -28.26
C LEU A 465 -16.76 22.37 -27.15
N LEU A 466 -17.99 21.88 -27.06
CA LEU A 466 -18.94 22.30 -26.04
C LEU A 466 -18.42 21.96 -24.64
N SER A 467 -17.79 20.80 -24.44
CA SER A 467 -17.17 20.45 -23.16
C SER A 467 -15.99 21.39 -22.81
N VAL A 468 -15.11 21.67 -23.77
CA VAL A 468 -13.98 22.59 -23.57
C VAL A 468 -14.47 24.03 -23.31
N ALA A 469 -15.58 24.47 -23.88
CA ALA A 469 -16.11 25.81 -23.65
C ALA A 469 -16.47 26.07 -22.18
N PHE A 470 -17.05 25.11 -21.48
CA PHE A 470 -17.21 25.20 -20.02
C PHE A 470 -15.88 25.27 -19.28
N GLY A 471 -14.86 24.56 -19.76
CA GLY A 471 -13.52 24.59 -19.20
C GLY A 471 -12.88 25.96 -19.32
N VAL A 472 -12.99 26.59 -20.48
CA VAL A 472 -12.56 27.97 -20.72
C VAL A 472 -13.29 28.93 -19.78
N VAL A 473 -14.62 28.87 -19.73
CA VAL A 473 -15.47 29.78 -18.94
C VAL A 473 -15.15 29.74 -17.44
N LEU A 474 -15.05 28.58 -16.78
CA LEU A 474 -14.77 28.54 -15.35
C LEU A 474 -13.30 28.76 -15.00
N VAL A 475 -12.36 28.30 -15.82
CA VAL A 475 -10.94 28.59 -15.57
C VAL A 475 -10.67 30.10 -15.70
N PHE A 476 -11.21 30.77 -16.70
CA PHE A 476 -11.05 32.23 -16.83
C PHE A 476 -11.79 32.99 -15.72
N PHE A 477 -12.98 32.57 -15.31
CA PHE A 477 -13.72 33.18 -14.19
C PHE A 477 -12.98 33.04 -12.85
N GLY A 478 -12.39 31.88 -12.57
CA GLY A 478 -11.61 31.68 -11.35
C GLY A 478 -10.34 32.52 -11.32
N LEU A 479 -9.69 32.75 -12.46
CA LEU A 479 -8.54 33.66 -12.57
C LEU A 479 -8.95 35.15 -12.47
N ALA A 480 -10.12 35.55 -12.98
CA ALA A 480 -10.67 36.88 -12.77
C ALA A 480 -10.98 37.16 -11.30
N LEU A 481 -11.54 36.19 -10.57
CA LEU A 481 -11.71 36.27 -9.12
C LEU A 481 -10.38 36.43 -8.39
N ARG A 482 -9.30 35.76 -8.79
CA ARG A 482 -7.97 35.97 -8.17
C ARG A 482 -7.42 37.37 -8.39
N ALA A 483 -7.52 37.91 -9.60
CA ALA A 483 -7.11 39.27 -9.87
C ALA A 483 -7.94 40.28 -9.06
N TYR A 484 -9.26 40.11 -9.00
CA TYR A 484 -10.14 40.97 -8.23
C TYR A 484 -9.86 40.92 -6.71
N LEU A 485 -9.78 39.74 -6.11
CA LEU A 485 -9.48 39.58 -4.67
C LEU A 485 -8.08 40.07 -4.30
N GLY A 486 -7.13 40.07 -5.22
CA GLY A 486 -5.83 40.74 -5.07
C GLY A 486 -5.98 42.25 -4.99
N LEU A 487 -6.68 42.88 -5.91
CA LEU A 487 -6.97 44.32 -5.89
C LEU A 487 -7.78 44.74 -4.66
N LYS A 488 -8.77 43.95 -4.23
CA LYS A 488 -9.62 44.25 -3.07
C LYS A 488 -8.83 44.38 -1.76
N HIS A 489 -7.59 43.89 -1.73
CA HIS A 489 -6.66 43.92 -0.60
C HIS A 489 -5.30 44.57 -0.94
N ARG A 490 -5.18 45.24 -2.09
CA ARG A 490 -3.93 45.85 -2.61
C ARG A 490 -2.72 44.89 -2.63
N HIS A 491 -2.96 43.59 -2.78
CA HIS A 491 -1.94 42.55 -2.74
C HIS A 491 -1.48 42.18 -4.15
N MET A 492 -0.53 42.92 -4.71
CA MET A 492 -0.20 42.83 -6.14
C MET A 492 0.33 41.47 -6.59
N ALA A 493 0.93 40.69 -5.70
CA ALA A 493 1.38 39.33 -6.00
C ALA A 493 0.23 38.38 -6.42
N HIS A 494 -1.00 38.60 -5.93
CA HIS A 494 -2.18 37.87 -6.41
C HIS A 494 -2.78 38.48 -7.68
N PHE A 495 -2.78 39.80 -7.82
CA PHE A 495 -3.23 40.47 -9.04
C PHE A 495 -2.42 40.04 -10.26
N TRP A 496 -1.09 40.10 -10.21
CA TRP A 496 -0.23 39.68 -11.31
C TRP A 496 -0.37 38.20 -11.65
N GLU A 497 -0.49 37.32 -10.66
CA GLU A 497 -0.70 35.88 -10.91
C GLU A 497 -2.04 35.61 -11.63
N GLY A 498 -3.10 36.30 -11.24
CA GLY A 498 -4.40 36.22 -11.89
C GLY A 498 -4.38 36.72 -13.34
N VAL A 499 -3.96 37.96 -13.58
CA VAL A 499 -3.93 38.50 -14.96
C VAL A 499 -2.85 37.86 -15.84
N GLY A 500 -1.75 37.40 -15.23
CA GLY A 500 -0.67 36.70 -15.89
C GLY A 500 -1.08 35.35 -16.43
N TYR A 501 -1.66 34.47 -15.62
CA TYR A 501 -2.22 33.20 -16.11
C TYR A 501 -3.33 33.42 -17.14
N LEU A 502 -4.17 34.44 -16.99
CA LEU A 502 -5.23 34.76 -17.96
C LEU A 502 -4.64 35.12 -19.33
N GLY A 503 -3.67 36.03 -19.40
CA GLY A 503 -2.97 36.37 -20.64
C GLY A 503 -2.23 35.19 -21.26
N GLY A 504 -1.57 34.37 -20.45
CA GLY A 504 -0.89 33.15 -20.91
C GLY A 504 -1.86 32.14 -21.53
N LEU A 505 -3.04 31.94 -20.92
CA LEU A 505 -4.09 31.06 -21.45
C LEU A 505 -4.71 31.60 -22.73
N VAL A 506 -4.96 32.89 -22.86
CA VAL A 506 -5.34 33.50 -24.15
C VAL A 506 -4.27 33.26 -25.22
N GLY A 507 -2.98 33.42 -24.90
CA GLY A 507 -1.88 33.10 -25.80
C GLY A 507 -1.85 31.63 -26.24
N VAL A 508 -1.97 30.68 -25.30
CA VAL A 508 -2.04 29.23 -25.55
C VAL A 508 -3.23 28.84 -26.43
N LEU A 509 -4.42 29.38 -26.17
CA LEU A 509 -5.61 29.15 -26.98
C LEU A 509 -5.49 29.79 -28.37
N ALA A 510 -5.00 31.03 -28.49
CA ALA A 510 -4.84 31.69 -29.78
C ALA A 510 -3.79 30.99 -30.66
N LEU A 511 -2.75 30.42 -30.04
CA LEU A 511 -1.80 29.54 -30.71
C LEU A 511 -2.47 28.25 -31.20
N ALA A 512 -3.20 27.53 -30.35
CA ALA A 512 -3.92 26.32 -30.74
C ALA A 512 -4.95 26.56 -31.86
N ALA A 513 -5.80 27.59 -31.74
CA ALA A 513 -6.75 27.97 -32.77
C ALA A 513 -6.08 28.31 -34.12
N SER A 514 -4.92 28.97 -34.09
CA SER A 514 -4.15 29.30 -35.29
C SER A 514 -3.42 28.10 -35.92
N TYR A 515 -3.32 26.95 -35.26
CA TYR A 515 -2.69 25.72 -35.77
C TYR A 515 -3.70 24.61 -36.11
N LEU A 516 -4.80 24.46 -35.36
CA LEU A 516 -5.88 23.50 -35.62
C LEU A 516 -6.86 24.03 -36.71
N GLY A 517 -6.28 24.56 -37.79
CA GLY A 517 -6.96 25.32 -38.83
C GLY A 517 -5.95 26.17 -39.62
N ASN A 518 -6.25 27.46 -39.78
CA ASN A 518 -5.42 28.41 -40.52
C ASN A 518 -5.10 29.68 -39.70
N LEU A 519 -3.90 30.23 -39.94
CA LEU A 519 -3.42 31.48 -39.35
C LEU A 519 -4.01 32.70 -40.07
N GLN A 520 -4.26 33.77 -39.31
CA GLN A 520 -4.62 35.09 -39.83
C GLN A 520 -4.10 36.19 -38.90
N ALA A 521 -3.80 37.36 -39.45
CA ALA A 521 -3.07 38.42 -38.75
C ALA A 521 -3.88 39.08 -37.62
N GLY A 522 -5.07 39.60 -37.91
CA GLY A 522 -5.82 40.47 -37.00
C GLY A 522 -6.49 39.74 -35.83
N TRP A 523 -7.19 38.65 -36.12
CA TRP A 523 -8.06 37.98 -35.15
C TRP A 523 -7.32 37.03 -34.17
N LEU A 524 -6.14 36.50 -34.56
CA LEU A 524 -5.40 35.50 -33.77
C LEU A 524 -3.91 35.84 -33.62
N GLN A 525 -3.17 36.04 -34.70
CA GLN A 525 -1.71 36.18 -34.62
C GLN A 525 -1.24 37.46 -33.88
N GLY A 526 -2.07 38.50 -33.82
CA GLY A 526 -1.86 39.65 -32.93
C GLY A 526 -2.17 39.33 -31.47
N LEU A 527 -3.40 38.87 -31.19
CA LEU A 527 -3.90 38.54 -29.85
C LEU A 527 -3.02 37.52 -29.10
N MET A 528 -2.41 36.59 -29.82
CA MET A 528 -1.46 35.63 -29.27
C MET A 528 -0.23 36.30 -28.64
N TYR A 529 0.35 37.29 -29.33
CA TYR A 529 1.55 37.99 -28.88
C TYR A 529 1.24 38.96 -27.73
N LEU A 530 0.03 39.53 -27.69
CA LEU A 530 -0.49 40.24 -26.51
C LEU A 530 -0.64 39.28 -25.32
N GLY A 531 -1.15 38.07 -25.53
CA GLY A 531 -1.30 37.06 -24.49
C GLY A 531 0.02 36.65 -23.83
N PHE A 532 0.94 36.12 -24.62
CA PHE A 532 2.28 35.77 -24.11
C PHE A 532 3.08 36.98 -23.61
N GLY A 533 2.87 38.18 -24.15
CA GLY A 533 3.44 39.42 -23.61
C GLY A 533 2.97 39.75 -22.19
N VAL A 534 1.65 39.69 -21.94
CA VAL A 534 1.08 39.85 -20.59
C VAL A 534 1.56 38.76 -19.63
N PHE A 535 1.76 37.52 -20.10
CA PHE A 535 2.35 36.46 -19.27
C PHE A 535 3.80 36.78 -18.84
N LEU A 536 4.72 37.01 -19.79
CA LEU A 536 6.12 37.31 -19.44
C LEU A 536 6.26 38.57 -18.59
N LEU A 537 5.43 39.59 -18.81
CA LEU A 537 5.35 40.76 -17.93
C LEU A 537 4.97 40.34 -16.50
N ALA A 538 3.85 39.64 -16.32
CA ALA A 538 3.35 39.30 -15.00
C ALA A 538 4.34 38.43 -14.19
N VAL A 539 5.13 37.58 -14.85
CA VAL A 539 6.21 36.82 -14.21
C VAL A 539 7.30 37.76 -13.69
N LEU A 540 7.82 38.67 -14.52
CA LEU A 540 8.88 39.60 -14.11
C LEU A 540 8.40 40.63 -13.08
N MET A 541 7.14 41.05 -13.13
CA MET A 541 6.54 41.94 -12.14
C MET A 541 6.34 41.26 -10.77
N SER A 542 5.78 40.05 -10.75
CA SER A 542 5.47 39.33 -9.50
C SER A 542 6.67 38.61 -8.91
N ARG A 543 7.61 38.19 -9.76
CA ARG A 543 8.73 37.29 -9.45
C ARG A 543 8.26 35.96 -8.84
N ILE A 544 7.04 35.53 -9.18
CA ILE A 544 6.55 34.18 -8.93
C ILE A 544 7.05 33.27 -10.06
N TRP A 545 8.17 32.59 -9.83
CA TRP A 545 8.80 31.74 -10.85
C TRP A 545 8.10 30.40 -11.03
N LEU A 546 7.27 29.97 -10.07
CA LEU A 546 6.33 28.85 -10.24
C LEU A 546 5.31 29.07 -11.37
N MET A 547 5.12 30.29 -11.89
CA MET A 547 4.23 30.48 -13.05
C MET A 547 4.73 29.76 -14.30
N ILE A 548 6.05 29.64 -14.50
CA ILE A 548 6.65 29.03 -15.70
C ILE A 548 6.38 27.51 -15.74
N PRO A 549 6.51 26.74 -14.64
CA PRO A 549 5.92 25.40 -14.55
C PRO A 549 4.39 25.39 -14.64
N GLU A 550 3.70 26.17 -13.83
CA GLU A 550 2.27 25.96 -13.58
C GLU A 550 1.35 26.46 -14.69
N ILE A 551 1.81 27.24 -15.67
CA ILE A 551 0.99 27.56 -16.86
C ILE A 551 0.56 26.28 -17.61
N PHE A 552 1.38 25.23 -17.63
CA PHE A 552 1.03 23.93 -18.21
C PHE A 552 -0.04 23.19 -17.40
N THR A 553 -0.04 23.37 -16.07
CA THR A 553 -1.11 22.90 -15.20
C THR A 553 -2.42 23.60 -15.51
N GLN A 554 -2.42 24.94 -15.67
CA GLN A 554 -3.62 25.71 -15.98
C GLN A 554 -4.22 25.35 -17.35
N ALA A 555 -3.39 25.20 -18.39
CA ALA A 555 -3.82 24.81 -19.72
C ALA A 555 -4.41 23.38 -19.74
N GLY A 556 -3.86 22.46 -18.95
CA GLY A 556 -4.45 21.14 -18.74
C GLY A 556 -5.79 21.16 -17.99
N HIS A 557 -6.03 22.11 -17.09
CA HIS A 557 -7.34 22.24 -16.42
C HIS A 557 -8.46 22.67 -17.37
N ILE A 558 -8.19 23.42 -18.43
CA ILE A 558 -9.17 23.66 -19.50
C ILE A 558 -9.49 22.36 -20.23
N LEU A 559 -8.48 21.62 -20.68
CA LEU A 559 -8.65 20.35 -21.39
C LEU A 559 -9.26 19.25 -20.52
N SER A 560 -9.16 19.35 -19.20
CA SER A 560 -9.74 18.40 -18.24
C SER A 560 -11.26 18.33 -18.26
N HIS A 561 -11.95 19.34 -18.79
CA HIS A 561 -13.40 19.37 -18.92
C HIS A 561 -13.94 18.46 -20.04
N ILE A 562 -13.09 17.85 -20.84
CA ILE A 562 -13.56 16.87 -21.86
C ILE A 562 -14.01 15.57 -21.20
N ARG A 563 -14.30 15.54 -19.91
CA ARG A 563 -14.76 14.36 -19.16
C ARG A 563 -16.27 14.47 -19.04
N ILE A 564 -16.87 15.54 -19.51
CA ILE A 564 -18.35 15.59 -19.56
C ILE A 564 -18.73 14.83 -20.83
N TYR A 565 -17.97 14.98 -21.93
CA TYR A 565 -18.21 14.13 -23.08
C TYR A 565 -17.75 12.68 -22.87
N ALA A 566 -16.52 12.45 -22.40
CA ALA A 566 -15.94 11.11 -22.31
C ALA A 566 -16.71 10.13 -21.41
N VAL A 567 -17.05 10.49 -20.17
CA VAL A 567 -17.84 9.62 -19.29
C VAL A 567 -19.31 9.56 -19.71
N GLY A 568 -19.86 10.60 -20.33
CA GLY A 568 -21.21 10.57 -20.85
C GLY A 568 -21.36 9.58 -22.01
N ALA A 569 -20.48 9.67 -23.01
CA ALA A 569 -20.48 8.76 -24.14
C ALA A 569 -20.13 7.32 -23.76
N ALA A 570 -19.23 7.08 -22.81
CA ALA A 570 -19.04 5.74 -22.25
C ALA A 570 -20.31 5.18 -21.60
N GLY A 571 -21.05 5.98 -20.82
CA GLY A 571 -22.35 5.59 -20.27
C GLY A 571 -23.42 5.33 -21.34
N GLY A 572 -23.44 6.13 -22.41
CA GLY A 572 -24.41 6.03 -23.50
C GLY A 572 -24.26 4.79 -24.37
N ILE A 573 -23.07 4.47 -24.89
CA ILE A 573 -22.88 3.27 -25.72
C ILE A 573 -23.18 2.00 -24.92
N LEU A 574 -22.68 1.88 -23.70
CA LEU A 574 -22.88 0.68 -22.87
C LEU A 574 -24.37 0.44 -22.57
N ALA A 575 -25.14 1.48 -22.24
CA ALA A 575 -26.59 1.38 -22.07
C ALA A 575 -27.31 0.94 -23.34
N GLY A 576 -26.86 1.43 -24.50
CA GLY A 576 -27.39 1.04 -25.81
C GLY A 576 -27.20 -0.44 -26.09
N LEU A 577 -25.97 -0.97 -26.00
CA LEU A 577 -25.73 -2.37 -26.34
C LEU A 577 -26.45 -3.36 -25.40
N LEU A 578 -26.63 -3.03 -24.12
CA LEU A 578 -27.44 -3.84 -23.21
C LEU A 578 -28.91 -3.89 -23.64
N THR A 579 -29.47 -2.77 -24.08
CA THR A 579 -30.81 -2.76 -24.66
C THR A 579 -30.86 -3.61 -25.93
N ASP A 580 -29.88 -3.46 -26.82
CA ASP A 580 -29.81 -4.17 -28.09
C ASP A 580 -29.64 -5.69 -27.91
N VAL A 581 -28.93 -6.15 -26.87
CA VAL A 581 -28.89 -7.56 -26.43
C VAL A 581 -30.27 -8.06 -26.02
N GLY A 582 -31.11 -7.21 -25.43
CA GLY A 582 -32.51 -7.53 -25.16
C GLY A 582 -33.29 -7.80 -26.45
N PHE A 583 -33.14 -6.93 -27.45
CA PHE A 583 -33.78 -7.14 -28.77
C PHE A 583 -33.21 -8.31 -29.57
N ALA A 584 -31.98 -8.78 -29.32
CA ALA A 584 -31.50 -10.04 -29.88
C ALA A 584 -32.33 -11.25 -29.40
N LEU A 585 -32.56 -11.36 -28.09
CA LEU A 585 -33.38 -12.42 -27.49
C LEU A 585 -34.85 -12.33 -27.93
N ALA A 586 -35.38 -11.11 -28.06
CA ALA A 586 -36.76 -10.89 -28.47
C ALA A 586 -37.02 -11.19 -29.95
N GLU A 587 -36.05 -10.98 -30.85
CA GLU A 587 -36.19 -11.24 -32.29
C GLU A 587 -35.82 -12.67 -32.70
N ARG A 588 -34.87 -13.33 -32.02
CA ARG A 588 -34.48 -14.72 -32.34
C ARG A 588 -35.55 -15.76 -31.97
N LEU A 589 -36.25 -15.56 -30.85
CA LEU A 589 -37.18 -16.52 -30.25
C LEU A 589 -38.62 -15.96 -30.18
N GLY A 590 -39.56 -16.79 -29.72
CA GLY A 590 -40.99 -16.44 -29.54
C GLY A 590 -41.28 -15.64 -28.27
N LEU A 591 -42.47 -15.83 -27.67
CA LEU A 591 -42.93 -15.10 -26.50
C LEU A 591 -41.98 -15.25 -25.29
N LEU A 592 -41.38 -16.43 -25.10
CA LEU A 592 -40.31 -16.65 -24.11
C LEU A 592 -39.11 -15.72 -24.33
N GLY A 593 -38.77 -15.42 -25.60
CA GLY A 593 -37.70 -14.51 -25.95
C GLY A 593 -38.02 -13.06 -25.59
N VAL A 594 -39.28 -12.65 -25.68
CA VAL A 594 -39.71 -11.30 -25.25
C VAL A 594 -39.65 -11.15 -23.73
N LEU A 595 -39.93 -12.23 -22.98
CA LEU A 595 -39.75 -12.30 -21.54
C LEU A 595 -38.26 -12.32 -21.13
N LEU A 596 -37.43 -13.19 -21.72
CA LEU A 596 -35.98 -13.26 -21.46
C LEU A 596 -35.25 -11.99 -21.88
N GLY A 597 -35.59 -11.40 -23.04
CA GLY A 597 -34.94 -10.19 -23.52
C GLY A 597 -35.15 -9.01 -22.58
N LEU A 598 -36.39 -8.81 -22.11
CA LEU A 598 -36.73 -7.81 -21.10
C LEU A 598 -36.00 -8.05 -19.78
N LEU A 599 -36.01 -9.29 -19.29
CA LEU A 599 -35.39 -9.70 -18.03
C LEU A 599 -33.87 -9.54 -18.03
N VAL A 600 -33.17 -10.09 -19.02
CA VAL A 600 -31.70 -10.02 -19.12
C VAL A 600 -31.22 -8.59 -19.32
N ALA A 601 -31.84 -7.82 -20.20
CA ALA A 601 -31.51 -6.41 -20.37
C ALA A 601 -31.72 -5.63 -19.07
N GLY A 602 -32.82 -5.85 -18.35
CA GLY A 602 -33.10 -5.18 -17.08
C GLY A 602 -32.09 -5.50 -15.98
N VAL A 603 -31.69 -6.77 -15.85
CA VAL A 603 -30.67 -7.22 -14.88
C VAL A 603 -29.30 -6.61 -15.17
N LEU A 604 -28.88 -6.56 -16.44
CA LEU A 604 -27.62 -5.92 -16.82
C LEU A 604 -27.66 -4.39 -16.68
N HIS A 605 -28.77 -3.73 -17.03
CA HIS A 605 -28.94 -2.30 -16.80
C HIS A 605 -28.80 -1.97 -15.33
N LEU A 606 -29.51 -2.66 -14.43
CA LEU A 606 -29.45 -2.39 -13.00
C LEU A 606 -28.02 -2.57 -12.46
N LEU A 607 -27.33 -3.64 -12.86
CA LEU A 607 -25.93 -3.87 -12.50
C LEU A 607 -24.99 -2.73 -12.91
N ILE A 608 -25.06 -2.27 -14.16
CA ILE A 608 -24.15 -1.23 -14.64
C ILE A 608 -24.58 0.17 -14.21
N LEU A 609 -25.84 0.37 -13.85
CA LEU A 609 -26.27 1.57 -13.15
C LEU A 609 -25.75 1.59 -11.70
N LEU A 610 -25.62 0.44 -11.00
CA LEU A 610 -24.94 0.35 -9.70
C LEU A 610 -23.43 0.59 -9.78
N LEU A 611 -22.72 -0.14 -10.66
CA LEU A 611 -21.26 -0.03 -10.79
C LEU A 611 -20.80 1.38 -11.23
N THR A 612 -21.56 2.06 -12.09
CA THR A 612 -21.09 3.30 -12.71
C THR A 612 -21.56 4.59 -12.04
N THR A 613 -22.76 4.67 -11.45
CA THR A 613 -23.41 5.97 -11.11
C THR A 613 -22.65 6.84 -10.11
N LEU A 614 -22.00 6.29 -9.09
CA LEU A 614 -21.17 7.11 -8.19
C LEU A 614 -20.02 7.79 -8.95
N GLY A 615 -19.47 7.15 -9.97
CA GLY A 615 -18.52 7.75 -10.90
C GLY A 615 -19.11 8.92 -11.69
N HIS A 616 -20.36 8.79 -12.15
CA HIS A 616 -21.09 9.85 -12.82
C HIS A 616 -21.41 11.05 -11.92
N MET A 617 -21.62 10.85 -10.62
CA MET A 617 -21.81 11.93 -9.64
C MET A 617 -20.49 12.60 -9.24
N LEU A 618 -19.40 11.84 -9.18
CA LEU A 618 -18.10 12.33 -8.75
C LEU A 618 -17.37 13.15 -9.82
N GLN A 619 -17.37 12.70 -11.08
CA GLN A 619 -16.67 13.42 -12.16
C GLN A 619 -17.13 14.89 -12.35
N PRO A 620 -18.44 15.24 -12.28
CA PRO A 620 -18.91 16.63 -12.29
C PRO A 620 -18.39 17.51 -11.15
N ILE A 621 -18.60 17.19 -9.85
CA ILE A 621 -18.19 17.96 -8.62
C ILE A 621 -16.70 18.26 -8.51
N ARG A 622 -15.81 17.32 -8.79
CA ARG A 622 -14.35 17.52 -8.75
C ARG A 622 -13.83 18.53 -9.79
N LEU A 623 -14.65 19.02 -10.69
CA LEU A 623 -14.24 20.00 -11.73
C LEU A 623 -14.41 21.31 -11.03
N LEU A 624 -15.45 21.45 -10.22
CA LEU A 624 -15.53 22.56 -9.29
C LEU A 624 -14.41 22.46 -8.25
N TRP A 625 -14.32 21.35 -7.49
CA TRP A 625 -13.37 21.22 -6.37
C TRP A 625 -11.89 21.44 -6.69
N VAL A 626 -11.40 21.16 -7.91
CA VAL A 626 -9.99 21.46 -8.25
C VAL A 626 -9.84 22.39 -9.44
N GLU A 627 -10.54 22.16 -10.55
CA GLU A 627 -10.32 22.96 -11.74
C GLU A 627 -10.87 24.39 -11.63
N PHE A 628 -11.77 24.66 -10.68
CA PHE A 628 -12.26 26.01 -10.36
C PHE A 628 -11.79 26.50 -8.98
N PHE A 629 -12.02 25.77 -7.88
CA PHE A 629 -11.72 26.26 -6.52
C PHE A 629 -10.24 26.55 -6.29
N THR A 630 -9.34 25.82 -6.94
CA THR A 630 -7.90 26.07 -6.84
C THR A 630 -7.46 27.33 -7.61
N LYS A 631 -8.31 27.93 -8.46
CA LYS A 631 -7.97 29.11 -9.27
C LYS A 631 -7.95 30.38 -8.45
N PHE A 632 -8.99 30.65 -7.68
CA PHE A 632 -9.11 31.85 -6.84
C PHE A 632 -8.53 31.68 -5.43
N GLY A 633 -7.79 30.59 -5.18
CA GLY A 633 -7.02 30.37 -3.96
C GLY A 633 -7.82 29.82 -2.77
N PHE A 634 -8.89 29.06 -3.01
CA PHE A 634 -9.80 28.62 -1.94
C PHE A 634 -9.11 27.89 -0.78
N TYR A 635 -8.03 27.18 -1.03
CA TYR A 635 -7.28 26.40 -0.03
C TYR A 635 -6.11 27.14 0.61
N GLU A 636 -5.74 28.34 0.17
CA GLU A 636 -4.50 29.01 0.59
C GLU A 636 -4.50 29.42 2.06
N GLU A 637 -5.66 29.74 2.63
CA GLU A 637 -5.84 30.09 4.05
C GLU A 637 -7.18 29.58 4.57
N ASN A 638 -7.26 29.32 5.88
CA ASN A 638 -8.47 28.92 6.58
C ASN A 638 -8.99 30.09 7.41
N GLY A 639 -10.28 30.42 7.32
CA GLY A 639 -10.91 31.36 8.26
C GLY A 639 -11.14 30.73 9.63
N ARG A 640 -11.41 31.55 10.64
CA ARG A 640 -11.85 31.06 11.95
C ARG A 640 -13.28 30.56 11.85
N PRO A 641 -13.63 29.31 12.21
CA PRO A 641 -15.01 28.86 12.19
C PRO A 641 -15.88 29.64 13.17
N TYR A 642 -17.11 29.97 12.79
CA TYR A 642 -18.10 30.55 13.71
C TYR A 642 -18.61 29.50 14.71
N ARG A 643 -18.51 29.84 16.00
CA ARG A 643 -18.80 28.97 17.15
C ARG A 643 -19.56 29.79 18.21
N PRO A 644 -20.85 30.06 18.00
CA PRO A 644 -21.68 30.85 18.90
C PRO A 644 -21.68 30.30 20.33
N PHE A 645 -21.70 31.17 21.33
CA PHE A 645 -21.91 30.84 22.73
C PHE A 645 -23.37 30.41 22.95
N LYS A 646 -23.63 29.09 23.00
CA LYS A 646 -24.98 28.49 22.97
C LYS A 646 -25.14 27.36 23.99
N SER A 647 -26.39 27.04 24.35
CA SER A 647 -26.69 25.78 25.05
C SER A 647 -26.48 24.57 24.14
N VAL A 648 -26.00 23.46 24.70
CA VAL A 648 -25.85 22.17 23.98
C VAL A 648 -27.20 21.55 23.59
N ARG A 649 -28.33 22.07 24.12
CA ARG A 649 -29.70 21.60 23.84
C ARG A 649 -30.18 21.90 22.40
N GLU A 650 -29.41 22.64 21.60
CA GLU A 650 -29.67 22.94 20.17
C GLU A 650 -31.03 23.60 19.89
N ALA A 651 -31.57 24.36 20.85
CA ALA A 651 -32.92 24.94 20.83
C ALA A 651 -34.05 23.89 20.58
N GLN A 652 -33.88 22.68 21.15
CA GLN A 652 -34.70 21.47 21.01
C GLN A 652 -34.57 20.78 19.64
N GLY B 27 6.99 3.68 -48.38
CA GLY B 27 6.16 4.40 -49.32
C GLY B 27 5.03 5.12 -48.63
N GLY B 28 3.78 4.79 -48.97
CA GLY B 28 2.58 5.35 -48.33
C GLY B 28 2.45 5.08 -46.83
N LEU B 29 3.25 4.17 -46.26
CA LEU B 29 3.30 3.90 -44.82
C LEU B 29 4.06 4.96 -44.01
N ASP B 30 4.81 5.87 -44.64
CA ASP B 30 5.70 6.80 -43.93
C ASP B 30 4.98 7.63 -42.85
N ARG B 31 3.82 8.22 -43.16
CA ARG B 31 2.93 8.92 -42.21
C ARG B 31 2.44 8.01 -41.09
N GLY B 32 2.22 6.75 -41.40
CA GLY B 32 1.88 5.74 -40.42
C GLY B 32 3.00 5.51 -39.41
N LEU B 33 4.22 5.22 -39.87
CA LEU B 33 5.35 5.03 -38.96
C LEU B 33 5.73 6.32 -38.22
N ILE B 34 5.57 7.50 -38.81
CA ILE B 34 5.76 8.77 -38.11
C ILE B 34 4.76 8.91 -36.95
N ALA B 35 3.47 8.67 -37.18
CA ALA B 35 2.47 8.70 -36.12
C ALA B 35 2.70 7.67 -35.03
N VAL B 36 3.15 6.46 -35.38
CA VAL B 36 3.60 5.44 -34.41
C VAL B 36 4.76 5.95 -33.56
N GLY B 37 5.79 6.56 -34.16
CA GLY B 37 6.91 7.17 -33.45
C GLY B 37 6.53 8.32 -32.52
N MET B 38 5.59 9.17 -32.91
CA MET B 38 5.03 10.23 -32.07
C MET B 38 4.31 9.69 -30.82
N GLY B 39 3.40 8.73 -30.98
CA GLY B 39 2.64 8.16 -29.87
C GLY B 39 3.54 7.49 -28.85
N LEU B 40 4.60 6.86 -29.33
CA LEU B 40 5.64 6.21 -28.54
C LEU B 40 6.52 7.22 -27.79
N ALA B 41 6.85 8.38 -28.40
CA ALA B 41 7.59 9.45 -27.73
C ALA B 41 6.82 10.04 -26.55
N VAL B 42 5.60 10.53 -26.75
CA VAL B 42 4.79 11.06 -25.65
C VAL B 42 4.46 9.98 -24.62
N GLY B 43 4.15 8.75 -25.06
CA GLY B 43 3.74 7.69 -24.16
C GLY B 43 4.83 7.24 -23.19
N LEU B 44 6.04 6.95 -23.65
CA LEU B 44 7.15 6.54 -22.79
C LEU B 44 7.66 7.68 -21.91
N ALA B 45 7.58 8.93 -22.38
CA ALA B 45 7.94 10.10 -21.58
C ALA B 45 6.90 10.44 -20.50
N ALA B 46 5.60 10.34 -20.80
CA ALA B 46 4.51 10.39 -19.82
C ALA B 46 4.61 9.26 -18.77
N LEU B 47 4.91 8.04 -19.21
CA LEU B 47 5.19 6.92 -18.30
C LEU B 47 6.38 7.20 -17.38
N GLY B 48 7.50 7.69 -17.90
CA GLY B 48 8.69 8.05 -17.11
C GLY B 48 8.44 9.08 -16.02
N THR B 49 7.75 10.18 -16.32
CA THR B 49 7.37 11.17 -15.29
C THR B 49 6.31 10.66 -14.32
N GLY B 50 5.42 9.75 -14.71
CA GLY B 50 4.48 9.11 -13.79
C GLY B 50 5.16 8.23 -12.74
N VAL B 51 6.17 7.46 -13.14
CA VAL B 51 7.04 6.68 -12.24
C VAL B 51 7.78 7.58 -11.24
N ALA B 52 8.27 8.75 -11.67
CA ALA B 52 8.90 9.72 -10.78
C ALA B 52 7.92 10.33 -9.78
N GLN B 53 6.76 10.79 -10.25
CA GLN B 53 5.75 11.43 -9.40
C GLN B 53 5.12 10.47 -8.39
N ALA B 54 5.09 9.16 -8.65
CA ALA B 54 4.55 8.17 -7.71
C ALA B 54 5.24 8.22 -6.34
N ARG B 55 6.56 8.11 -6.30
CA ARG B 55 7.35 8.18 -5.05
C ARG B 55 7.56 9.60 -4.54
N ILE B 56 7.87 10.55 -5.42
CA ILE B 56 8.10 11.95 -4.99
C ILE B 56 6.83 12.56 -4.40
N GLY B 57 5.64 12.26 -4.93
CA GLY B 57 4.36 12.79 -4.44
C GLY B 57 3.88 12.14 -3.16
N ALA B 58 4.13 10.86 -2.94
CA ALA B 58 3.84 10.21 -1.66
C ALA B 58 4.71 10.77 -0.52
N ALA B 59 5.99 11.04 -0.78
CA ALA B 59 6.88 11.70 0.17
C ALA B 59 6.44 13.13 0.51
N GLY B 60 5.82 13.87 -0.42
CA GLY B 60 5.23 15.19 -0.17
C GLY B 60 3.99 15.13 0.70
N VAL B 61 3.08 14.19 0.45
CA VAL B 61 1.92 13.93 1.32
C VAL B 61 2.37 13.50 2.73
N GLY B 62 3.48 12.76 2.83
CA GLY B 62 4.16 12.48 4.10
C GLY B 62 4.70 13.72 4.82
N ALA B 63 5.37 14.63 4.12
CA ALA B 63 5.91 15.86 4.68
C ALA B 63 4.83 16.86 5.10
N ILE B 64 3.77 17.04 4.29
CA ILE B 64 2.72 18.04 4.55
C ILE B 64 1.84 17.63 5.72
N ALA B 65 1.56 16.33 5.90
CA ALA B 65 0.81 15.85 7.05
C ALA B 65 1.60 15.95 8.37
N GLU B 66 2.93 16.07 8.33
CA GLU B 66 3.75 16.37 9.50
C GLU B 66 3.85 17.89 9.77
N ASP B 67 4.08 18.72 8.74
CA ASP B 67 4.18 20.18 8.89
C ASP B 67 3.75 20.87 7.59
N ARG B 68 2.72 21.72 7.65
CA ARG B 68 2.09 22.34 6.48
C ARG B 68 2.94 23.48 5.86
N SER B 69 4.05 23.86 6.49
CA SER B 69 5.08 24.69 5.86
C SER B 69 5.83 23.97 4.73
N ASN B 70 5.79 22.62 4.68
CA ASN B 70 6.43 21.83 3.64
C ASN B 70 5.72 21.86 2.27
N PHE B 71 4.51 22.40 2.15
CA PHE B 71 3.71 22.36 0.91
C PHE B 71 4.41 22.94 -0.32
N GLY B 72 5.10 24.08 -0.18
CA GLY B 72 5.83 24.71 -1.29
C GLY B 72 6.98 23.84 -1.80
N THR B 73 7.89 23.40 -0.93
CA THR B 73 9.01 22.53 -1.33
C THR B 73 8.54 21.14 -1.83
N ALA B 74 7.44 20.60 -1.30
CA ALA B 74 6.82 19.41 -1.86
C ALA B 74 6.41 19.60 -3.33
N LEU B 75 5.81 20.74 -3.69
CA LEU B 75 5.51 21.06 -5.09
C LEU B 75 6.75 21.24 -5.96
N ILE B 76 7.82 21.91 -5.51
CA ILE B 76 9.04 22.09 -6.32
C ILE B 76 9.60 20.72 -6.73
N PHE B 77 9.76 19.79 -5.79
CA PHE B 77 10.24 18.45 -6.12
C PHE B 77 9.24 17.67 -7.00
N LEU B 78 7.94 17.82 -6.79
CA LEU B 78 6.92 17.12 -7.58
C LEU B 78 6.82 17.62 -9.03
N LEU B 79 7.07 18.90 -9.28
CA LEU B 79 7.05 19.51 -10.63
C LEU B 79 8.34 19.29 -11.42
N LEU B 80 9.51 19.10 -10.79
CA LEU B 80 10.77 18.89 -11.52
C LEU B 80 10.80 17.68 -12.48
N PRO B 81 10.12 16.55 -12.21
CA PRO B 81 9.89 15.47 -13.19
C PRO B 81 9.07 15.86 -14.44
N GLU B 82 8.47 17.03 -14.49
CA GLU B 82 7.53 17.42 -15.58
C GLU B 82 8.30 17.85 -16.82
N THR B 83 9.57 18.08 -16.73
CA THR B 83 10.49 18.23 -17.87
C THR B 83 10.49 17.00 -18.78
N LEU B 84 10.30 15.79 -18.27
CA LEU B 84 10.45 14.56 -19.05
C LEU B 84 9.37 14.44 -20.10
N VAL B 85 8.10 14.66 -19.73
CA VAL B 85 7.02 14.72 -20.72
C VAL B 85 7.15 15.94 -21.62
N ILE B 86 7.60 17.09 -21.15
CA ILE B 86 7.87 18.26 -22.01
C ILE B 86 8.91 17.96 -23.10
N PHE B 87 10.02 17.27 -22.81
CA PHE B 87 11.00 16.88 -23.83
C PHE B 87 10.45 15.83 -24.81
N GLY B 88 9.67 14.85 -24.35
CA GLY B 88 9.04 13.87 -25.24
C GLY B 88 7.97 14.48 -26.13
N LEU B 89 7.21 15.43 -25.60
CA LEU B 89 6.15 16.19 -26.27
C LEU B 89 6.71 17.22 -27.27
N LEU B 90 7.83 17.87 -26.96
CA LEU B 90 8.61 18.69 -27.89
C LEU B 90 8.97 17.89 -29.15
N ILE B 91 9.48 16.67 -28.98
CA ILE B 91 9.82 15.79 -30.10
C ILE B 91 8.57 15.39 -30.89
N ALA B 92 7.46 15.03 -30.25
CA ALA B 92 6.21 14.75 -30.95
C ALA B 92 5.74 15.90 -31.85
N PHE B 93 5.80 17.16 -31.39
CA PHE B 93 5.49 18.34 -32.22
C PHE B 93 6.49 18.61 -33.35
N ILE B 94 7.75 18.17 -33.24
CA ILE B 94 8.74 18.22 -34.33
C ILE B 94 8.43 17.18 -35.42
N LEU B 95 8.05 15.97 -35.02
CA LEU B 95 7.62 14.90 -35.94
C LEU B 95 6.28 15.23 -36.63
N ASN B 96 5.32 15.84 -35.93
CA ASN B 96 4.03 16.23 -36.52
C ASN B 96 4.19 17.15 -37.74
N GLY B 97 5.25 17.97 -37.81
CA GLY B 97 5.57 18.80 -38.97
C GLY B 97 5.97 18.03 -40.24
N ARG B 98 6.16 16.70 -40.17
CA ARG B 98 6.44 15.81 -41.31
C ARG B 98 5.20 15.10 -41.87
N LEU B 99 4.07 15.09 -41.15
CA LEU B 99 2.83 14.39 -41.58
C LEU B 99 2.11 15.09 -42.73
N ALA C 24 6.30 -1.71 -50.59
CA ALA C 24 6.29 -0.26 -50.68
C ALA C 24 7.67 0.34 -51.01
N ALA C 25 7.71 1.60 -51.45
CA ALA C 25 8.95 2.30 -51.81
C ALA C 25 9.88 2.52 -50.60
N SER C 26 11.13 2.09 -50.66
CA SER C 26 12.04 2.16 -49.50
C SER C 26 12.33 3.60 -49.05
N GLY C 27 12.29 4.58 -49.97
CA GLY C 27 12.46 6.01 -49.70
C GLY C 27 11.26 6.71 -49.01
N GLY C 28 10.18 5.99 -48.73
CA GLY C 28 9.17 6.40 -47.75
C GLY C 28 9.43 5.77 -46.38
N LEU C 29 9.81 4.49 -46.36
CA LEU C 29 10.11 3.77 -45.12
C LEU C 29 11.33 4.31 -44.38
N ASP C 30 12.36 4.85 -45.03
CA ASP C 30 13.42 5.50 -44.27
C ASP C 30 12.87 6.68 -43.44
N ARG C 31 12.05 7.55 -44.03
CA ARG C 31 11.40 8.65 -43.29
C ARG C 31 10.52 8.12 -42.16
N GLY C 32 9.82 7.01 -42.39
CA GLY C 32 8.98 6.37 -41.41
C GLY C 32 9.75 5.82 -40.21
N LEU C 33 10.70 4.92 -40.44
CA LEU C 33 11.41 4.25 -39.35
C LEU C 33 12.46 5.13 -38.66
N ILE C 34 12.98 6.19 -39.30
CA ILE C 34 13.78 7.21 -38.59
C ILE C 34 12.94 7.91 -37.50
N ALA C 35 11.65 8.18 -37.73
CA ALA C 35 10.73 8.72 -36.72
C ALA C 35 10.37 7.74 -35.61
N VAL C 36 10.32 6.44 -35.87
CA VAL C 36 10.19 5.40 -34.82
C VAL C 36 11.46 5.33 -33.97
N GLY C 37 12.64 5.41 -34.59
CA GLY C 37 13.91 5.46 -33.88
C GLY C 37 14.04 6.65 -32.93
N MET C 38 13.54 7.83 -33.31
CA MET C 38 13.47 9.00 -32.42
C MET C 38 12.55 8.82 -31.21
N GLY C 39 11.41 8.17 -31.39
CA GLY C 39 10.50 7.84 -30.29
C GLY C 39 11.10 6.83 -29.32
N LEU C 40 11.87 5.87 -29.80
CA LEU C 40 12.66 4.95 -28.97
C LEU C 40 13.76 5.70 -28.21
N ALA C 41 14.57 6.50 -28.89
CA ALA C 41 15.68 7.21 -28.28
C ALA C 41 15.25 8.09 -27.10
N VAL C 42 14.27 8.98 -27.29
CA VAL C 42 13.83 9.89 -26.21
C VAL C 42 12.93 9.18 -25.21
N GLY C 43 12.00 8.33 -25.66
CA GLY C 43 11.08 7.64 -24.76
C GLY C 43 11.78 6.75 -23.74
N LEU C 44 12.65 5.83 -24.15
CA LEU C 44 13.36 4.98 -23.18
C LEU C 44 14.36 5.78 -22.32
N ALA C 45 14.94 6.86 -22.84
CA ALA C 45 15.85 7.71 -22.07
C ALA C 45 15.12 8.56 -21.03
N ALA C 46 13.95 9.12 -21.35
CA ALA C 46 13.04 9.79 -20.43
C ALA C 46 12.50 8.82 -19.36
N LEU C 47 12.15 7.59 -19.74
CA LEU C 47 11.82 6.53 -18.79
C LEU C 47 12.98 6.23 -17.83
N GLY C 48 14.22 6.19 -18.32
CA GLY C 48 15.42 5.98 -17.49
C GLY C 48 15.62 7.01 -16.39
N THR C 49 15.58 8.31 -16.70
CA THR C 49 15.66 9.35 -15.66
C THR C 49 14.41 9.39 -14.78
N GLY C 50 13.25 9.01 -15.27
CA GLY C 50 12.04 8.85 -14.46
C GLY C 50 12.17 7.79 -13.36
N VAL C 51 12.81 6.66 -13.64
CA VAL C 51 13.15 5.64 -12.63
C VAL C 51 14.18 6.18 -11.63
N ALA C 52 15.19 6.89 -12.09
CA ALA C 52 16.23 7.47 -11.22
C ALA C 52 15.67 8.51 -10.25
N GLN C 53 14.89 9.48 -10.74
CA GLN C 53 14.37 10.57 -9.92
C GLN C 53 13.35 10.10 -8.90
N ALA C 54 12.58 9.03 -9.16
CA ALA C 54 11.58 8.50 -8.25
C ALA C 54 12.13 8.28 -6.83
N ARG C 55 13.18 7.47 -6.69
CA ARG C 55 13.81 7.19 -5.40
C ARG C 55 14.70 8.32 -4.91
N ILE C 56 15.50 8.94 -5.77
CA ILE C 56 16.38 10.06 -5.36
C ILE C 56 15.59 11.24 -4.79
N GLY C 57 14.43 11.58 -5.35
CA GLY C 57 13.63 12.72 -4.92
C GLY C 57 12.78 12.42 -3.68
N ALA C 58 12.29 11.20 -3.51
CA ALA C 58 11.66 10.81 -2.25
C ALA C 58 12.66 10.83 -1.07
N ALA C 59 13.93 10.47 -1.30
CA ALA C 59 14.99 10.62 -0.32
C ALA C 59 15.29 12.10 -0.02
N GLY C 60 15.29 12.97 -1.02
CA GLY C 60 15.50 14.41 -0.88
C GLY C 60 14.40 15.11 -0.11
N VAL C 61 13.13 14.84 -0.41
CA VAL C 61 11.97 15.39 0.32
C VAL C 61 12.03 15.04 1.82
N GLY C 62 12.38 13.80 2.19
CA GLY C 62 12.59 13.41 3.59
C GLY C 62 13.74 14.15 4.27
N ALA C 63 14.89 14.26 3.59
CA ALA C 63 16.05 14.99 4.11
C ALA C 63 15.78 16.49 4.33
N ILE C 64 15.03 17.13 3.43
CA ILE C 64 14.65 18.55 3.57
C ILE C 64 13.58 18.74 4.67
N ALA C 65 12.60 17.85 4.78
CA ALA C 65 11.58 17.93 5.82
C ALA C 65 12.18 17.76 7.22
N GLU C 66 13.22 16.94 7.37
CA GLU C 66 14.01 16.88 8.60
C GLU C 66 14.82 18.16 8.87
N ASP C 67 15.56 18.65 7.88
CA ASP C 67 16.47 19.80 8.01
C ASP C 67 16.65 20.50 6.65
N ARG C 68 16.20 21.76 6.55
CA ARG C 68 16.24 22.54 5.31
C ARG C 68 17.64 22.82 4.77
N SER C 69 18.70 22.63 5.56
CA SER C 69 20.08 22.73 5.06
C SER C 69 20.45 21.62 4.07
N ASN C 70 19.65 20.55 3.97
CA ASN C 70 19.81 19.50 2.97
C ASN C 70 19.31 19.87 1.57
N PHE C 71 18.67 21.02 1.36
CA PHE C 71 18.03 21.37 0.08
C PHE C 71 18.98 21.36 -1.12
N GLY C 72 20.19 21.90 -0.99
CA GLY C 72 21.15 21.96 -2.10
C GLY C 72 21.61 20.58 -2.55
N THR C 73 22.07 19.74 -1.63
CA THR C 73 22.55 18.37 -1.94
C THR C 73 21.43 17.50 -2.49
N ALA C 74 20.19 17.64 -2.00
CA ALA C 74 19.03 16.94 -2.55
C ALA C 74 18.78 17.32 -4.03
N LEU C 75 18.83 18.62 -4.36
CA LEU C 75 18.58 19.12 -5.72
C LEU C 75 19.71 18.77 -6.69
N ILE C 76 20.97 18.82 -6.26
CA ILE C 76 22.12 18.35 -7.06
C ILE C 76 21.95 16.88 -7.43
N PHE C 77 21.67 16.01 -6.48
CA PHE C 77 21.44 14.58 -6.77
C PHE C 77 20.22 14.38 -7.68
N LEU C 78 19.15 15.16 -7.54
CA LEU C 78 17.95 15.03 -8.39
C LEU C 78 18.21 15.39 -9.85
N LEU C 79 19.01 16.43 -10.12
CA LEU C 79 19.27 16.93 -11.46
C LEU C 79 20.38 16.20 -12.23
N LEU C 80 21.29 15.49 -11.57
CA LEU C 80 22.31 14.67 -12.27
C LEU C 80 21.73 13.58 -13.22
N PRO C 81 20.71 12.80 -12.83
CA PRO C 81 20.00 11.89 -13.73
C PRO C 81 19.43 12.51 -15.01
N GLU C 82 19.21 13.82 -15.05
CA GLU C 82 18.63 14.49 -16.22
C GLU C 82 19.53 14.36 -17.45
N THR C 83 20.83 14.12 -17.26
CA THR C 83 21.78 13.81 -18.33
C THR C 83 21.35 12.63 -19.21
N LEU C 84 20.57 11.67 -18.68
CA LEU C 84 20.06 10.53 -19.45
C LEU C 84 19.09 10.94 -20.54
N VAL C 85 18.09 11.77 -20.23
CA VAL C 85 17.13 12.21 -21.26
C VAL C 85 17.82 13.13 -22.27
N ILE C 86 18.78 13.96 -21.86
CA ILE C 86 19.58 14.77 -22.79
C ILE C 86 20.39 13.90 -23.77
N PHE C 87 20.96 12.76 -23.35
CA PHE C 87 21.69 11.85 -24.24
C PHE C 87 20.78 11.18 -25.27
N GLY C 88 19.57 10.76 -24.89
CA GLY C 88 18.58 10.23 -25.84
C GLY C 88 18.07 11.28 -26.80
N LEU C 89 17.81 12.48 -26.29
CA LEU C 89 17.40 13.67 -27.03
C LEU C 89 18.46 14.15 -28.03
N LEU C 90 19.75 14.05 -27.73
CA LEU C 90 20.85 14.23 -28.68
C LEU C 90 20.76 13.28 -29.87
N ILE C 91 20.56 11.99 -29.63
CA ILE C 91 20.45 11.01 -30.71
C ILE C 91 19.19 11.26 -31.55
N ALA C 92 18.09 11.70 -30.94
CA ALA C 92 16.89 12.11 -31.66
C ALA C 92 17.11 13.34 -32.56
N PHE C 93 17.90 14.33 -32.14
CA PHE C 93 18.28 15.45 -33.01
C PHE C 93 19.30 15.07 -34.09
N ILE C 94 20.16 14.08 -33.88
CA ILE C 94 21.00 13.51 -34.96
C ILE C 94 20.16 12.76 -36.01
N LEU C 95 19.19 11.95 -35.60
CA LEU C 95 18.22 11.28 -36.48
C LEU C 95 17.34 12.27 -37.24
N ASN C 96 16.83 13.32 -36.60
CA ASN C 96 16.03 14.36 -37.25
C ASN C 96 16.80 15.09 -38.35
N GLY C 97 18.11 15.27 -38.20
CA GLY C 97 18.95 15.82 -39.25
C GLY C 97 19.01 14.97 -40.53
N ARG C 98 18.69 13.68 -40.45
CA ARG C 98 18.63 12.75 -41.61
C ARG C 98 17.21 12.64 -42.23
N LEU C 99 16.19 13.24 -41.62
CA LEU C 99 14.76 13.12 -41.99
C LEU C 99 14.31 14.21 -42.99
N SER D 26 17.16 -3.05 -49.27
CA SER D 26 17.21 -1.81 -50.04
C SER D 26 17.73 -0.64 -49.18
N GLY D 27 18.40 0.34 -49.79
CA GLY D 27 19.03 1.46 -49.08
C GLY D 27 18.08 2.22 -48.14
N GLY D 28 16.80 2.34 -48.49
CA GLY D 28 15.82 2.96 -47.60
C GLY D 28 15.41 2.10 -46.39
N LEU D 29 15.37 0.77 -46.54
CA LEU D 29 15.20 -0.11 -45.38
C LEU D 29 16.45 -0.11 -44.51
N ASP D 30 17.65 -0.04 -45.08
CA ASP D 30 18.86 0.16 -44.28
C ASP D 30 18.76 1.46 -43.46
N ARG D 31 18.53 2.59 -44.10
CA ARG D 31 18.48 3.90 -43.42
C ARG D 31 17.42 3.92 -42.32
N GLY D 32 16.19 3.50 -42.63
CA GLY D 32 15.12 3.42 -41.66
C GLY D 32 15.43 2.51 -40.49
N LEU D 33 15.89 1.29 -40.76
CA LEU D 33 15.99 0.23 -39.75
C LEU D 33 17.31 0.29 -38.95
N ILE D 34 18.38 0.88 -39.49
CA ILE D 34 19.56 1.28 -38.70
C ILE D 34 19.16 2.28 -37.62
N ALA D 35 18.33 3.26 -37.95
CA ALA D 35 17.88 4.29 -37.01
C ALA D 35 17.02 3.76 -35.86
N VAL D 36 16.27 2.66 -35.99
CA VAL D 36 15.65 2.00 -34.81
C VAL D 36 16.65 1.22 -33.95
N GLY D 37 17.70 0.65 -34.55
CA GLY D 37 18.80 0.02 -33.82
C GLY D 37 19.60 1.00 -32.96
N MET D 38 19.75 2.25 -33.39
CA MET D 38 20.33 3.34 -32.59
C MET D 38 19.43 3.76 -31.43
N GLY D 39 18.12 3.84 -31.65
CA GLY D 39 17.16 4.16 -30.61
C GLY D 39 17.14 3.12 -29.49
N LEU D 40 17.21 1.84 -29.83
CA LEU D 40 17.41 0.75 -28.87
C LEU D 40 18.77 0.85 -28.17
N ALA D 41 19.87 1.07 -28.88
CA ALA D 41 21.19 1.14 -28.25
C ALA D 41 21.27 2.25 -27.19
N VAL D 42 20.92 3.49 -27.50
CA VAL D 42 20.97 4.58 -26.49
C VAL D 42 19.86 4.45 -25.45
N GLY D 43 18.62 4.23 -25.86
CA GLY D 43 17.47 4.31 -24.98
C GLY D 43 17.46 3.21 -23.93
N LEU D 44 17.77 1.98 -24.35
CA LEU D 44 17.77 0.80 -23.49
C LEU D 44 18.97 0.79 -22.53
N ALA D 45 20.09 1.41 -22.91
CA ALA D 45 21.24 1.64 -22.03
C ALA D 45 21.06 2.83 -21.06
N ALA D 46 20.38 3.90 -21.48
CA ALA D 46 19.98 5.00 -20.61
C ALA D 46 19.01 4.55 -19.52
N LEU D 47 18.08 3.66 -19.85
CA LEU D 47 17.24 2.95 -18.89
C LEU D 47 18.07 2.11 -17.90
N GLY D 48 19.10 1.40 -18.36
CA GLY D 48 20.10 0.71 -17.53
C GLY D 48 20.85 1.61 -16.55
N THR D 49 21.39 2.77 -16.95
CA THR D 49 21.98 3.72 -15.99
C THR D 49 20.95 4.25 -15.01
N GLY D 50 19.74 4.56 -15.45
CA GLY D 50 18.69 5.10 -14.57
C GLY D 50 18.24 4.13 -13.47
N VAL D 51 18.06 2.84 -13.78
CA VAL D 51 17.73 1.83 -12.76
C VAL D 51 18.85 1.62 -11.74
N ALA D 52 20.12 1.86 -12.09
CA ALA D 52 21.22 1.86 -11.14
C ALA D 52 21.23 3.10 -10.23
N GLN D 53 21.12 4.30 -10.80
CA GLN D 53 21.17 5.57 -10.07
C GLN D 53 20.02 5.75 -9.09
N ALA D 54 18.85 5.14 -9.32
CA ALA D 54 17.70 5.21 -8.42
C ALA D 54 18.03 4.77 -6.99
N ARG D 55 18.51 3.54 -6.79
CA ARG D 55 18.85 3.01 -5.46
C ARG D 55 20.15 3.58 -4.91
N ILE D 56 21.18 3.74 -5.74
CA ILE D 56 22.46 4.30 -5.31
C ILE D 56 22.30 5.74 -4.82
N GLY D 57 21.54 6.59 -5.53
CA GLY D 57 21.35 7.98 -5.16
C GLY D 57 20.43 8.19 -3.95
N ALA D 58 19.42 7.34 -3.74
CA ALA D 58 18.64 7.36 -2.51
C ALA D 58 19.48 7.03 -1.27
N ALA D 59 20.36 6.03 -1.35
CA ALA D 59 21.34 5.73 -0.30
C ALA D 59 22.35 6.88 -0.10
N GLY D 60 22.80 7.52 -1.19
CA GLY D 60 23.71 8.65 -1.15
C GLY D 60 23.17 9.87 -0.45
N VAL D 61 21.96 10.33 -0.78
CA VAL D 61 21.28 11.43 -0.10
C VAL D 61 21.14 11.15 1.40
N GLY D 62 20.71 9.94 1.78
CA GLY D 62 20.62 9.54 3.19
C GLY D 62 21.97 9.56 3.91
N ALA D 63 23.03 9.01 3.31
CA ALA D 63 24.37 9.02 3.90
C ALA D 63 24.91 10.45 4.09
N ILE D 64 24.67 11.35 3.15
CA ILE D 64 25.07 12.76 3.23
C ILE D 64 24.26 13.50 4.31
N ALA D 65 23.00 13.15 4.52
CA ALA D 65 22.21 13.69 5.63
C ALA D 65 22.71 13.20 7.00
N GLU D 66 23.14 11.94 7.13
CA GLU D 66 23.77 11.41 8.36
C GLU D 66 25.09 12.11 8.70
N ASP D 67 25.92 12.41 7.69
CA ASP D 67 27.25 12.99 7.82
C ASP D 67 27.67 13.61 6.47
N ARG D 68 27.91 14.91 6.37
CA ARG D 68 28.26 15.54 5.08
C ARG D 68 29.61 15.08 4.52
N SER D 69 30.43 14.37 5.30
CA SER D 69 31.80 13.99 4.91
C SER D 69 31.86 12.96 3.79
N ASN D 70 30.78 12.18 3.58
CA ASN D 70 30.72 11.11 2.58
C ASN D 70 30.17 11.55 1.21
N PHE D 71 30.02 12.86 0.96
CA PHE D 71 29.62 13.40 -0.35
C PHE D 71 30.49 12.90 -1.50
N GLY D 72 31.81 12.79 -1.33
CA GLY D 72 32.71 12.30 -2.36
C GLY D 72 32.47 10.84 -2.74
N THR D 73 32.27 9.96 -1.75
CA THR D 73 31.88 8.56 -1.96
C THR D 73 30.52 8.46 -2.65
N ALA D 74 29.53 9.20 -2.17
CA ALA D 74 28.19 9.16 -2.72
C ALA D 74 28.17 9.64 -4.18
N LEU D 75 28.93 10.67 -4.54
CA LEU D 75 29.03 11.14 -5.93
C LEU D 75 29.81 10.16 -6.83
N ILE D 76 30.93 9.59 -6.38
CA ILE D 76 31.66 8.54 -7.12
C ILE D 76 30.75 7.35 -7.43
N PHE D 77 29.99 6.85 -6.45
CA PHE D 77 29.07 5.74 -6.69
C PHE D 77 27.88 6.13 -7.60
N LEU D 78 27.40 7.38 -7.59
CA LEU D 78 26.33 7.81 -8.51
C LEU D 78 26.79 7.92 -9.96
N LEU D 79 28.05 8.26 -10.21
CA LEU D 79 28.63 8.48 -11.53
C LEU D 79 29.16 7.21 -12.22
N LEU D 80 29.52 6.25 -11.39
CA LEU D 80 30.03 4.98 -11.92
C LEU D 80 28.92 4.26 -12.67
N PRO D 81 27.64 4.27 -12.26
CA PRO D 81 26.56 3.68 -13.06
C PRO D 81 26.38 4.34 -14.43
N GLU D 82 26.99 5.48 -14.70
CA GLU D 82 26.86 6.24 -15.96
C GLU D 82 27.90 5.83 -17.01
N THR D 83 28.22 4.55 -17.15
CA THR D 83 29.23 4.01 -18.08
C THR D 83 28.41 3.10 -19.00
N LEU D 84 27.27 2.63 -18.54
CA LEU D 84 26.21 1.90 -19.23
C LEU D 84 25.65 2.72 -20.40
N VAL D 85 25.16 3.94 -20.16
CA VAL D 85 24.66 4.81 -21.23
C VAL D 85 25.75 5.23 -22.20
N ILE D 86 26.98 5.47 -21.74
CA ILE D 86 28.11 5.78 -22.63
C ILE D 86 28.46 4.62 -23.57
N PHE D 87 28.35 3.35 -23.15
CA PHE D 87 28.53 2.21 -24.07
C PHE D 87 27.41 2.11 -25.10
N GLY D 88 26.14 2.34 -24.72
CA GLY D 88 25.04 2.39 -25.69
C GLY D 88 25.19 3.54 -26.68
N LEU D 89 25.65 4.69 -26.23
CA LEU D 89 25.93 5.87 -27.03
C LEU D 89 27.08 5.64 -28.03
N LEU D 90 28.11 4.89 -27.65
CA LEU D 90 29.20 4.49 -28.55
C LEU D 90 28.69 3.65 -29.71
N ILE D 91 27.91 2.59 -29.45
CA ILE D 91 27.29 1.79 -30.52
C ILE D 91 26.34 2.64 -31.37
N ALA D 92 25.57 3.57 -30.81
CA ALA D 92 24.77 4.50 -31.60
C ALA D 92 25.60 5.41 -32.53
N PHE D 93 26.80 5.87 -32.14
CA PHE D 93 27.70 6.60 -33.03
C PHE D 93 28.42 5.72 -34.05
N ILE D 94 28.75 4.46 -33.73
CA ILE D 94 29.23 3.48 -34.73
C ILE D 94 28.15 3.22 -35.81
N LEU D 95 26.89 3.07 -35.42
CA LEU D 95 25.75 2.91 -36.34
C LEU D 95 25.51 4.18 -37.16
N ASN D 96 25.55 5.37 -36.57
CA ASN D 96 25.35 6.62 -37.32
C ASN D 96 26.41 6.82 -38.42
N GLY D 97 27.62 6.28 -38.28
CA GLY D 97 28.62 6.27 -39.35
C GLY D 97 28.24 5.44 -40.58
N ARG D 98 27.30 4.49 -40.46
CA ARG D 98 26.75 3.67 -41.55
C ARG D 98 25.55 4.35 -42.24
N LEU D 99 24.75 5.07 -41.46
CA LEU D 99 23.53 5.78 -41.82
C LEU D 99 23.81 6.99 -42.72
N SER E 26 12.43 -6.42 -48.60
CA SER E 26 12.58 -6.51 -50.06
C SER E 26 13.58 -7.56 -50.53
N GLY E 27 14.23 -8.27 -49.59
CA GLY E 27 15.35 -9.21 -49.83
C GLY E 27 16.75 -8.57 -49.70
N GLY E 28 16.87 -7.24 -49.70
CA GLY E 28 18.10 -6.49 -49.42
C GLY E 28 18.30 -6.04 -47.96
N LEU E 29 17.49 -6.58 -47.05
CA LEU E 29 17.24 -6.07 -45.69
C LEU E 29 18.35 -6.24 -44.63
N ASP E 30 19.44 -6.96 -44.90
CA ASP E 30 20.29 -7.50 -43.83
C ASP E 30 20.92 -6.43 -42.92
N ARG E 31 21.55 -5.37 -43.44
CA ARG E 31 22.20 -4.34 -42.62
C ARG E 31 21.25 -3.67 -41.65
N GLY E 32 20.00 -3.47 -42.05
CA GLY E 32 18.93 -2.99 -41.18
C GLY E 32 18.69 -3.90 -39.98
N LEU E 33 18.49 -5.21 -40.17
CA LEU E 33 18.32 -6.14 -39.06
C LEU E 33 19.62 -6.35 -38.25
N ILE E 34 20.80 -6.31 -38.88
CA ILE E 34 22.07 -6.44 -38.17
C ILE E 34 22.26 -5.29 -37.19
N ALA E 35 21.92 -4.05 -37.56
CA ALA E 35 21.90 -2.92 -36.64
C ALA E 35 20.90 -3.08 -35.49
N VAL E 36 19.70 -3.62 -35.73
CA VAL E 36 18.76 -3.96 -34.65
C VAL E 36 19.34 -5.01 -33.71
N GLY E 37 20.02 -6.03 -34.22
CA GLY E 37 20.74 -7.02 -33.42
C GLY E 37 21.83 -6.40 -32.54
N MET E 38 22.62 -5.44 -33.04
CA MET E 38 23.57 -4.67 -32.22
C MET E 38 22.91 -3.87 -31.10
N GLY E 39 21.78 -3.21 -31.37
CA GLY E 39 21.05 -2.45 -30.36
C GLY E 39 20.50 -3.33 -29.25
N LEU E 40 19.93 -4.49 -29.58
CA LEU E 40 19.47 -5.48 -28.61
C LEU E 40 20.64 -6.10 -27.82
N ALA E 41 21.74 -6.47 -28.48
CA ALA E 41 22.89 -7.04 -27.81
C ALA E 41 23.50 -6.09 -26.77
N VAL E 42 23.84 -4.84 -27.12
CA VAL E 42 24.41 -3.89 -26.15
C VAL E 42 23.36 -3.36 -25.18
N GLY E 43 22.21 -2.91 -25.65
CA GLY E 43 21.25 -2.17 -24.84
C GLY E 43 20.55 -3.01 -23.79
N LEU E 44 20.39 -4.31 -24.04
CA LEU E 44 19.69 -5.20 -23.12
C LEU E 44 20.64 -5.85 -22.10
N ALA E 45 21.91 -6.04 -22.47
CA ALA E 45 22.99 -6.38 -21.54
C ALA E 45 23.43 -5.18 -20.67
N ALA E 46 23.33 -3.95 -21.18
CA ALA E 46 23.44 -2.71 -20.40
C ALA E 46 22.33 -2.60 -19.34
N LEU E 47 21.09 -2.96 -19.69
CA LEU E 47 19.97 -3.09 -18.77
C LEU E 47 20.29 -4.11 -17.66
N GLY E 48 20.84 -5.27 -18.02
CA GLY E 48 21.28 -6.31 -17.08
C GLY E 48 22.30 -5.86 -16.04
N THR E 49 23.40 -5.22 -16.44
CA THR E 49 24.35 -4.67 -15.45
C THR E 49 23.76 -3.53 -14.62
N GLY E 50 22.78 -2.78 -15.14
CA GLY E 50 22.10 -1.74 -14.37
C GLY E 50 21.27 -2.29 -13.22
N VAL E 51 20.49 -3.34 -13.45
CA VAL E 51 19.74 -4.08 -12.41
C VAL E 51 20.69 -4.61 -11.33
N ALA E 52 21.85 -5.17 -11.72
CA ALA E 52 22.83 -5.68 -10.78
C ALA E 52 23.45 -4.59 -9.90
N GLN E 53 23.97 -3.52 -10.50
CA GLN E 53 24.64 -2.44 -9.79
C GLN E 53 23.71 -1.65 -8.88
N ALA E 54 22.40 -1.57 -9.17
CA ALA E 54 21.44 -0.84 -8.34
C ALA E 54 21.44 -1.27 -6.88
N ARG E 55 21.29 -2.58 -6.64
CA ARG E 55 21.18 -3.17 -5.29
C ARG E 55 22.54 -3.36 -4.63
N ILE E 56 23.55 -3.77 -5.39
CA ILE E 56 24.93 -3.91 -4.89
C ILE E 56 25.50 -2.54 -4.47
N GLY E 57 25.30 -1.50 -5.27
CA GLY E 57 25.85 -0.17 -5.02
C GLY E 57 25.18 0.58 -3.88
N ALA E 58 23.88 0.40 -3.64
CA ALA E 58 23.21 0.96 -2.48
C ALA E 58 23.69 0.30 -1.17
N ALA E 59 23.92 -1.01 -1.18
CA ALA E 59 24.53 -1.73 -0.06
C ALA E 59 25.99 -1.31 0.16
N GLY E 60 26.77 -1.12 -0.91
CA GLY E 60 28.13 -0.57 -0.84
C GLY E 60 28.20 0.84 -0.26
N VAL E 61 27.40 1.81 -0.73
CA VAL E 61 27.34 3.18 -0.15
C VAL E 61 26.99 3.15 1.33
N GLY E 62 26.01 2.33 1.74
CA GLY E 62 25.64 2.16 3.15
C GLY E 62 26.75 1.57 4.01
N ALA E 63 27.49 0.58 3.51
CA ALA E 63 28.62 -0.02 4.23
C ALA E 63 29.77 0.97 4.44
N ILE E 64 30.11 1.77 3.42
CA ILE E 64 31.16 2.78 3.53
C ILE E 64 30.76 3.90 4.50
N ALA E 65 29.47 4.22 4.62
CA ALA E 65 28.98 5.18 5.60
C ALA E 65 29.07 4.69 7.06
N GLU E 66 29.04 3.37 7.29
CA GLU E 66 29.28 2.75 8.60
C GLU E 66 30.77 2.63 8.96
N ASP E 67 31.62 2.30 7.99
CA ASP E 67 33.06 2.08 8.18
C ASP E 67 33.83 2.35 6.87
N ARG E 68 34.65 3.39 6.83
CA ARG E 68 35.38 3.80 5.63
C ARG E 68 36.34 2.75 5.10
N SER E 69 36.73 1.75 5.89
CA SER E 69 37.56 0.63 5.40
C SER E 69 36.82 -0.30 4.43
N ASN E 70 35.49 -0.30 4.40
CA ASN E 70 34.69 -1.17 3.53
C ASN E 70 34.72 -0.76 2.04
N PHE E 71 35.40 0.33 1.67
CA PHE E 71 35.46 0.85 0.29
C PHE E 71 36.03 -0.13 -0.74
N GLY E 72 37.07 -0.88 -0.38
CA GLY E 72 37.72 -1.85 -1.27
C GLY E 72 36.79 -3.00 -1.71
N THR E 73 36.11 -3.67 -0.78
CA THR E 73 35.17 -4.74 -1.14
C THR E 73 33.90 -4.19 -1.79
N ALA E 74 33.35 -3.09 -1.28
CA ALA E 74 32.18 -2.44 -1.89
C ALA E 74 32.40 -2.05 -3.35
N LEU E 75 33.55 -1.46 -3.71
CA LEU E 75 33.89 -1.10 -5.08
C LEU E 75 34.16 -2.33 -5.98
N ILE E 76 34.88 -3.36 -5.51
CA ILE E 76 35.08 -4.62 -6.25
C ILE E 76 33.74 -5.29 -6.59
N PHE E 77 32.80 -5.38 -5.64
CA PHE E 77 31.47 -5.91 -5.90
C PHE E 77 30.64 -5.03 -6.85
N LEU E 78 30.77 -3.70 -6.82
CA LEU E 78 30.10 -2.79 -7.76
C LEU E 78 30.59 -2.97 -9.21
N LEU E 79 31.89 -3.10 -9.31
CA LEU E 79 32.55 -3.16 -10.60
C LEU E 79 32.59 -4.58 -11.16
N LEU E 80 32.09 -5.55 -10.46
CA LEU E 80 32.18 -6.94 -10.94
C LEU E 80 30.94 -7.17 -11.79
N PRO E 81 29.71 -6.79 -11.41
CA PRO E 81 28.56 -6.82 -12.29
C PRO E 81 28.69 -6.10 -13.63
N GLU E 82 29.85 -5.57 -14.00
CA GLU E 82 30.06 -4.74 -15.21
C GLU E 82 30.81 -5.58 -16.22
N THR E 83 30.38 -6.80 -16.42
CA THR E 83 31.03 -7.78 -17.29
C THR E 83 29.91 -8.40 -18.03
N LEU E 84 28.71 -7.90 -17.84
CA LEU E 84 27.49 -8.38 -18.47
C LEU E 84 27.32 -7.42 -19.63
N VAL E 85 27.83 -6.20 -19.56
CA VAL E 85 27.77 -5.11 -20.57
C VAL E 85 28.93 -5.23 -21.54
N ILE E 86 30.05 -5.84 -21.21
CA ILE E 86 31.23 -6.21 -22.00
C ILE E 86 30.97 -7.44 -22.91
N PHE E 87 30.18 -8.43 -22.48
CA PHE E 87 29.68 -9.49 -23.37
C PHE E 87 28.65 -9.00 -24.39
N GLY E 88 27.81 -8.02 -24.04
CA GLY E 88 26.94 -7.34 -25.00
C GLY E 88 27.71 -6.63 -26.10
N LEU E 89 28.75 -5.87 -25.74
CA LEU E 89 29.65 -5.20 -26.69
C LEU E 89 30.41 -6.18 -27.57
N LEU E 90 30.82 -7.34 -27.06
CA LEU E 90 31.47 -8.37 -27.87
C LEU E 90 30.56 -8.81 -29.02
N ILE E 91 29.31 -9.19 -28.74
CA ILE E 91 28.37 -9.60 -29.80
C ILE E 91 28.04 -8.43 -30.73
N ALA E 92 27.84 -7.21 -30.22
CA ALA E 92 27.64 -6.05 -31.07
C ALA E 92 28.84 -5.73 -31.99
N PHE E 93 30.10 -5.85 -31.54
CA PHE E 93 31.26 -5.68 -32.41
C PHE E 93 31.52 -6.86 -33.36
N ILE E 94 31.18 -8.10 -33.01
CA ILE E 94 31.17 -9.22 -33.97
C ILE E 94 30.17 -8.92 -35.11
N LEU E 95 28.94 -8.50 -34.78
CA LEU E 95 27.93 -8.08 -35.76
C LEU E 95 28.37 -6.85 -36.58
N ASN E 96 29.09 -5.89 -35.99
CA ASN E 96 29.64 -4.74 -36.72
C ASN E 96 30.66 -5.12 -37.82
N GLY E 97 31.34 -6.26 -37.70
CA GLY E 97 32.23 -6.75 -38.75
C GLY E 97 31.49 -7.32 -39.97
N ARG E 98 30.18 -7.56 -39.87
CA ARG E 98 29.35 -8.25 -40.88
C ARG E 98 28.43 -7.32 -41.69
N LEU E 99 28.48 -6.02 -41.40
CA LEU E 99 27.70 -4.93 -42.00
C LEU E 99 28.55 -4.15 -43.01
N SER F 26 22.77 -16.59 -46.68
CA SER F 26 22.41 -15.85 -47.88
C SER F 26 20.96 -15.33 -47.85
N GLY F 27 20.69 -14.20 -48.52
CA GLY F 27 19.39 -13.53 -48.55
C GLY F 27 19.13 -12.65 -47.34
N GLY F 28 18.59 -11.45 -47.54
CA GLY F 28 18.65 -10.39 -46.54
C GLY F 28 17.88 -10.66 -45.25
N LEU F 29 16.65 -11.19 -45.34
CA LEU F 29 15.82 -11.48 -44.17
C LEU F 29 16.40 -12.64 -43.34
N ASP F 30 16.90 -13.70 -43.99
CA ASP F 30 17.57 -14.82 -43.33
C ASP F 30 18.81 -14.35 -42.55
N ARG F 31 19.78 -13.76 -43.27
CA ARG F 31 21.04 -13.24 -42.73
C ARG F 31 20.82 -12.16 -41.65
N GLY F 32 19.74 -11.41 -41.75
CA GLY F 32 19.35 -10.37 -40.80
C GLY F 32 18.66 -10.91 -39.56
N LEU F 33 17.70 -11.82 -39.68
CA LEU F 33 17.00 -12.40 -38.53
C LEU F 33 17.93 -13.25 -37.66
N ILE F 34 18.97 -13.87 -38.22
CA ILE F 34 20.03 -14.51 -37.44
C ILE F 34 20.68 -13.52 -36.46
N ALA F 35 21.02 -12.30 -36.88
CA ALA F 35 21.54 -11.26 -35.99
C ALA F 35 20.52 -10.78 -34.93
N VAL F 36 19.22 -10.85 -35.19
CA VAL F 36 18.17 -10.56 -34.20
C VAL F 36 18.08 -11.65 -33.14
N GLY F 37 18.07 -12.92 -33.55
CA GLY F 37 18.08 -14.05 -32.62
C GLY F 37 19.33 -14.07 -31.75
N MET F 38 20.47 -13.77 -32.34
CA MET F 38 21.77 -13.65 -31.68
C MET F 38 21.85 -12.50 -30.66
N GLY F 39 21.24 -11.35 -30.96
CA GLY F 39 21.05 -10.25 -30.02
C GLY F 39 20.11 -10.58 -28.85
N LEU F 40 19.01 -11.29 -29.08
CA LEU F 40 18.14 -11.78 -27.99
C LEU F 40 18.81 -12.83 -27.11
N ALA F 41 19.57 -13.76 -27.68
CA ALA F 41 20.25 -14.82 -26.93
C ALA F 41 21.22 -14.25 -25.90
N VAL F 42 22.13 -13.33 -26.27
CA VAL F 42 23.02 -12.66 -25.31
C VAL F 42 22.28 -11.65 -24.43
N GLY F 43 21.37 -10.84 -24.97
CA GLY F 43 20.72 -9.76 -24.23
C GLY F 43 19.81 -10.27 -23.10
N LEU F 44 18.99 -11.29 -23.33
CA LEU F 44 18.09 -11.84 -22.32
C LEU F 44 18.83 -12.68 -21.27
N ALA F 45 19.92 -13.34 -21.65
CA ALA F 45 20.76 -14.09 -20.73
C ALA F 45 21.64 -13.18 -19.84
N ALA F 46 22.22 -12.12 -20.40
CA ALA F 46 22.92 -11.06 -19.66
C ALA F 46 21.97 -10.26 -18.74
N LEU F 47 20.74 -9.98 -19.17
CA LEU F 47 19.68 -9.46 -18.31
C LEU F 47 19.38 -10.42 -17.15
N GLY F 48 19.21 -11.71 -17.44
CA GLY F 48 18.94 -12.76 -16.45
C GLY F 48 20.00 -12.91 -15.36
N THR F 49 21.29 -12.98 -15.70
CA THR F 49 22.35 -13.00 -14.68
C THR F 49 22.49 -11.69 -13.92
N GLY F 50 22.06 -10.55 -14.49
CA GLY F 50 21.99 -9.27 -13.79
C GLY F 50 20.94 -9.22 -12.71
N VAL F 51 19.75 -9.78 -12.94
CA VAL F 51 18.71 -9.98 -11.91
C VAL F 51 19.22 -10.87 -10.77
N ALA F 52 20.04 -11.91 -10.80
CA ALA F 52 20.46 -12.74 -9.63
C ALA F 52 21.42 -12.07 -8.68
N GLN F 53 22.40 -11.34 -9.11
CA GLN F 53 23.48 -10.76 -8.32
C GLN F 53 23.13 -9.41 -7.77
N ALA F 54 21.98 -8.88 -8.05
CA ALA F 54 21.54 -7.66 -7.43
C ALA F 54 21.21 -8.13 -6.08
N ARG F 55 20.45 -9.23 -6.03
CA ARG F 55 20.20 -9.62 -4.63
C ARG F 55 21.32 -10.43 -4.01
N ILE F 56 21.97 -11.31 -4.74
CA ILE F 56 23.07 -12.14 -4.21
C ILE F 56 24.29 -11.28 -3.85
N GLY F 57 24.62 -10.27 -4.66
CA GLY F 57 25.73 -9.36 -4.37
C GLY F 57 25.43 -8.39 -3.24
N ALA F 58 24.18 -7.92 -3.10
CA ALA F 58 23.77 -7.11 -1.96
C ALA F 58 23.85 -7.88 -0.62
N ALA F 59 23.40 -9.14 -0.58
CA ALA F 59 23.59 -10.03 0.56
C ALA F 59 25.07 -10.31 0.87
N GLY F 60 25.92 -10.47 -0.16
CA GLY F 60 27.36 -10.70 -0.02
C GLY F 60 28.11 -9.52 0.58
N VAL F 61 27.92 -8.30 0.08
CA VAL F 61 28.63 -7.13 0.62
C VAL F 61 28.17 -6.78 2.05
N GLY F 62 26.90 -7.02 2.40
CA GLY F 62 26.44 -6.93 3.79
C GLY F 62 27.03 -8.01 4.71
N ALA F 63 27.15 -9.26 4.24
CA ALA F 63 27.82 -10.32 4.98
C ALA F 63 29.31 -10.06 5.20
N ILE F 64 30.02 -9.44 4.24
CA ILE F 64 31.43 -9.07 4.43
C ILE F 64 31.58 -7.86 5.37
N ALA F 65 30.62 -6.94 5.40
CA ALA F 65 30.57 -5.88 6.41
C ALA F 65 30.34 -6.41 7.83
N GLU F 66 29.62 -7.51 8.00
CA GLU F 66 29.48 -8.23 9.26
C GLU F 66 30.76 -8.98 9.68
N ASP F 67 31.45 -9.67 8.76
CA ASP F 67 32.76 -10.27 9.02
C ASP F 67 33.55 -10.57 7.73
N ARG F 68 34.87 -10.34 7.72
CA ARG F 68 35.74 -10.55 6.54
C ARG F 68 35.82 -12.00 6.07
N SER F 69 35.64 -12.99 6.96
CA SER F 69 35.70 -14.41 6.59
C SER F 69 34.60 -14.85 5.60
N ASN F 70 33.56 -14.03 5.39
CA ASN F 70 32.49 -14.27 4.42
C ASN F 70 32.87 -13.96 2.97
N PHE F 71 34.06 -13.42 2.68
CA PHE F 71 34.45 -13.00 1.34
C PHE F 71 34.40 -14.13 0.30
N GLY F 72 34.95 -15.31 0.61
CA GLY F 72 35.01 -16.44 -0.31
C GLY F 72 33.64 -16.96 -0.71
N THR F 73 32.74 -17.18 0.25
CA THR F 73 31.39 -17.69 -0.05
C THR F 73 30.53 -16.65 -0.76
N ALA F 74 30.68 -15.36 -0.44
CA ALA F 74 30.02 -14.29 -1.16
C ALA F 74 30.43 -14.25 -2.65
N LEU F 75 31.73 -14.32 -2.99
CA LEU F 75 32.15 -14.40 -4.40
C LEU F 75 31.69 -15.68 -5.10
N ILE F 76 31.77 -16.85 -4.48
CA ILE F 76 31.29 -18.08 -5.11
C ILE F 76 29.80 -17.98 -5.46
N PHE F 77 28.96 -17.50 -4.54
CA PHE F 77 27.53 -17.32 -4.82
C PHE F 77 27.27 -16.24 -5.88
N LEU F 78 28.04 -15.14 -5.92
CA LEU F 78 27.92 -14.09 -6.94
C LEU F 78 28.28 -14.57 -8.35
N LEU F 79 29.29 -15.41 -8.48
CA LEU F 79 29.84 -15.82 -9.77
C LEU F 79 29.13 -17.04 -10.38
N LEU F 80 28.52 -17.92 -9.60
CA LEU F 80 27.69 -19.01 -10.13
C LEU F 80 26.60 -18.54 -11.13
N PRO F 81 25.81 -17.52 -10.69
CA PRO F 81 24.86 -16.85 -11.53
C PRO F 81 25.42 -16.43 -12.89
N GLU F 82 26.72 -16.36 -13.06
CA GLU F 82 27.41 -15.97 -14.31
C GLU F 82 27.54 -17.18 -15.21
N THR F 83 26.69 -18.17 -15.05
CA THR F 83 26.70 -19.42 -15.84
C THR F 83 25.53 -19.32 -16.78
N LEU F 84 24.71 -18.29 -16.67
CA LEU F 84 23.59 -17.95 -17.54
C LEU F 84 24.05 -17.18 -18.78
N VAL F 85 24.95 -16.20 -18.67
CA VAL F 85 25.44 -15.47 -19.85
C VAL F 85 26.39 -16.30 -20.70
N ILE F 86 27.16 -17.22 -20.11
CA ILE F 86 27.94 -18.20 -20.89
C ILE F 86 27.02 -19.07 -21.78
N PHE F 87 25.86 -19.50 -21.31
CA PHE F 87 24.91 -20.23 -22.16
C PHE F 87 24.32 -19.37 -23.29
N GLY F 88 24.04 -18.10 -23.04
CA GLY F 88 23.63 -17.16 -24.08
C GLY F 88 24.71 -16.89 -25.14
N LEU F 89 25.97 -16.77 -24.74
CA LEU F 89 27.12 -16.65 -25.65
C LEU F 89 27.33 -17.91 -26.49
N LEU F 90 27.23 -19.12 -25.92
CA LEU F 90 27.33 -20.38 -26.66
C LEU F 90 26.31 -20.44 -27.81
N ILE F 91 25.04 -20.14 -27.55
CA ILE F 91 24.01 -20.11 -28.60
C ILE F 91 24.26 -18.98 -29.60
N ALA F 92 24.67 -17.78 -29.17
CA ALA F 92 25.04 -16.70 -30.08
C ALA F 92 26.24 -17.04 -30.96
N PHE F 93 27.26 -17.74 -30.49
CA PHE F 93 28.39 -18.20 -31.32
C PHE F 93 28.02 -19.35 -32.27
N ILE F 94 27.15 -20.27 -31.85
CA ILE F 94 26.56 -21.28 -32.74
C ILE F 94 25.78 -20.61 -33.89
N LEU F 95 25.00 -19.56 -33.62
CA LEU F 95 24.32 -18.77 -34.65
C LEU F 95 25.31 -17.95 -35.52
N ASN F 96 26.35 -17.34 -34.95
CA ASN F 96 27.35 -16.59 -35.71
C ASN F 96 28.11 -17.44 -36.73
N GLY F 97 28.24 -18.75 -36.51
CA GLY F 97 28.80 -19.67 -37.49
C GLY F 97 27.91 -19.89 -38.73
N ARG F 98 26.59 -19.59 -38.65
CA ARG F 98 25.65 -19.69 -39.77
C ARG F 98 25.69 -18.49 -40.74
N LEU F 99 26.35 -17.38 -40.38
CA LEU F 99 26.58 -16.20 -41.23
C LEU F 99 27.75 -16.35 -42.22
N GLY G 27 14.21 -16.62 -49.74
CA GLY G 27 13.43 -17.80 -49.38
C GLY G 27 13.78 -18.40 -48.00
N GLY G 28 14.85 -17.91 -47.37
CA GLY G 28 15.38 -18.39 -46.08
C GLY G 28 14.60 -17.94 -44.83
N LEU G 29 13.31 -17.65 -44.95
CA LEU G 29 12.48 -17.23 -43.81
C LEU G 29 12.21 -18.36 -42.82
N ASP G 30 12.54 -19.61 -43.16
CA ASP G 30 12.76 -20.64 -42.16
C ASP G 30 14.01 -20.31 -41.33
N ARG G 31 15.20 -20.25 -41.92
CA ARG G 31 16.47 -20.19 -41.18
C ARG G 31 16.63 -18.93 -40.34
N GLY G 32 16.08 -17.81 -40.81
CA GLY G 32 16.02 -16.59 -40.02
C GLY G 32 15.15 -16.74 -38.78
N LEU G 33 13.90 -17.19 -38.94
CA LEU G 33 12.95 -17.27 -37.83
C LEU G 33 13.21 -18.45 -36.90
N ILE G 34 13.83 -19.52 -37.37
CA ILE G 34 14.37 -20.58 -36.50
C ILE G 34 15.44 -20.00 -35.57
N ALA G 35 16.35 -19.15 -36.06
CA ALA G 35 17.33 -18.48 -35.21
C ALA G 35 16.71 -17.51 -34.20
N VAL G 36 15.59 -16.86 -34.52
CA VAL G 36 14.84 -16.04 -33.56
C VAL G 36 14.16 -16.92 -32.50
N GLY G 37 13.59 -18.07 -32.88
CA GLY G 37 13.06 -19.07 -31.96
C GLY G 37 14.11 -19.57 -30.97
N MET G 38 15.35 -19.82 -31.41
CA MET G 38 16.47 -20.20 -30.54
C MET G 38 16.88 -19.10 -29.56
N GLY G 39 16.87 -17.84 -29.95
CA GLY G 39 17.12 -16.72 -29.03
C GLY G 39 16.08 -16.64 -27.92
N LEU G 40 14.81 -16.84 -28.23
CA LEU G 40 13.72 -16.90 -27.25
C LEU G 40 13.78 -18.15 -26.36
N ALA G 41 14.19 -19.30 -26.89
CA ALA G 41 14.31 -20.53 -26.12
C ALA G 41 15.37 -20.41 -25.01
N VAL G 42 16.63 -20.09 -25.34
CA VAL G 42 17.67 -19.93 -24.30
C VAL G 42 17.51 -18.65 -23.50
N GLY G 43 17.25 -17.50 -24.13
CA GLY G 43 17.26 -16.22 -23.44
C GLY G 43 16.19 -16.10 -22.37
N LEU G 44 14.97 -16.49 -22.68
CA LEU G 44 13.82 -16.34 -21.80
C LEU G 44 13.82 -17.37 -20.65
N ALA G 45 14.43 -18.54 -20.86
CA ALA G 45 14.76 -19.53 -19.82
C ALA G 45 15.95 -19.12 -18.94
N ALA G 46 17.00 -18.51 -19.50
CA ALA G 46 18.11 -17.92 -18.76
C ALA G 46 17.63 -16.79 -17.85
N LEU G 47 16.71 -15.95 -18.30
CA LEU G 47 16.00 -14.99 -17.46
C LEU G 47 15.23 -15.69 -16.34
N GLY G 48 14.42 -16.71 -16.63
CA GLY G 48 13.66 -17.46 -15.63
C GLY G 48 14.48 -18.08 -14.51
N THR G 49 15.60 -18.73 -14.81
CA THR G 49 16.52 -19.22 -13.76
C THR G 49 17.25 -18.10 -13.02
N GLY G 50 17.54 -16.97 -13.66
CA GLY G 50 18.13 -15.79 -13.01
C GLY G 50 17.24 -15.17 -11.93
N VAL G 51 15.93 -15.05 -12.15
CA VAL G 51 15.00 -14.59 -11.11
C VAL G 51 14.84 -15.59 -9.96
N ALA G 52 14.96 -16.89 -10.22
CA ALA G 52 14.92 -17.90 -9.17
C ALA G 52 16.14 -17.82 -8.27
N GLN G 53 17.33 -17.79 -8.86
CA GLN G 53 18.59 -17.68 -8.13
C GLN G 53 18.72 -16.40 -7.33
N ALA G 54 18.14 -15.27 -7.76
CA ALA G 54 18.24 -14.00 -7.05
C ALA G 54 17.81 -14.09 -5.58
N ARG G 55 16.59 -14.55 -5.29
CA ARG G 55 16.05 -14.72 -3.93
C ARG G 55 16.61 -15.91 -3.18
N ILE G 56 16.78 -17.05 -3.85
CA ILE G 56 17.32 -18.27 -3.24
C ILE G 56 18.78 -18.08 -2.80
N GLY G 57 19.60 -17.44 -3.62
CA GLY G 57 21.00 -17.16 -3.30
C GLY G 57 21.16 -16.07 -2.24
N ALA G 58 20.29 -15.06 -2.21
CA ALA G 58 20.28 -14.07 -1.13
C ALA G 58 19.94 -14.69 0.25
N ALA G 59 19.05 -15.69 0.30
CA ALA G 59 18.82 -16.50 1.49
C ALA G 59 20.03 -17.36 1.85
N GLY G 60 20.65 -18.03 0.87
CA GLY G 60 21.80 -18.90 1.08
C GLY G 60 23.04 -18.18 1.59
N VAL G 61 23.36 -17.00 1.05
CA VAL G 61 24.45 -16.17 1.57
C VAL G 61 24.17 -15.69 3.00
N GLY G 62 22.91 -15.48 3.36
CA GLY G 62 22.51 -15.21 4.74
C GLY G 62 22.77 -16.41 5.66
N ALA G 63 22.23 -17.58 5.32
CA ALA G 63 22.36 -18.79 6.11
C ALA G 63 23.82 -19.18 6.36
N ILE G 64 24.67 -19.26 5.33
CA ILE G 64 26.07 -19.67 5.49
C ILE G 64 26.90 -18.67 6.30
N ALA G 65 26.45 -17.42 6.46
CA ALA G 65 27.05 -16.43 7.36
C ALA G 65 26.53 -16.53 8.80
N GLU G 66 25.35 -17.11 9.04
CA GLU G 66 24.86 -17.48 10.38
C GLU G 66 25.55 -18.75 10.89
N ASP G 67 25.66 -19.77 10.04
CA ASP G 67 26.25 -21.07 10.37
C ASP G 67 26.75 -21.77 9.10
N ARG G 68 28.08 -21.84 8.92
CA ARG G 68 28.69 -22.36 7.70
C ARG G 68 28.27 -23.80 7.37
N SER G 69 27.82 -24.61 8.32
CA SER G 69 27.30 -25.96 8.02
C SER G 69 26.07 -25.98 7.10
N ASN G 70 25.43 -24.83 6.84
CA ASN G 70 24.38 -24.66 5.85
C ASN G 70 24.87 -24.63 4.39
N PHE G 71 26.19 -24.67 4.12
CA PHE G 71 26.73 -24.52 2.77
C PHE G 71 26.21 -25.53 1.75
N GLY G 72 26.18 -26.83 2.07
CA GLY G 72 25.75 -27.86 1.12
C GLY G 72 24.30 -27.72 0.67
N THR G 73 23.37 -27.48 1.60
CA THR G 73 21.95 -27.23 1.28
C THR G 73 21.72 -25.88 0.59
N ALA G 74 22.49 -24.84 0.94
CA ALA G 74 22.47 -23.56 0.23
C ALA G 74 22.94 -23.68 -1.23
N LEU G 75 23.95 -24.50 -1.53
CA LEU G 75 24.29 -24.86 -2.91
C LEU G 75 23.20 -25.68 -3.60
N ILE G 76 22.63 -26.71 -2.97
CA ILE G 76 21.56 -27.50 -3.59
C ILE G 76 20.41 -26.58 -4.03
N PHE G 77 19.91 -25.73 -3.15
CA PHE G 77 18.80 -24.85 -3.50
C PHE G 77 19.20 -23.82 -4.56
N LEU G 78 20.43 -23.30 -4.59
CA LEU G 78 20.91 -22.41 -5.66
C LEU G 78 21.04 -23.11 -7.03
N LEU G 79 21.54 -24.35 -7.07
CA LEU G 79 21.82 -25.08 -8.32
C LEU G 79 20.57 -25.69 -8.95
N LEU G 80 19.59 -26.16 -8.18
CA LEU G 80 18.38 -26.80 -8.72
C LEU G 80 17.62 -25.96 -9.77
N PRO G 81 17.40 -24.65 -9.59
CA PRO G 81 16.83 -23.77 -10.60
C PRO G 81 17.57 -23.72 -11.94
N GLU G 82 18.77 -24.25 -12.00
CA GLU G 82 19.58 -24.26 -13.23
C GLU G 82 19.02 -25.35 -14.14
N THR G 83 17.89 -25.92 -13.78
CA THR G 83 17.24 -26.98 -14.59
C THR G 83 16.24 -26.33 -15.51
N LEU G 84 16.12 -25.01 -15.47
CA LEU G 84 15.16 -24.26 -16.30
C LEU G 84 15.91 -23.71 -17.51
N VAL G 85 17.23 -23.49 -17.46
CA VAL G 85 18.03 -23.10 -18.64
C VAL G 85 18.54 -24.30 -19.43
N ILE G 86 18.65 -25.48 -18.82
CA ILE G 86 18.89 -26.73 -19.56
C ILE G 86 17.71 -27.08 -20.47
N PHE G 87 16.46 -26.84 -20.07
CA PHE G 87 15.30 -27.01 -20.96
C PHE G 87 15.25 -25.96 -22.08
N GLY G 88 15.72 -24.74 -21.83
CA GLY G 88 15.91 -23.74 -22.89
C GLY G 88 16.95 -24.19 -23.92
N LEU G 89 18.12 -24.64 -23.48
CA LEU G 89 19.17 -25.20 -24.34
C LEU G 89 18.72 -26.45 -25.11
N LEU G 90 17.95 -27.35 -24.50
CA LEU G 90 17.41 -28.54 -25.14
C LEU G 90 16.66 -28.17 -26.42
N ILE G 91 15.71 -27.24 -26.35
CA ILE G 91 14.93 -26.79 -27.50
C ILE G 91 15.81 -25.98 -28.47
N ALA G 92 16.72 -25.14 -27.99
CA ALA G 92 17.65 -24.43 -28.85
C ALA G 92 18.53 -25.38 -29.68
N PHE G 93 19.10 -26.44 -29.10
CA PHE G 93 19.85 -27.46 -29.84
C PHE G 93 18.99 -28.30 -30.80
N ILE G 94 17.75 -28.63 -30.45
CA ILE G 94 16.79 -29.31 -31.35
C ILE G 94 16.51 -28.44 -32.58
N LEU G 95 16.29 -27.13 -32.41
CA LEU G 95 16.10 -26.18 -33.50
C LEU G 95 17.37 -25.99 -34.35
N ASN G 96 18.56 -25.96 -33.74
CA ASN G 96 19.82 -25.80 -34.46
C ASN G 96 20.08 -26.96 -35.43
N GLY G 97 19.60 -28.16 -35.13
CA GLY G 97 19.67 -29.32 -36.03
C GLY G 97 18.85 -29.18 -37.32
N ARG G 98 18.12 -28.07 -37.49
CA ARG G 98 17.26 -27.75 -38.64
C ARG G 98 17.72 -26.54 -39.46
N LEU G 99 18.82 -25.87 -39.09
CA LEU G 99 19.40 -24.74 -39.82
C LEU G 99 20.30 -25.19 -40.97
N GLY H 27 8.98 -21.41 -49.43
CA GLY H 27 7.90 -21.97 -48.65
C GLY H 27 8.25 -22.22 -47.18
N GLY H 28 9.46 -21.84 -46.74
CA GLY H 28 9.98 -22.06 -45.39
C GLY H 28 9.36 -21.21 -44.27
N LEU H 29 8.55 -20.21 -44.58
CA LEU H 29 7.97 -19.32 -43.58
C LEU H 29 7.15 -20.02 -42.49
N ASP H 30 6.44 -21.11 -42.77
CA ASP H 30 5.68 -21.80 -41.74
C ASP H 30 6.56 -22.57 -40.75
N ARG H 31 7.64 -23.21 -41.21
CA ARG H 31 8.72 -23.74 -40.34
C ARG H 31 9.35 -22.63 -39.50
N GLY H 32 9.47 -21.43 -40.07
CA GLY H 32 9.96 -20.26 -39.38
C GLY H 32 9.09 -19.85 -38.19
N LEU H 33 7.78 -19.68 -38.39
CA LEU H 33 6.87 -19.37 -37.26
C LEU H 33 6.64 -20.55 -36.32
N ILE H 34 6.65 -21.81 -36.78
CA ILE H 34 6.53 -22.99 -35.89
C ILE H 34 7.66 -23.02 -34.87
N ALA H 35 8.89 -22.68 -35.28
CA ALA H 35 10.05 -22.57 -34.40
C ALA H 35 9.93 -21.43 -33.38
N VAL H 36 9.31 -20.30 -33.74
CA VAL H 36 8.98 -19.23 -32.79
C VAL H 36 7.90 -19.69 -31.79
N GLY H 37 6.89 -20.44 -32.21
CA GLY H 37 5.91 -21.06 -31.31
C GLY H 37 6.53 -21.97 -30.25
N MET H 38 7.53 -22.76 -30.63
CA MET H 38 8.35 -23.56 -29.71
C MET H 38 9.17 -22.73 -28.72
N GLY H 39 9.87 -21.69 -29.18
CA GLY H 39 10.66 -20.81 -28.32
C GLY H 39 9.81 -20.05 -27.30
N LEU H 40 8.64 -19.55 -27.71
CA LEU H 40 7.66 -18.91 -26.83
C LEU H 40 7.07 -19.89 -25.83
N ALA H 41 6.63 -21.08 -26.24
CA ALA H 41 6.07 -22.08 -25.34
C ALA H 41 7.04 -22.43 -24.22
N VAL H 42 8.26 -22.88 -24.53
CA VAL H 42 9.22 -23.28 -23.49
C VAL H 42 9.77 -22.09 -22.71
N GLY H 43 10.18 -21.00 -23.35
CA GLY H 43 10.83 -19.89 -22.68
C GLY H 43 9.92 -19.11 -21.75
N LEU H 44 8.66 -18.92 -22.13
CA LEU H 44 7.69 -18.18 -21.33
C LEU H 44 7.11 -19.01 -20.18
N ALA H 45 7.08 -20.34 -20.33
CA ALA H 45 6.74 -21.28 -19.25
C ALA H 45 7.92 -21.54 -18.29
N ALA H 46 9.16 -21.55 -18.77
CA ALA H 46 10.40 -21.55 -17.96
C ALA H 46 10.52 -20.29 -17.09
N LEU H 47 10.18 -19.12 -17.63
CA LEU H 47 10.05 -17.89 -16.87
C LEU H 47 8.99 -18.02 -15.76
N GLY H 48 7.76 -18.52 -15.88
CA GLY H 48 6.83 -18.67 -14.73
C GLY H 48 7.24 -19.55 -13.57
N THR H 49 7.80 -20.75 -13.75
CA THR H 49 8.34 -21.66 -12.70
C THR H 49 9.53 -21.05 -11.93
N GLY H 50 10.28 -20.10 -12.47
CA GLY H 50 11.31 -19.38 -11.74
C GLY H 50 10.66 -18.26 -10.98
N VAL H 51 9.71 -17.56 -11.60
CA VAL H 51 9.04 -16.64 -10.66
C VAL H 51 8.34 -17.35 -9.51
N ALA H 52 8.05 -18.66 -9.48
CA ALA H 52 7.49 -19.38 -8.30
C ALA H 52 8.54 -19.74 -7.25
N GLN H 53 9.57 -20.50 -7.57
CA GLN H 53 10.69 -20.94 -6.70
C GLN H 53 11.56 -19.83 -6.14
N ALA H 54 11.57 -18.64 -6.72
CA ALA H 54 12.29 -17.50 -6.13
C ALA H 54 11.80 -17.40 -4.72
N ARG H 55 10.49 -17.37 -4.60
CA ARG H 55 9.97 -17.17 -3.24
C ARG H 55 9.86 -18.48 -2.46
N ILE H 56 9.43 -19.56 -3.09
CA ILE H 56 9.29 -20.88 -2.45
C ILE H 56 10.64 -21.45 -2.00
N GLY H 57 11.73 -21.19 -2.73
CA GLY H 57 13.08 -21.61 -2.33
C GLY H 57 13.73 -20.72 -1.28
N ALA H 58 13.44 -19.42 -1.27
CA ALA H 58 13.86 -18.54 -0.18
C ALA H 58 13.21 -18.93 1.16
N ALA H 59 11.90 -19.23 1.14
CA ALA H 59 11.19 -19.79 2.28
C ALA H 59 11.71 -21.18 2.70
N GLY H 60 12.15 -22.01 1.76
CA GLY H 60 12.77 -23.30 2.03
C GLY H 60 14.13 -23.19 2.72
N VAL H 61 15.06 -22.41 2.19
CA VAL H 61 16.38 -22.20 2.82
C VAL H 61 16.25 -21.57 4.20
N GLY H 62 15.31 -20.64 4.40
CA GLY H 62 15.00 -20.07 5.70
C GLY H 62 14.46 -21.07 6.74
N ALA H 63 13.62 -22.01 6.33
CA ALA H 63 13.12 -23.08 7.19
C ALA H 63 14.21 -24.10 7.54
N ILE H 64 14.97 -24.59 6.56
CA ILE H 64 16.02 -25.59 6.77
C ILE H 64 17.13 -25.07 7.69
N ALA H 65 17.40 -23.78 7.70
CA ALA H 65 18.37 -23.18 8.61
C ALA H 65 17.95 -23.29 10.09
N GLU H 66 16.66 -23.13 10.39
CA GLU H 66 16.13 -23.16 11.77
C GLU H 66 15.67 -24.55 12.25
N ASP H 67 15.38 -25.50 11.36
CA ASP H 67 15.09 -26.90 11.68
C ASP H 67 15.31 -27.80 10.45
N ARG H 68 16.34 -28.65 10.47
CA ARG H 68 16.71 -29.57 9.37
C ARG H 68 15.68 -30.66 9.07
N SER H 69 14.67 -30.88 9.92
CA SER H 69 13.55 -31.75 9.56
C SER H 69 12.63 -31.12 8.49
N ASN H 70 12.70 -29.81 8.25
CA ASN H 70 11.94 -29.15 7.19
C ASN H 70 12.48 -29.41 5.76
N PHE H 71 13.57 -30.16 5.57
CA PHE H 71 14.18 -30.34 4.24
C PHE H 71 13.26 -31.02 3.23
N GLY H 72 12.64 -32.15 3.57
CA GLY H 72 11.82 -32.93 2.64
C GLY H 72 10.59 -32.17 2.17
N THR H 73 9.86 -31.53 3.10
CA THR H 73 8.70 -30.70 2.78
C THR H 73 9.05 -29.46 1.97
N ALA H 74 10.16 -28.78 2.28
CA ALA H 74 10.63 -27.65 1.48
C ALA H 74 10.99 -28.06 0.04
N LEU H 75 11.65 -29.20 -0.14
CA LEU H 75 12.00 -29.73 -1.45
C LEU H 75 10.78 -30.17 -2.28
N ILE H 76 9.74 -30.77 -1.68
CA ILE H 76 8.47 -31.07 -2.37
C ILE H 76 7.85 -29.78 -2.91
N PHE H 77 7.75 -28.74 -2.08
CA PHE H 77 7.19 -27.45 -2.48
C PHE H 77 8.05 -26.76 -3.55
N LEU H 78 9.37 -26.77 -3.45
CA LEU H 78 10.27 -26.12 -4.44
C LEU H 78 10.22 -26.87 -5.79
N LEU H 79 9.80 -28.12 -5.84
CA LEU H 79 9.85 -28.92 -7.07
C LEU H 79 8.45 -29.09 -7.62
N LEU H 80 7.44 -28.75 -6.87
CA LEU H 80 6.06 -28.82 -7.39
C LEU H 80 5.87 -27.74 -8.45
N PRO H 81 6.30 -26.48 -8.25
CA PRO H 81 6.24 -25.47 -9.31
C PRO H 81 6.94 -25.82 -10.62
N GLU H 82 7.41 -27.05 -10.82
CA GLU H 82 8.21 -27.46 -12.01
C GLU H 82 7.34 -28.24 -12.96
N THR H 83 6.04 -28.08 -12.86
CA THR H 83 5.07 -28.81 -13.70
C THR H 83 4.59 -27.78 -14.69
N LEU H 84 5.05 -26.55 -14.52
CA LEU H 84 4.66 -25.45 -15.43
C LEU H 84 5.65 -25.46 -16.58
N VAL H 85 6.84 -26.01 -16.37
CA VAL H 85 7.90 -26.09 -17.39
C VAL H 85 7.81 -27.42 -18.12
N ILE H 86 7.10 -28.40 -17.61
CA ILE H 86 6.89 -29.70 -18.29
C ILE H 86 5.66 -29.55 -19.17
N PHE H 87 4.83 -28.57 -18.93
CA PHE H 87 3.67 -28.25 -19.79
C PHE H 87 4.15 -27.42 -20.97
N GLY H 88 5.12 -26.50 -20.84
CA GLY H 88 5.78 -25.75 -21.91
C GLY H 88 6.47 -26.67 -22.91
N LEU H 89 7.27 -27.62 -22.43
CA LEU H 89 7.92 -28.65 -23.25
C LEU H 89 6.93 -29.55 -23.99
N LEU H 90 5.82 -29.97 -23.38
CA LEU H 90 4.79 -30.77 -24.04
C LEU H 90 4.28 -30.10 -25.33
N ILE H 91 3.98 -28.80 -25.28
CA ILE H 91 3.57 -28.04 -26.47
C ILE H 91 4.74 -27.84 -27.44
N ALA H 92 5.95 -27.53 -26.96
CA ALA H 92 7.11 -27.39 -27.83
C ALA H 92 7.46 -28.68 -28.59
N PHE H 93 7.34 -29.87 -28.00
CA PHE H 93 7.52 -31.14 -28.72
C PHE H 93 6.36 -31.45 -29.67
N ILE H 94 5.11 -31.13 -29.34
CA ILE H 94 3.98 -31.25 -30.28
C ILE H 94 4.23 -30.39 -31.53
N LEU H 95 4.74 -29.17 -31.36
CA LEU H 95 5.09 -28.28 -32.47
C LEU H 95 6.32 -28.78 -33.24
N ASN H 96 7.31 -29.39 -32.60
CA ASN H 96 8.42 -30.06 -33.30
C ASN H 96 7.95 -31.26 -34.14
N GLY H 97 6.82 -31.89 -33.81
CA GLY H 97 6.21 -32.92 -34.65
C GLY H 97 5.68 -32.40 -36.00
N ARG H 98 5.51 -31.08 -36.16
CA ARG H 98 5.08 -30.40 -37.40
C ARG H 98 6.24 -29.89 -38.27
N LEU H 99 7.44 -29.79 -37.68
CA LEU H 99 8.59 -29.02 -38.17
C LEU H 99 9.59 -29.84 -39.00
N GLY I 28 1.82 -23.32 -44.63
CA GLY I 28 1.74 -21.89 -44.85
C GLY I 28 1.54 -21.06 -43.57
N LEU I 29 1.22 -19.77 -43.74
CA LEU I 29 1.05 -18.86 -42.60
C LEU I 29 -0.16 -19.16 -41.72
N ASP I 30 -1.07 -20.05 -42.10
CA ASP I 30 -2.00 -20.61 -41.11
C ASP I 30 -1.27 -21.58 -40.16
N ARG I 31 -0.58 -22.63 -40.62
CA ARG I 31 0.19 -23.51 -39.71
C ARG I 31 1.16 -22.70 -38.85
N GLY I 32 1.93 -21.85 -39.51
CA GLY I 32 2.97 -21.06 -38.86
C GLY I 32 2.42 -20.19 -37.75
N LEU I 33 1.42 -19.38 -38.04
CA LEU I 33 0.92 -18.38 -37.11
C LEU I 33 -0.06 -18.96 -36.08
N ILE I 34 -0.71 -20.09 -36.36
CA ILE I 34 -1.46 -20.87 -35.35
C ILE I 34 -0.52 -21.45 -34.28
N ALA I 35 0.66 -21.92 -34.66
CA ALA I 35 1.68 -22.37 -33.70
C ALA I 35 2.17 -21.26 -32.75
N VAL I 36 2.21 -20.00 -33.21
CA VAL I 36 2.49 -18.85 -32.33
C VAL I 36 1.34 -18.60 -31.35
N GLY I 37 0.08 -18.78 -31.76
CA GLY I 37 -1.07 -18.75 -30.86
C GLY I 37 -1.07 -19.85 -29.80
N MET I 38 -0.61 -21.06 -30.14
CA MET I 38 -0.37 -22.14 -29.17
C MET I 38 0.74 -21.81 -28.16
N GLY I 39 1.84 -21.20 -28.61
CA GLY I 39 2.91 -20.75 -27.74
C GLY I 39 2.47 -19.67 -26.75
N LEU I 40 1.68 -18.68 -27.18
CA LEU I 40 1.13 -17.65 -26.31
C LEU I 40 0.11 -18.19 -25.30
N ALA I 41 -0.78 -19.09 -25.71
CA ALA I 41 -1.78 -19.68 -24.84
C ALA I 41 -1.16 -20.45 -23.68
N VAL I 42 -0.25 -21.40 -23.92
CA VAL I 42 0.41 -22.12 -22.83
C VAL I 42 1.40 -21.23 -22.08
N GLY I 43 2.20 -20.44 -22.76
CA GLY I 43 3.26 -19.64 -22.16
C GLY I 43 2.77 -18.61 -21.16
N LEU I 44 1.78 -17.79 -21.50
CA LEU I 44 1.26 -16.75 -20.59
C LEU I 44 0.46 -17.34 -19.41
N ALA I 45 -0.24 -18.45 -19.62
CA ALA I 45 -0.98 -19.15 -18.58
C ALA I 45 -0.07 -19.92 -17.60
N ALA I 46 1.04 -20.48 -18.08
CA ALA I 46 2.14 -20.99 -17.25
C ALA I 46 2.82 -19.87 -16.46
N LEU I 47 3.05 -18.71 -17.06
CA LEU I 47 3.53 -17.51 -16.38
C LEU I 47 2.59 -17.09 -15.25
N GLY I 48 1.30 -16.95 -15.51
CA GLY I 48 0.27 -16.55 -14.53
C GLY I 48 0.09 -17.54 -13.38
N THR I 49 0.17 -18.84 -13.66
CA THR I 49 0.20 -19.86 -12.60
C THR I 49 1.42 -19.71 -11.70
N GLY I 50 2.59 -19.48 -12.28
CA GLY I 50 3.82 -19.27 -11.55
C GLY I 50 3.77 -18.06 -10.62
N VAL I 51 3.20 -16.95 -11.08
CA VAL I 51 2.94 -15.75 -10.27
C VAL I 51 2.04 -16.05 -9.07
N ALA I 52 0.95 -16.81 -9.23
CA ALA I 52 0.07 -17.19 -8.14
C ALA I 52 0.77 -18.07 -7.11
N GLN I 53 1.45 -19.12 -7.57
CA GLN I 53 2.16 -20.06 -6.71
C GLN I 53 3.35 -19.48 -5.96
N ALA I 54 4.00 -18.42 -6.48
CA ALA I 54 5.15 -17.80 -5.83
C ALA I 54 4.87 -17.41 -4.38
N ARG I 55 3.89 -16.53 -4.16
CA ARG I 55 3.48 -16.06 -2.83
C ARG I 55 2.74 -17.12 -2.04
N ILE I 56 1.83 -17.86 -2.68
CA ILE I 56 1.06 -18.93 -2.01
C ILE I 56 1.99 -20.00 -1.42
N GLY I 57 3.01 -20.46 -2.15
CA GLY I 57 3.93 -21.49 -1.66
C GLY I 57 4.91 -20.98 -0.61
N ALA I 58 5.36 -19.73 -0.66
CA ALA I 58 6.15 -19.13 0.41
C ALA I 58 5.35 -19.01 1.73
N ALA I 59 4.04 -18.70 1.67
CA ALA I 59 3.14 -18.77 2.81
C ALA I 59 2.98 -20.22 3.32
N GLY I 60 2.73 -21.18 2.43
CA GLY I 60 2.53 -22.59 2.76
C GLY I 60 3.74 -23.23 3.44
N VAL I 61 4.96 -23.02 2.96
CA VAL I 61 6.19 -23.54 3.58
C VAL I 61 6.36 -23.00 5.00
N GLY I 62 6.15 -21.70 5.20
CA GLY I 62 6.18 -21.08 6.52
C GLY I 62 5.11 -21.60 7.47
N ALA I 63 3.88 -21.80 7.00
CA ALA I 63 2.80 -22.40 7.79
C ALA I 63 3.11 -23.83 8.24
N ILE I 64 3.57 -24.72 7.35
CA ILE I 64 4.00 -26.08 7.71
C ILE I 64 5.18 -26.05 8.70
N ALA I 65 6.13 -25.14 8.55
CA ALA I 65 7.24 -25.01 9.48
C ALA I 65 6.81 -24.60 10.91
N GLU I 66 5.72 -23.84 11.07
CA GLU I 66 5.13 -23.56 12.39
C GLU I 66 4.26 -24.71 12.94
N ASP I 67 3.47 -25.39 12.11
CA ASP I 67 2.60 -26.50 12.51
C ASP I 67 2.42 -27.50 11.36
N ARG I 68 2.99 -28.71 11.52
CA ARG I 68 2.97 -29.77 10.51
C ARG I 68 1.56 -30.19 10.09
N SER I 69 0.53 -29.90 10.89
CA SER I 69 -0.87 -30.19 10.53
C SER I 69 -1.42 -29.27 9.43
N ASN I 70 -0.76 -28.16 9.10
CA ASN I 70 -1.15 -27.24 8.02
C ASN I 70 -0.83 -27.76 6.60
N PHE I 71 -0.29 -28.97 6.44
CA PHE I 71 0.18 -29.48 5.15
C PHE I 71 -0.93 -29.64 4.10
N GLY I 72 -2.09 -30.18 4.47
CA GLY I 72 -3.17 -30.44 3.51
C GLY I 72 -3.71 -29.16 2.88
N THR I 73 -3.99 -28.13 3.67
CA THR I 73 -4.47 -26.84 3.16
C THR I 73 -3.39 -26.10 2.38
N ALA I 74 -2.11 -26.24 2.75
CA ALA I 74 -1.02 -25.72 1.95
C ALA I 74 -0.97 -26.34 0.54
N LEU I 75 -1.07 -27.67 0.37
CA LEU I 75 -1.13 -28.28 -0.96
C LEU I 75 -2.41 -27.93 -1.73
N ILE I 76 -3.57 -27.81 -1.09
CA ILE I 76 -4.79 -27.33 -1.76
C ILE I 76 -4.55 -25.94 -2.36
N PHE I 77 -4.13 -24.96 -1.56
CA PHE I 77 -3.92 -23.60 -2.06
C PHE I 77 -2.80 -23.53 -3.10
N LEU I 78 -1.73 -24.34 -2.99
CA LEU I 78 -0.63 -24.40 -3.94
C LEU I 78 -1.05 -24.98 -5.31
N LEU I 79 -1.93 -25.98 -5.34
CA LEU I 79 -2.33 -26.66 -6.57
C LEU I 79 -3.58 -26.07 -7.23
N LEU I 80 -4.47 -25.38 -6.53
CA LEU I 80 -5.65 -24.74 -7.15
C LEU I 80 -5.31 -23.77 -8.30
N PRO I 81 -4.25 -22.95 -8.24
CA PRO I 81 -3.80 -22.14 -9.37
C PRO I 81 -3.42 -22.92 -10.64
N GLU I 82 -3.09 -24.22 -10.59
CA GLU I 82 -2.78 -25.01 -11.78
C GLU I 82 -3.94 -25.06 -12.78
N THR I 83 -5.07 -24.50 -12.37
CA THR I 83 -6.32 -24.48 -13.17
C THR I 83 -6.16 -23.44 -14.26
N LEU I 84 -5.20 -22.54 -14.14
CA LEU I 84 -4.83 -21.58 -15.18
C LEU I 84 -4.01 -22.22 -16.30
N VAL I 85 -3.10 -23.15 -16.01
CA VAL I 85 -2.39 -23.89 -17.07
C VAL I 85 -3.34 -24.82 -17.83
N ILE I 86 -4.32 -25.44 -17.17
CA ILE I 86 -5.31 -26.31 -17.83
C ILE I 86 -6.15 -25.49 -18.82
N PHE I 87 -6.54 -24.26 -18.49
CA PHE I 87 -7.21 -23.37 -19.44
C PHE I 87 -6.31 -22.93 -20.61
N GLY I 88 -5.03 -22.64 -20.38
CA GLY I 88 -4.08 -22.37 -21.47
C GLY I 88 -3.85 -23.58 -22.39
N LEU I 89 -3.66 -24.76 -21.82
CA LEU I 89 -3.50 -26.03 -22.55
C LEU I 89 -4.74 -26.39 -23.36
N LEU I 90 -5.94 -26.19 -22.82
CA LEU I 90 -7.19 -26.44 -23.53
C LEU I 90 -7.25 -25.69 -24.87
N ILE I 91 -6.95 -24.39 -24.88
CA ILE I 91 -6.93 -23.60 -26.12
C ILE I 91 -5.80 -24.05 -27.04
N ALA I 92 -4.62 -24.40 -26.52
CA ALA I 92 -3.54 -24.93 -27.36
C ALA I 92 -3.92 -26.25 -28.05
N PHE I 93 -4.59 -27.20 -27.39
CA PHE I 93 -5.07 -28.43 -28.01
C PHE I 93 -6.24 -28.24 -28.99
N ILE I 94 -7.07 -27.22 -28.80
CA ILE I 94 -8.08 -26.79 -29.79
C ILE I 94 -7.41 -26.20 -31.04
N LEU I 95 -6.36 -25.39 -30.90
CA LEU I 95 -5.55 -24.87 -32.01
C LEU I 95 -4.75 -25.96 -32.72
N ASN I 96 -4.23 -26.97 -32.01
CA ASN I 96 -3.58 -28.13 -32.61
C ASN I 96 -4.51 -28.93 -33.55
N GLY I 97 -5.83 -28.84 -33.36
CA GLY I 97 -6.83 -29.40 -34.27
C GLY I 97 -7.02 -28.62 -35.57
N ARG I 98 -6.39 -27.46 -35.72
CA ARG I 98 -6.40 -26.64 -36.96
C ARG I 98 -5.15 -26.82 -37.82
N LEU I 99 -4.19 -27.64 -37.40
CA LEU I 99 -2.99 -28.05 -38.16
C LEU I 99 -3.21 -29.39 -38.89
N SER J 26 -6.51 -12.32 -47.08
CA SER J 26 -5.56 -13.36 -47.21
C SER J 26 -5.96 -14.52 -46.28
N GLY J 27 -6.51 -15.60 -46.84
CA GLY J 27 -7.14 -16.69 -46.08
C GLY J 27 -6.23 -17.42 -45.08
N GLY J 28 -4.94 -17.54 -45.39
CA GLY J 28 -3.95 -18.12 -44.50
C GLY J 28 -3.66 -17.24 -43.29
N LEU J 29 -3.33 -15.96 -43.52
CA LEU J 29 -3.15 -14.97 -42.45
C LEU J 29 -4.43 -14.75 -41.64
N ASP J 30 -5.59 -14.75 -42.27
CA ASP J 30 -6.89 -14.67 -41.61
C ASP J 30 -7.04 -15.78 -40.54
N ARG J 31 -6.89 -17.06 -40.93
CA ARG J 31 -6.85 -18.19 -39.98
C ARG J 31 -5.75 -18.07 -38.93
N GLY J 32 -4.57 -17.63 -39.34
CA GLY J 32 -3.41 -17.49 -38.46
C GLY J 32 -3.58 -16.43 -37.38
N LEU J 33 -4.02 -15.22 -37.74
CA LEU J 33 -4.18 -14.12 -36.80
C LEU J 33 -5.33 -14.35 -35.82
N ILE J 34 -6.39 -15.06 -36.21
CA ILE J 34 -7.46 -15.42 -35.26
C ILE J 34 -6.89 -16.23 -34.09
N ALA J 35 -6.04 -17.22 -34.38
CA ALA J 35 -5.37 -18.03 -33.36
C ALA J 35 -4.43 -17.23 -32.46
N VAL J 36 -3.77 -16.19 -32.97
CA VAL J 36 -2.99 -15.24 -32.15
C VAL J 36 -3.90 -14.42 -31.23
N GLY J 37 -5.05 -13.95 -31.71
CA GLY J 37 -6.05 -13.27 -30.88
C GLY J 37 -6.62 -14.16 -29.77
N MET J 38 -6.92 -15.43 -30.05
CA MET J 38 -7.27 -16.44 -29.06
C MET J 38 -6.16 -16.64 -28.00
N GLY J 39 -4.91 -16.84 -28.43
CA GLY J 39 -3.78 -17.01 -27.52
C GLY J 39 -3.57 -15.83 -26.58
N LEU J 40 -3.72 -14.60 -27.06
CA LEU J 40 -3.69 -13.40 -26.23
C LEU J 40 -4.89 -13.29 -25.29
N ALA J 41 -6.10 -13.66 -25.73
CA ALA J 41 -7.32 -13.53 -24.94
C ALA J 41 -7.28 -14.40 -23.68
N VAL J 42 -7.03 -15.71 -23.82
CA VAL J 42 -6.91 -16.60 -22.65
C VAL J 42 -5.61 -16.36 -21.89
N GLY J 43 -4.49 -16.14 -22.58
CA GLY J 43 -3.19 -15.99 -21.95
C GLY J 43 -3.10 -14.78 -21.02
N LEU J 44 -3.56 -13.61 -21.46
CA LEU J 44 -3.49 -12.39 -20.65
C LEU J 44 -4.54 -12.33 -19.53
N ALA J 45 -5.69 -12.98 -19.70
CA ALA J 45 -6.68 -13.11 -18.64
C ALA J 45 -6.29 -14.16 -17.59
N ALA J 46 -5.63 -15.24 -17.97
CA ALA J 46 -5.02 -16.20 -17.06
C ALA J 46 -3.88 -15.57 -16.25
N LEU J 47 -3.04 -14.74 -16.88
CA LEU J 47 -2.03 -13.93 -16.21
C LEU J 47 -2.62 -12.91 -15.23
N GLY J 48 -3.69 -12.19 -15.61
CA GLY J 48 -4.44 -11.31 -14.70
C GLY J 48 -5.07 -12.03 -13.51
N THR J 49 -5.67 -13.20 -13.73
CA THR J 49 -6.22 -14.04 -12.65
C THR J 49 -5.12 -14.50 -11.69
N GLY J 50 -3.96 -14.94 -12.19
CA GLY J 50 -2.84 -15.37 -11.37
C GLY J 50 -2.20 -14.28 -10.54
N VAL J 51 -2.12 -13.05 -11.07
CA VAL J 51 -1.73 -11.84 -10.32
C VAL J 51 -2.66 -11.57 -9.13
N ALA J 52 -3.96 -11.74 -9.29
CA ALA J 52 -4.93 -11.59 -8.20
C ALA J 52 -4.78 -12.68 -7.14
N GLN J 53 -4.76 -13.95 -7.56
CA GLN J 53 -4.65 -15.09 -6.64
C GLN J 53 -3.33 -15.13 -5.87
N ALA J 54 -2.24 -14.57 -6.37
CA ALA J 54 -0.96 -14.52 -5.66
C ALA J 54 -1.08 -13.90 -4.26
N ARG J 55 -1.61 -12.69 -4.17
CA ARG J 55 -1.70 -11.94 -2.90
C ARG J 55 -2.88 -12.39 -2.04
N ILE J 56 -4.01 -12.72 -2.66
CA ILE J 56 -5.20 -13.19 -1.94
C ILE J 56 -4.98 -14.57 -1.31
N GLY J 57 -4.39 -15.52 -2.05
CA GLY J 57 -4.16 -16.86 -1.52
C GLY J 57 -3.09 -16.95 -0.46
N ALA J 58 -2.08 -16.08 -0.48
CA ALA J 58 -1.10 -15.98 0.61
C ALA J 58 -1.72 -15.46 1.92
N ALA J 59 -2.61 -14.47 1.85
CA ALA J 59 -3.42 -14.03 2.99
C ALA J 59 -4.37 -15.14 3.48
N GLY J 60 -5.03 -15.86 2.57
CA GLY J 60 -5.88 -17.00 2.87
C GLY J 60 -5.18 -18.10 3.66
N VAL J 61 -4.02 -18.57 3.20
CA VAL J 61 -3.19 -19.54 3.93
C VAL J 61 -2.82 -18.99 5.32
N GLY J 62 -2.35 -17.75 5.41
CA GLY J 62 -2.00 -17.11 6.68
C GLY J 62 -3.16 -17.00 7.67
N ALA J 63 -4.38 -16.73 7.23
CA ALA J 63 -5.58 -16.69 8.06
C ALA J 63 -6.00 -18.09 8.55
N ILE J 64 -6.03 -19.09 7.66
CA ILE J 64 -6.35 -20.48 8.04
C ILE J 64 -5.32 -21.04 9.03
N ALA J 65 -4.06 -20.58 8.96
CA ALA J 65 -3.04 -20.90 9.95
C ALA J 65 -3.24 -20.23 11.32
N GLU J 66 -4.05 -19.16 11.45
CA GLU J 66 -4.52 -18.68 12.75
C GLU J 66 -5.69 -19.52 13.25
N ASP J 67 -6.65 -19.82 12.37
CA ASP J 67 -7.97 -20.32 12.73
C ASP J 67 -8.60 -21.10 11.57
N ARG J 68 -8.78 -22.42 11.75
CA ARG J 68 -9.39 -23.32 10.76
C ARG J 68 -10.78 -22.88 10.28
N SER J 69 -11.52 -22.07 11.04
CA SER J 69 -12.83 -21.59 10.65
C SER J 69 -12.81 -20.49 9.57
N ASN J 70 -11.65 -19.87 9.30
CA ASN J 70 -11.49 -18.93 8.18
C ASN J 70 -11.42 -19.60 6.78
N PHE J 71 -11.51 -20.93 6.67
CA PHE J 71 -11.38 -21.66 5.40
C PHE J 71 -12.44 -21.28 4.36
N GLY J 72 -13.71 -21.17 4.74
CA GLY J 72 -14.79 -20.90 3.80
C GLY J 72 -14.71 -19.52 3.13
N THR J 73 -14.37 -18.48 3.88
CA THR J 73 -14.18 -17.13 3.34
C THR J 73 -12.86 -16.97 2.59
N ALA J 74 -11.76 -17.60 3.04
CA ALA J 74 -10.52 -17.61 2.31
C ALA J 74 -10.68 -18.27 0.92
N LEU J 75 -11.42 -19.38 0.84
CA LEU J 75 -11.69 -20.06 -0.42
C LEU J 75 -12.62 -19.26 -1.35
N ILE J 76 -13.62 -18.56 -0.83
CA ILE J 76 -14.43 -17.62 -1.63
C ILE J 76 -13.52 -16.59 -2.28
N PHE J 77 -12.69 -15.88 -1.51
CA PHE J 77 -11.85 -14.81 -2.06
C PHE J 77 -10.76 -15.35 -3.00
N LEU J 78 -10.23 -16.57 -2.80
CA LEU J 78 -9.32 -17.21 -3.77
C LEU J 78 -10.00 -17.52 -5.11
N LEU J 79 -11.23 -18.03 -5.10
CA LEU J 79 -11.94 -18.48 -6.31
C LEU J 79 -12.68 -17.37 -7.04
N LEU J 80 -13.10 -16.27 -6.39
CA LEU J 80 -13.78 -15.15 -7.05
C LEU J 80 -13.00 -14.53 -8.23
N PRO J 81 -11.67 -14.28 -8.15
CA PRO J 81 -10.85 -13.81 -9.27
C PRO J 81 -10.89 -14.65 -10.55
N GLU J 82 -11.34 -15.91 -10.51
CA GLU J 82 -11.49 -16.76 -11.71
C GLU J 82 -12.45 -16.18 -12.75
N THR J 83 -13.31 -15.22 -12.42
CA THR J 83 -14.15 -14.51 -13.40
C THR J 83 -13.34 -13.90 -14.55
N LEU J 84 -12.10 -13.46 -14.30
CA LEU J 84 -11.20 -12.87 -15.30
C LEU J 84 -10.85 -13.87 -16.38
N VAL J 85 -10.34 -15.05 -16.04
CA VAL J 85 -10.01 -16.07 -17.05
C VAL J 85 -11.25 -16.62 -17.75
N ILE J 86 -12.42 -16.66 -17.11
CA ILE J 86 -13.68 -17.03 -17.78
C ILE J 86 -14.07 -16.01 -18.87
N PHE J 87 -13.92 -14.71 -18.63
CA PHE J 87 -14.11 -13.70 -19.68
C PHE J 87 -13.08 -13.81 -20.82
N GLY J 88 -11.86 -14.29 -20.55
CA GLY J 88 -10.88 -14.61 -21.59
C GLY J 88 -11.28 -15.83 -22.43
N LEU J 89 -11.72 -16.91 -21.79
CA LEU J 89 -12.21 -18.12 -22.45
C LEU J 89 -13.47 -17.86 -23.28
N LEU J 90 -14.39 -17.02 -22.83
CA LEU J 90 -15.57 -16.60 -23.59
C LEU J 90 -15.18 -16.02 -24.95
N ILE J 91 -14.27 -15.05 -24.99
CA ILE J 91 -13.81 -14.45 -26.25
C ILE J 91 -13.01 -15.45 -27.08
N ALA J 92 -12.13 -16.26 -26.47
CA ALA J 92 -11.40 -17.29 -27.21
C ALA J 92 -12.32 -18.33 -27.88
N PHE J 93 -13.41 -18.75 -27.25
CA PHE J 93 -14.37 -19.68 -27.85
C PHE J 93 -15.24 -19.02 -28.94
N ILE J 94 -15.61 -17.75 -28.79
CA ILE J 94 -16.28 -17.00 -29.87
C ILE J 94 -15.37 -16.91 -31.10
N LEU J 95 -14.08 -16.61 -30.92
CA LEU J 95 -13.10 -16.57 -32.01
C LEU J 95 -12.84 -17.95 -32.64
N ASN J 96 -12.72 -19.01 -31.85
CA ASN J 96 -12.55 -20.38 -32.37
C ASN J 96 -13.66 -20.78 -33.35
N GLY J 97 -14.89 -20.32 -33.11
CA GLY J 97 -16.04 -20.55 -33.99
C GLY J 97 -15.91 -20.00 -35.42
N ARG J 98 -14.90 -19.16 -35.69
CA ARG J 98 -14.62 -18.57 -37.01
C ARG J 98 -13.53 -19.34 -37.81
N LEU J 99 -12.78 -20.24 -37.17
CA LEU J 99 -11.77 -21.10 -37.80
C LEU J 99 -12.39 -22.25 -38.63
N GLY K 27 -11.65 -8.15 -46.32
CA GLY K 27 -12.05 -9.51 -46.69
C GLY K 27 -11.12 -10.61 -46.17
N GLY K 28 -10.17 -10.30 -45.27
CA GLY K 28 -9.23 -11.27 -44.71
C GLY K 28 -8.16 -10.66 -43.81
N LEU K 29 -7.42 -9.65 -44.28
CA LEU K 29 -6.46 -8.90 -43.46
C LEU K 29 -7.11 -8.07 -42.35
N ASP K 30 -8.41 -7.76 -42.45
CA ASP K 30 -9.24 -7.33 -41.33
C ASP K 30 -9.82 -8.50 -40.52
N ARG K 31 -10.34 -9.57 -41.14
CA ARG K 31 -10.90 -10.72 -40.41
C ARG K 31 -9.88 -11.33 -39.44
N GLY K 32 -8.60 -11.31 -39.82
CA GLY K 32 -7.48 -11.66 -38.97
C GLY K 32 -7.20 -10.66 -37.85
N LEU K 33 -6.88 -9.40 -38.18
CA LEU K 33 -6.44 -8.41 -37.19
C LEU K 33 -7.55 -7.97 -36.22
N ILE K 34 -8.82 -7.98 -36.61
CA ILE K 34 -9.91 -7.60 -35.70
C ILE K 34 -9.98 -8.56 -34.50
N ALA K 35 -9.65 -9.85 -34.71
CA ALA K 35 -9.52 -10.82 -33.63
C ALA K 35 -8.34 -10.54 -32.67
N VAL K 36 -7.23 -9.93 -33.12
CA VAL K 36 -6.14 -9.55 -32.20
C VAL K 36 -6.41 -8.24 -31.47
N GLY K 37 -7.20 -7.33 -32.04
CA GLY K 37 -7.80 -6.21 -31.30
C GLY K 37 -8.72 -6.67 -30.17
N MET K 38 -9.54 -7.70 -30.39
CA MET K 38 -10.32 -8.36 -29.35
C MET K 38 -9.46 -9.07 -28.29
N GLY K 39 -8.37 -9.73 -28.67
CA GLY K 39 -7.42 -10.32 -27.73
C GLY K 39 -6.74 -9.31 -26.80
N LEU K 40 -6.26 -8.19 -27.33
CA LEU K 40 -5.72 -7.06 -26.55
C LEU K 40 -6.76 -6.45 -25.62
N ALA K 41 -7.98 -6.23 -26.10
CA ALA K 41 -9.03 -5.55 -25.33
C ALA K 41 -9.43 -6.29 -24.05
N VAL K 42 -9.77 -7.58 -24.12
CA VAL K 42 -10.11 -8.36 -22.92
C VAL K 42 -8.87 -8.83 -22.17
N GLY K 43 -7.78 -9.15 -22.85
CA GLY K 43 -6.53 -9.52 -22.19
C GLY K 43 -5.97 -8.46 -21.26
N LEU K 44 -5.81 -7.21 -21.72
CA LEU K 44 -5.24 -6.16 -20.87
C LEU K 44 -6.23 -5.60 -19.84
N ALA K 45 -7.54 -5.67 -20.09
CA ALA K 45 -8.56 -5.30 -19.12
C ALA K 45 -8.78 -6.36 -18.02
N ALA K 46 -8.66 -7.65 -18.34
CA ALA K 46 -8.58 -8.72 -17.34
C ALA K 46 -7.30 -8.61 -16.50
N LEU K 47 -6.18 -8.25 -17.10
CA LEU K 47 -4.93 -7.94 -16.39
C LEU K 47 -5.06 -6.75 -15.45
N GLY K 48 -5.60 -5.62 -15.90
CA GLY K 48 -5.86 -4.45 -15.06
C GLY K 48 -6.81 -4.72 -13.90
N THR K 49 -7.86 -5.50 -14.12
CA THR K 49 -8.77 -5.95 -13.04
C THR K 49 -8.06 -6.84 -12.02
N GLY K 50 -7.20 -7.74 -12.47
CA GLY K 50 -6.44 -8.64 -11.60
C GLY K 50 -5.42 -7.93 -10.72
N VAL K 51 -4.75 -6.90 -11.25
CA VAL K 51 -3.85 -6.03 -10.46
C VAL K 51 -4.61 -5.31 -9.35
N ALA K 52 -5.80 -4.78 -9.63
CA ALA K 52 -6.63 -4.12 -8.61
C ALA K 52 -7.09 -5.10 -7.52
N GLN K 53 -7.71 -6.21 -7.90
CA GLN K 53 -8.25 -7.20 -6.97
C GLN K 53 -7.18 -7.83 -6.07
N ALA K 54 -5.93 -7.96 -6.53
CA ALA K 54 -4.83 -8.56 -5.77
C ALA K 54 -4.65 -7.96 -4.38
N ARG K 55 -4.38 -6.66 -4.29
CA ARG K 55 -4.14 -5.98 -3.02
C ARG K 55 -5.42 -5.72 -2.24
N ILE K 56 -6.52 -5.43 -2.92
CA ILE K 56 -7.82 -5.17 -2.29
C ILE K 56 -8.38 -6.42 -1.60
N GLY K 57 -8.39 -7.56 -2.28
CA GLY K 57 -8.88 -8.83 -1.74
C GLY K 57 -7.95 -9.43 -0.69
N ALA K 58 -6.64 -9.19 -0.78
CA ALA K 58 -5.70 -9.55 0.27
C ALA K 58 -5.92 -8.76 1.56
N ALA K 59 -6.28 -7.47 1.47
CA ALA K 59 -6.75 -6.70 2.62
C ALA K 59 -8.12 -7.20 3.12
N GLY K 60 -9.06 -7.51 2.22
CA GLY K 60 -10.38 -8.03 2.57
C GLY K 60 -10.37 -9.31 3.38
N VAL K 61 -9.56 -10.30 3.01
CA VAL K 61 -9.40 -11.55 3.78
C VAL K 61 -8.92 -11.24 5.20
N GLY K 62 -7.87 -10.44 5.38
CA GLY K 62 -7.36 -10.05 6.69
C GLY K 62 -8.35 -9.26 7.53
N ALA K 63 -9.12 -8.35 6.93
CA ALA K 63 -10.17 -7.59 7.61
C ALA K 63 -11.31 -8.49 8.11
N ILE K 64 -11.79 -9.43 7.28
CA ILE K 64 -12.83 -10.39 7.68
C ILE K 64 -12.31 -11.33 8.78
N ALA K 65 -11.06 -11.80 8.69
CA ALA K 65 -10.46 -12.66 9.70
C ALA K 65 -10.31 -11.96 11.07
N GLU K 66 -10.06 -10.65 11.09
CA GLU K 66 -10.01 -9.85 12.32
C GLU K 66 -11.41 -9.59 12.91
N ASP K 67 -12.41 -9.30 12.08
CA ASP K 67 -13.80 -9.08 12.50
C ASP K 67 -14.76 -9.40 11.34
N ARG K 68 -15.57 -10.45 11.50
CA ARG K 68 -16.46 -11.00 10.46
C ARG K 68 -17.49 -10.02 9.93
N SER K 69 -17.80 -8.94 10.64
CA SER K 69 -18.68 -7.87 10.16
C SER K 69 -18.08 -7.02 9.01
N ASN K 70 -16.81 -7.22 8.67
CA ASN K 70 -16.15 -6.59 7.52
C ASN K 70 -16.49 -7.22 6.17
N PHE K 71 -17.31 -8.27 6.11
CA PHE K 71 -17.60 -8.98 4.85
C PHE K 71 -18.20 -8.08 3.77
N GLY K 72 -19.17 -7.21 4.11
CA GLY K 72 -19.74 -6.25 3.16
C GLY K 72 -18.73 -5.21 2.65
N THR K 73 -18.00 -4.55 3.54
CA THR K 73 -17.02 -3.51 3.17
C THR K 73 -15.74 -4.08 2.53
N ALA K 74 -15.44 -5.36 2.71
CA ALA K 74 -14.42 -6.07 1.94
C ALA K 74 -14.93 -6.38 0.52
N LEU K 75 -16.12 -6.98 0.38
CA LEU K 75 -16.64 -7.45 -0.91
C LEU K 75 -16.99 -6.32 -1.89
N ILE K 76 -17.60 -5.23 -1.42
CA ILE K 76 -17.89 -4.05 -2.28
C ILE K 76 -16.61 -3.48 -2.89
N PHE K 77 -15.53 -3.36 -2.11
CA PHE K 77 -14.25 -2.90 -2.64
C PHE K 77 -13.63 -3.92 -3.61
N LEU K 78 -13.88 -5.22 -3.43
CA LEU K 78 -13.41 -6.27 -4.36
C LEU K 78 -14.13 -6.18 -5.72
N LEU K 79 -15.44 -5.93 -5.74
CA LEU K 79 -16.26 -6.03 -6.95
C LEU K 79 -16.32 -4.75 -7.80
N LEU K 80 -16.12 -3.56 -7.24
CA LEU K 80 -16.07 -2.32 -8.03
C LEU K 80 -14.98 -2.31 -9.14
N PRO K 81 -13.77 -2.85 -8.94
CA PRO K 81 -12.77 -3.06 -10.00
C PRO K 81 -13.21 -3.90 -11.21
N GLU K 82 -14.28 -4.69 -11.14
CA GLU K 82 -14.71 -5.55 -12.26
C GLU K 82 -15.29 -4.68 -13.38
N THR K 83 -15.55 -3.41 -13.18
CA THR K 83 -15.88 -2.42 -14.20
C THR K 83 -14.85 -2.41 -15.36
N LEU K 84 -13.57 -2.62 -15.07
CA LEU K 84 -12.47 -2.56 -16.04
C LEU K 84 -12.61 -3.67 -17.10
N VAL K 85 -12.85 -4.91 -16.68
CA VAL K 85 -13.06 -6.02 -17.61
C VAL K 85 -14.43 -5.94 -18.32
N ILE K 86 -15.46 -5.32 -17.73
CA ILE K 86 -16.69 -5.01 -18.48
C ILE K 86 -16.42 -4.05 -19.63
N PHE K 87 -15.57 -3.03 -19.44
CA PHE K 87 -15.16 -2.12 -20.51
C PHE K 87 -14.28 -2.79 -21.56
N GLY K 88 -13.43 -3.76 -21.19
CA GLY K 88 -12.71 -4.60 -22.14
C GLY K 88 -13.64 -5.48 -22.98
N LEU K 89 -14.64 -6.11 -22.37
CA LEU K 89 -15.69 -6.87 -23.06
C LEU K 89 -16.55 -6.00 -23.99
N LEU K 90 -16.90 -4.78 -23.58
CA LEU K 90 -17.61 -3.82 -24.41
C LEU K 90 -16.89 -3.59 -25.74
N ILE K 91 -15.60 -3.26 -25.72
CA ILE K 91 -14.85 -3.05 -26.96
C ILE K 91 -14.74 -4.33 -27.77
N ALA K 92 -14.49 -5.49 -27.15
CA ALA K 92 -14.40 -6.76 -27.86
C ALA K 92 -15.71 -7.17 -28.55
N PHE K 93 -16.87 -6.97 -27.93
CA PHE K 93 -18.17 -7.23 -28.56
C PHE K 93 -18.58 -6.18 -29.60
N ILE K 94 -18.08 -4.94 -29.54
CA ILE K 94 -18.20 -3.99 -30.65
C ILE K 94 -17.39 -4.51 -31.84
N LEU K 95 -16.10 -4.81 -31.64
CA LEU K 95 -15.22 -5.33 -32.68
C LEU K 95 -15.73 -6.62 -33.33
N ASN K 96 -16.28 -7.54 -32.56
CA ASN K 96 -16.89 -8.78 -33.06
C ASN K 96 -17.95 -8.55 -34.14
N GLY K 97 -18.70 -7.45 -34.12
CA GLY K 97 -19.68 -7.12 -35.16
C GLY K 97 -19.04 -6.55 -36.43
N ARG K 98 -17.90 -5.87 -36.30
CA ARG K 98 -17.08 -5.29 -37.38
C ARG K 98 -16.22 -6.34 -38.12
N LEU K 99 -15.98 -7.49 -37.47
CA LEU K 99 -15.25 -8.67 -37.94
C LEU K 99 -15.95 -9.31 -39.15
N GLY L 27 -10.59 -0.17 -46.18
CA GLY L 27 -10.80 -1.59 -46.45
C GLY L 27 -9.55 -2.45 -46.22
N GLY L 28 -9.74 -3.76 -46.02
CA GLY L 28 -8.65 -4.73 -45.83
C GLY L 28 -7.83 -4.48 -44.57
N LEU L 29 -6.49 -4.42 -44.69
CA LEU L 29 -5.59 -4.22 -43.54
C LEU L 29 -5.88 -2.95 -42.73
N ASP L 30 -6.31 -1.87 -43.39
CA ASP L 30 -6.69 -0.58 -42.77
C ASP L 30 -7.73 -0.78 -41.64
N ARG L 31 -8.83 -1.49 -41.92
CA ARG L 31 -9.84 -1.84 -40.91
C ARG L 31 -9.26 -2.71 -39.79
N GLY L 32 -8.37 -3.63 -40.12
CA GLY L 32 -7.66 -4.45 -39.15
C GLY L 32 -6.83 -3.63 -38.17
N LEU L 33 -6.02 -2.70 -38.68
CA LEU L 33 -5.13 -1.89 -37.87
C LEU L 33 -5.87 -0.87 -37.01
N ILE L 34 -6.97 -0.31 -37.51
CA ILE L 34 -7.86 0.53 -36.72
C ILE L 34 -8.41 -0.23 -35.51
N ALA L 35 -8.76 -1.51 -35.65
CA ALA L 35 -9.16 -2.35 -34.52
C ALA L 35 -8.03 -2.65 -33.52
N VAL L 36 -6.80 -2.85 -33.97
CA VAL L 36 -5.62 -2.99 -33.08
C VAL L 36 -5.41 -1.73 -32.25
N GLY L 37 -5.57 -0.54 -32.84
CA GLY L 37 -5.51 0.74 -32.13
C GLY L 37 -6.57 0.87 -31.03
N MET L 38 -7.79 0.34 -31.22
CA MET L 38 -8.83 0.32 -30.16
C MET L 38 -8.46 -0.57 -28.99
N GLY L 39 -8.05 -1.82 -29.25
CA GLY L 39 -7.67 -2.77 -28.20
C GLY L 39 -6.48 -2.29 -27.39
N LEU L 40 -5.54 -1.64 -28.04
CA LEU L 40 -4.39 -0.97 -27.44
C LEU L 40 -4.78 0.27 -26.63
N ALA L 41 -5.76 1.06 -27.06
CA ALA L 41 -6.24 2.22 -26.30
C ALA L 41 -7.02 1.82 -25.04
N VAL L 42 -8.05 0.99 -25.15
CA VAL L 42 -8.86 0.59 -23.97
C VAL L 42 -8.05 -0.26 -23.02
N GLY L 43 -7.33 -1.27 -23.51
CA GLY L 43 -6.68 -2.27 -22.67
C GLY L 43 -5.57 -1.67 -21.83
N LEU L 44 -4.76 -0.82 -22.43
CA LEU L 44 -3.58 -0.24 -21.79
C LEU L 44 -3.93 0.92 -20.84
N ALA L 45 -5.06 1.61 -21.07
CA ALA L 45 -5.68 2.53 -20.12
C ALA L 45 -6.46 1.85 -18.98
N ALA L 46 -7.10 0.70 -19.23
CA ALA L 46 -7.69 -0.18 -18.20
C ALA L 46 -6.65 -0.72 -17.22
N LEU L 47 -5.46 -1.05 -17.71
CA LEU L 47 -4.31 -1.38 -16.88
C LEU L 47 -3.86 -0.22 -15.99
N GLY L 48 -3.91 1.04 -16.47
CA GLY L 48 -3.64 2.24 -15.66
C GLY L 48 -4.64 2.48 -14.52
N THR L 49 -5.95 2.40 -14.77
CA THR L 49 -6.95 2.45 -13.68
C THR L 49 -6.76 1.33 -12.66
N GLY L 50 -6.40 0.12 -13.11
CA GLY L 50 -6.21 -1.03 -12.23
C GLY L 50 -5.00 -0.92 -11.31
N VAL L 51 -3.88 -0.41 -11.82
CA VAL L 51 -2.66 -0.11 -11.04
C VAL L 51 -2.95 0.94 -9.96
N ALA L 52 -3.74 1.97 -10.26
CA ALA L 52 -4.12 2.99 -9.29
C ALA L 52 -5.05 2.48 -8.18
N GLN L 53 -6.11 1.74 -8.52
CA GLN L 53 -7.05 1.22 -7.53
C GLN L 53 -6.47 0.18 -6.57
N ALA L 54 -5.40 -0.53 -6.91
CA ALA L 54 -4.82 -1.57 -6.07
C ALA L 54 -4.35 -1.04 -4.70
N ARG L 55 -3.43 -0.08 -4.67
CA ARG L 55 -2.92 0.52 -3.42
C ARG L 55 -3.95 1.39 -2.72
N ILE L 56 -4.75 2.14 -3.48
CA ILE L 56 -5.80 3.00 -2.91
C ILE L 56 -6.89 2.15 -2.23
N GLY L 57 -7.35 1.08 -2.84
CA GLY L 57 -8.41 0.25 -2.26
C GLY L 57 -7.94 -0.62 -1.09
N ALA L 58 -6.68 -1.06 -1.04
CA ALA L 58 -6.12 -1.71 0.14
C ALA L 58 -6.03 -0.75 1.34
N ALA L 59 -5.57 0.49 1.10
CA ALA L 59 -5.56 1.55 2.10
C ALA L 59 -6.96 1.97 2.55
N GLY L 60 -7.93 2.02 1.63
CA GLY L 60 -9.35 2.27 1.91
C GLY L 60 -10.00 1.19 2.75
N VAL L 61 -9.89 -0.09 2.37
CA VAL L 61 -10.41 -1.23 3.16
C VAL L 61 -9.85 -1.22 4.58
N GLY L 62 -8.57 -0.87 4.75
CA GLY L 62 -7.90 -0.75 6.05
C GLY L 62 -8.35 0.44 6.88
N ALA L 63 -8.54 1.62 6.31
CA ALA L 63 -9.12 2.75 7.02
C ALA L 63 -10.54 2.42 7.52
N ILE L 64 -11.40 1.87 6.66
CA ILE L 64 -12.75 1.44 7.02
C ILE L 64 -12.73 0.35 8.09
N ALA L 65 -11.79 -0.60 8.05
CA ALA L 65 -11.71 -1.66 9.05
C ALA L 65 -11.44 -1.09 10.46
N GLU L 66 -10.56 -0.10 10.58
CA GLU L 66 -10.24 0.51 11.87
C GLU L 66 -11.31 1.50 12.36
N ASP L 67 -12.06 2.15 11.46
CA ASP L 67 -13.23 2.97 11.78
C ASP L 67 -14.24 2.98 10.62
N ARG L 68 -15.43 2.40 10.82
CA ARG L 68 -16.44 2.23 9.76
C ARG L 68 -16.96 3.55 9.19
N SER L 69 -16.73 4.68 9.85
CA SER L 69 -17.08 6.01 9.33
C SER L 69 -16.19 6.47 8.16
N ASN L 70 -15.01 5.86 7.94
CA ASN L 70 -14.12 6.21 6.83
C ASN L 70 -14.62 5.77 5.43
N PHE L 71 -15.79 5.13 5.33
CA PHE L 71 -16.34 4.57 4.08
C PHE L 71 -16.47 5.59 2.93
N GLY L 72 -17.05 6.76 3.17
CA GLY L 72 -17.26 7.77 2.13
C GLY L 72 -15.97 8.35 1.56
N THR L 73 -14.95 8.59 2.39
CA THR L 73 -13.64 9.09 1.93
C THR L 73 -12.90 8.04 1.11
N ALA L 74 -12.93 6.78 1.57
CA ALA L 74 -12.33 5.66 0.86
C ALA L 74 -12.98 5.43 -0.51
N LEU L 75 -14.30 5.54 -0.64
CA LEU L 75 -15.01 5.46 -1.92
C LEU L 75 -14.62 6.58 -2.89
N ILE L 76 -14.56 7.84 -2.45
CA ILE L 76 -14.19 8.95 -3.34
C ILE L 76 -12.81 8.72 -3.96
N PHE L 77 -11.81 8.37 -3.14
CA PHE L 77 -10.46 8.12 -3.65
C PHE L 77 -10.39 6.87 -4.53
N LEU L 78 -11.18 5.81 -4.29
CA LEU L 78 -11.23 4.63 -5.14
C LEU L 78 -11.83 4.92 -6.53
N LEU L 79 -12.84 5.78 -6.61
CA LEU L 79 -13.52 6.10 -7.86
C LEU L 79 -12.79 7.14 -8.71
N LEU L 80 -11.91 7.97 -8.15
CA LEU L 80 -11.19 8.97 -8.95
C LEU L 80 -10.36 8.36 -10.11
N PRO L 81 -9.56 7.29 -9.94
CA PRO L 81 -8.84 6.67 -11.06
C PRO L 81 -9.67 6.08 -12.21
N GLU L 82 -10.98 6.01 -12.03
CA GLU L 82 -11.91 5.46 -13.04
C GLU L 82 -12.03 6.40 -14.25
N THR L 83 -11.33 7.52 -14.27
CA THR L 83 -11.33 8.48 -15.39
C THR L 83 -10.19 8.17 -16.37
N LEU L 84 -9.49 7.07 -16.18
CA LEU L 84 -8.33 6.73 -17.04
C LEU L 84 -8.79 5.68 -18.03
N VAL L 85 -9.65 4.75 -17.64
CA VAL L 85 -10.19 3.68 -18.53
C VAL L 85 -11.19 4.31 -19.46
N ILE L 86 -11.74 5.44 -19.08
CA ILE L 86 -12.72 6.22 -19.84
C ILE L 86 -12.07 7.12 -20.90
N PHE L 87 -10.90 7.71 -20.66
CA PHE L 87 -10.13 8.37 -21.73
C PHE L 87 -9.57 7.38 -22.76
N GLY L 88 -9.24 6.14 -22.39
CA GLY L 88 -8.96 5.06 -23.33
C GLY L 88 -10.18 4.64 -24.17
N LEU L 89 -11.36 4.49 -23.55
CA LEU L 89 -12.62 4.24 -24.27
C LEU L 89 -12.97 5.35 -25.26
N LEU L 90 -12.78 6.63 -24.91
CA LEU L 90 -13.06 7.78 -25.80
C LEU L 90 -12.37 7.62 -27.15
N ILE L 91 -11.07 7.31 -27.15
CA ILE L 91 -10.30 7.08 -28.38
C ILE L 91 -10.76 5.81 -29.09
N ALA L 92 -11.02 4.73 -28.37
CA ALA L 92 -11.55 3.51 -28.98
C ALA L 92 -12.90 3.73 -29.70
N PHE L 93 -13.85 4.49 -29.14
CA PHE L 93 -15.11 4.84 -29.81
C PHE L 93 -14.93 5.80 -31.01
N ILE L 94 -14.03 6.78 -30.93
CA ILE L 94 -13.65 7.66 -32.06
C ILE L 94 -12.98 6.87 -33.20
N LEU L 95 -12.24 5.81 -32.92
CA LEU L 95 -11.71 4.89 -33.93
C LEU L 95 -12.78 3.93 -34.46
N ASN L 96 -13.70 3.43 -33.65
CA ASN L 96 -14.80 2.57 -34.14
C ASN L 96 -15.74 3.28 -35.12
N GLY L 97 -15.83 4.60 -35.09
CA GLY L 97 -16.54 5.39 -36.10
C GLY L 97 -16.03 5.24 -37.54
N ARG L 98 -14.83 4.68 -37.73
CA ARG L 98 -14.23 4.40 -39.05
C ARG L 98 -14.57 3.00 -39.60
N LEU L 99 -14.93 2.02 -38.77
CA LEU L 99 -15.03 0.61 -39.18
C LEU L 99 -16.29 0.26 -39.98
N GLY M 27 -2.04 4.50 -49.75
CA GLY M 27 -3.23 3.74 -49.35
C GLY M 27 -3.38 3.57 -47.84
N GLY M 28 -4.46 2.92 -47.41
CA GLY M 28 -4.95 2.86 -46.02
C GLY M 28 -4.02 2.23 -44.97
N LEU M 29 -2.85 1.75 -45.38
CA LEU M 29 -1.75 1.35 -44.50
C LEU M 29 -1.39 2.47 -43.51
N ASP M 30 -1.34 3.75 -43.93
CA ASP M 30 -1.10 4.84 -42.99
C ASP M 30 -2.30 5.11 -42.09
N ARG M 31 -3.55 5.14 -42.58
CA ARG M 31 -4.74 5.36 -41.73
C ARG M 31 -4.80 4.35 -40.58
N GLY M 32 -4.44 3.10 -40.87
CA GLY M 32 -4.31 2.05 -39.87
C GLY M 32 -3.17 2.31 -38.87
N LEU M 33 -1.96 2.62 -39.34
CA LEU M 33 -0.82 2.87 -38.46
C LEU M 33 -0.96 4.15 -37.64
N ILE M 34 -1.64 5.19 -38.15
CA ILE M 34 -1.98 6.38 -37.38
C ILE M 34 -2.87 5.97 -36.21
N ALA M 35 -3.87 5.11 -36.41
CA ALA M 35 -4.69 4.58 -35.33
C ALA M 35 -3.92 3.78 -34.27
N VAL M 36 -2.91 2.97 -34.63
CA VAL M 36 -2.08 2.30 -33.62
C VAL M 36 -1.14 3.26 -32.88
N GLY M 37 -0.69 4.34 -33.53
CA GLY M 37 -0.02 5.47 -32.87
C GLY M 37 -0.89 6.22 -31.88
N MET M 38 -2.20 6.38 -32.14
CA MET M 38 -3.17 6.94 -31.19
C MET M 38 -3.41 6.05 -29.97
N GLY M 39 -3.44 4.73 -30.17
CA GLY M 39 -3.55 3.77 -29.07
C GLY M 39 -2.36 3.84 -28.12
N LEU M 40 -1.14 3.95 -28.65
CA LEU M 40 0.06 4.18 -27.83
C LEU M 40 -0.01 5.50 -27.05
N ALA M 41 -0.46 6.58 -27.71
CA ALA M 41 -0.45 7.92 -27.13
C ALA M 41 -1.33 8.02 -25.88
N VAL M 42 -2.62 7.68 -25.97
CA VAL M 42 -3.51 7.70 -24.80
C VAL M 42 -3.23 6.55 -23.84
N GLY M 43 -2.86 5.35 -24.31
CA GLY M 43 -2.66 4.18 -23.49
C GLY M 43 -1.50 4.30 -22.51
N LEU M 44 -0.29 4.61 -22.98
CA LEU M 44 0.90 4.76 -22.13
C LEU M 44 0.80 5.98 -21.22
N ALA M 45 0.15 7.06 -21.64
CA ALA M 45 -0.12 8.22 -20.79
C ALA M 45 -1.14 7.92 -19.69
N ALA M 46 -2.21 7.19 -19.99
CA ALA M 46 -3.16 6.69 -18.99
C ALA M 46 -2.49 5.75 -17.98
N LEU M 47 -1.66 4.83 -18.45
CA LEU M 47 -0.83 3.97 -17.60
C LEU M 47 0.16 4.77 -16.73
N GLY M 48 0.85 5.83 -17.11
CA GLY M 48 1.76 6.56 -16.20
C GLY M 48 1.15 7.36 -15.08
N THR M 49 -0.03 7.96 -15.20
CA THR M 49 -0.79 8.70 -14.14
C THR M 49 -1.38 7.73 -13.14
N GLY M 50 -1.77 6.53 -13.54
CA GLY M 50 -2.17 5.48 -12.60
C GLY M 50 -0.95 5.05 -11.86
N VAL M 51 0.17 4.83 -12.55
CA VAL M 51 1.35 4.58 -11.68
C VAL M 51 1.55 5.71 -10.68
N ALA M 52 1.31 7.00 -10.90
CA ALA M 52 1.52 8.03 -9.83
C ALA M 52 0.47 8.00 -8.72
N GLN M 53 -0.81 8.07 -9.04
CA GLN M 53 -1.95 8.14 -8.10
C GLN M 53 -2.09 6.93 -7.21
N ALA M 54 -1.47 5.81 -7.51
CA ALA M 54 -1.55 4.56 -6.73
C ALA M 54 -0.87 4.82 -5.44
N ARG M 55 0.29 5.43 -5.57
CA ARG M 55 1.10 5.65 -4.37
C ARG M 55 0.76 6.97 -3.67
N ILE M 56 0.50 8.04 -4.43
CA ILE M 56 0.02 9.34 -3.89
C ILE M 56 -1.41 9.24 -3.33
N GLY M 57 -2.25 8.37 -3.86
CA GLY M 57 -3.60 8.12 -3.33
C GLY M 57 -3.60 7.25 -2.08
N ALA M 58 -2.76 6.23 -2.00
CA ALA M 58 -2.63 5.37 -0.83
C ALA M 58 -2.03 6.07 0.39
N ALA M 59 -1.14 7.03 0.17
CA ALA M 59 -0.70 7.97 1.20
C ALA M 59 -1.81 8.96 1.56
N GLY M 60 -2.58 9.45 0.58
CA GLY M 60 -3.61 10.47 0.76
C GLY M 60 -4.75 10.04 1.66
N VAL M 61 -5.30 8.83 1.47
CA VAL M 61 -6.37 8.33 2.35
C VAL M 61 -5.90 8.15 3.79
N GLY M 62 -4.62 7.82 4.01
CA GLY M 62 -4.03 7.73 5.34
C GLY M 62 -3.93 9.08 6.04
N ALA M 63 -3.56 10.14 5.34
CA ALA M 63 -3.53 11.49 5.91
C ALA M 63 -4.91 11.94 6.38
N ILE M 64 -5.96 11.70 5.59
CA ILE M 64 -7.35 12.05 5.92
C ILE M 64 -7.91 11.17 7.05
N ALA M 65 -7.41 9.95 7.19
CA ALA M 65 -7.76 9.04 8.29
C ALA M 65 -7.20 9.51 9.65
N GLU M 66 -6.00 10.09 9.68
CA GLU M 66 -5.45 10.71 10.90
C GLU M 66 -6.12 12.05 11.23
N ASP M 67 -6.44 12.88 10.22
CA ASP M 67 -7.05 14.19 10.38
C ASP M 67 -7.82 14.60 9.11
N ARG M 68 -9.14 14.76 9.22
CA ARG M 68 -10.03 15.13 8.08
C ARG M 68 -9.65 16.44 7.42
N SER M 69 -9.01 17.37 8.12
CA SER M 69 -8.62 18.68 7.56
C SER M 69 -7.54 18.60 6.47
N ASN M 70 -6.92 17.44 6.25
CA ASN M 70 -5.98 17.20 5.15
C ASN M 70 -6.63 17.08 3.76
N PHE M 71 -7.96 16.89 3.67
CA PHE M 71 -8.67 16.48 2.44
C PHE M 71 -8.32 17.32 1.22
N GLY M 72 -8.40 18.65 1.29
CA GLY M 72 -8.11 19.51 0.14
C GLY M 72 -6.71 19.32 -0.44
N THR M 73 -5.69 19.19 0.40
CA THR M 73 -4.30 18.95 -0.05
C THR M 73 -4.12 17.57 -0.67
N ALA M 74 -4.83 16.55 -0.18
CA ALA M 74 -4.75 15.18 -0.65
C ALA M 74 -5.49 14.97 -1.99
N LEU M 75 -6.55 15.74 -2.26
CA LEU M 75 -7.13 15.86 -3.61
C LEU M 75 -6.16 16.55 -4.57
N ILE M 76 -5.62 17.70 -4.18
CA ILE M 76 -4.70 18.48 -5.03
C ILE M 76 -3.54 17.62 -5.51
N PHE M 77 -2.90 16.86 -4.62
CA PHE M 77 -1.76 16.01 -4.97
C PHE M 77 -2.16 14.77 -5.79
N LEU M 78 -3.29 14.17 -5.47
CA LEU M 78 -3.77 12.96 -6.19
C LEU M 78 -4.18 13.30 -7.61
N LEU M 79 -4.73 14.48 -7.86
CA LEU M 79 -5.31 14.82 -9.18
C LEU M 79 -4.31 15.70 -9.92
N LEU M 80 -3.12 15.85 -9.38
CA LEU M 80 -2.05 16.65 -10.03
C LEU M 80 -1.38 15.79 -11.10
N PRO M 81 -0.99 14.53 -10.81
CA PRO M 81 -0.49 13.63 -11.84
C PRO M 81 -1.44 13.36 -13.01
N GLU M 82 -2.48 14.17 -13.24
CA GLU M 82 -3.53 13.88 -14.24
C GLU M 82 -3.39 14.80 -15.45
N THR M 83 -2.25 15.44 -15.59
CA THR M 83 -1.92 16.32 -16.72
C THR M 83 -1.19 15.46 -17.73
N LEU M 84 -0.73 14.29 -17.31
CA LEU M 84 -0.01 13.34 -18.18
C LEU M 84 -1.00 12.64 -19.10
N VAL M 85 -2.25 12.45 -18.67
CA VAL M 85 -3.31 11.82 -19.50
C VAL M 85 -4.01 12.87 -20.37
N ILE M 86 -3.82 14.14 -20.12
CA ILE M 86 -4.52 15.20 -20.88
C ILE M 86 -3.60 15.53 -22.04
N PHE M 87 -2.32 15.23 -21.92
CA PHE M 87 -1.30 15.59 -22.94
C PHE M 87 -1.12 14.42 -23.87
N GLY M 88 -1.23 13.19 -23.40
CA GLY M 88 -1.32 12.02 -24.28
C GLY M 88 -2.59 11.99 -25.13
N LEU M 89 -3.73 12.32 -24.54
CA LEU M 89 -5.03 12.45 -25.23
C LEU M 89 -5.04 13.60 -26.26
N LEU M 90 -4.29 14.69 -26.02
CA LEU M 90 -4.06 15.74 -27.01
C LEU M 90 -3.27 15.25 -28.23
N ILE M 91 -2.19 14.48 -28.06
CA ILE M 91 -1.45 13.92 -29.20
C ILE M 91 -2.32 12.94 -30.01
N ALA M 92 -3.17 12.14 -29.36
CA ALA M 92 -4.15 11.33 -30.07
C ALA M 92 -5.14 12.16 -30.89
N PHE M 93 -5.55 13.35 -30.44
CA PHE M 93 -6.41 14.25 -31.21
C PHE M 93 -5.72 15.01 -32.34
N ILE M 94 -4.44 15.34 -32.22
CA ILE M 94 -3.66 15.85 -33.35
C ILE M 94 -3.53 14.78 -34.44
N LEU M 95 -3.19 13.53 -34.09
CA LEU M 95 -3.22 12.39 -35.00
C LEU M 95 -4.59 12.17 -35.66
N ASN M 96 -5.68 12.21 -34.90
CA ASN M 96 -7.06 12.11 -35.42
C ASN M 96 -7.42 13.22 -36.44
N GLY M 97 -6.67 14.31 -36.51
CA GLY M 97 -6.79 15.32 -37.56
C GLY M 97 -6.06 15.00 -38.86
N ARG M 98 -5.04 14.12 -38.82
CA ARG M 98 -4.28 13.64 -40.01
C ARG M 98 -4.91 12.41 -40.67
N LEU M 99 -5.72 11.63 -39.94
CA LEU M 99 -6.41 10.42 -40.42
C LEU M 99 -7.53 10.78 -41.39
N ALA N 2 -3.42 -7.79 3.66
CA ALA N 2 -2.35 -8.32 4.49
C ALA N 2 -1.01 -8.40 3.73
N ASP N 3 0.10 -8.18 4.43
CA ASP N 3 1.45 -8.03 3.84
C ASP N 3 1.50 -6.86 2.83
N ASP N 4 1.04 -5.71 3.28
CA ASP N 4 0.93 -4.48 2.52
C ASP N 4 0.90 -3.33 3.50
N PHE N 5 1.89 -2.45 3.49
CA PHE N 5 1.90 -1.28 4.36
C PHE N 5 0.91 -0.21 3.91
N ALA N 6 0.37 -0.24 2.68
CA ALA N 6 -0.73 0.65 2.31
C ALA N 6 -1.98 0.39 3.18
N TYR N 7 -2.28 -0.88 3.46
CA TYR N 7 -3.33 -1.32 4.37
C TYR N 7 -2.97 -1.07 5.85
N LEU N 8 -1.83 -1.55 6.34
CA LEU N 8 -1.48 -1.41 7.77
C LEU N 8 -1.34 0.06 8.17
N ASN N 9 -0.71 0.89 7.36
CA ASN N 9 -0.48 2.28 7.73
C ASN N 9 -1.76 3.10 7.71
N ALA N 10 -2.82 2.69 7.01
CA ALA N 10 -4.13 3.31 7.14
C ALA N 10 -4.76 3.03 8.52
N ARG N 11 -4.61 1.82 9.04
CA ARG N 11 -5.02 1.43 10.41
C ARG N 11 -4.19 2.12 11.49
N VAL N 12 -2.88 2.23 11.29
CA VAL N 12 -1.99 3.01 12.18
C VAL N 12 -2.37 4.47 12.16
N ARG N 13 -2.63 5.10 11.01
CA ARG N 13 -3.05 6.52 10.89
C ARG N 13 -4.32 6.81 11.69
N VAL N 14 -5.34 5.96 11.62
CA VAL N 14 -6.55 6.10 12.44
C VAL N 14 -6.22 6.15 13.93
N ARG N 15 -5.34 5.26 14.40
CA ARG N 15 -4.87 5.19 15.80
C ARG N 15 -3.99 6.37 16.21
N ARG N 16 -3.13 6.89 15.34
CA ARG N 16 -2.35 8.14 15.58
C ARG N 16 -3.26 9.34 15.81
N GLY N 17 -4.45 9.35 15.25
CA GLY N 17 -5.46 10.39 15.49
C GLY N 17 -5.93 10.50 16.95
N THR N 18 -5.73 9.47 17.78
CA THR N 18 -6.13 9.44 19.19
C THR N 18 -4.96 9.18 20.16
N LEU N 19 -3.75 9.52 19.74
CA LEU N 19 -2.55 9.63 20.56
C LEU N 19 -2.64 10.90 21.43
N LEU N 20 -2.20 10.88 22.70
CA LEU N 20 -2.43 11.98 23.65
C LEU N 20 -1.69 13.27 23.22
N LYS N 21 -2.43 14.39 23.28
CA LYS N 21 -1.91 15.75 23.04
C LYS N 21 -0.99 16.18 24.18
N GLU N 22 0.00 17.02 23.89
CA GLU N 22 0.98 17.44 24.89
C GLU N 22 0.38 18.31 26.00
N SER N 23 -0.71 19.00 25.72
CA SER N 23 -1.48 19.78 26.69
C SER N 23 -2.02 18.92 27.83
N PHE N 24 -2.33 17.64 27.60
CA PHE N 24 -2.71 16.72 28.67
C PHE N 24 -1.62 16.67 29.74
N PHE N 25 -0.38 16.42 29.36
CA PHE N 25 0.73 16.29 30.31
C PHE N 25 1.11 17.62 30.99
N GLN N 26 0.67 18.76 30.47
CA GLN N 26 0.82 20.08 31.09
C GLN N 26 -0.34 20.38 32.06
N GLU N 27 -1.57 20.03 31.71
CA GLU N 27 -2.77 20.28 32.51
C GLU N 27 -2.98 19.26 33.65
N ALA N 28 -2.60 18.00 33.41
CA ALA N 28 -2.72 16.89 34.36
C ALA N 28 -1.77 16.99 35.57
N LEU N 29 -0.72 17.82 35.49
CA LEU N 29 0.43 17.73 36.38
C LEU N 29 0.14 18.20 37.82
N ASP N 30 -0.73 19.20 38.02
CA ASP N 30 -1.03 19.80 39.33
C ASP N 30 -2.32 19.27 39.99
N LEU N 31 -3.01 18.33 39.35
CA LEU N 31 -4.32 17.82 39.76
C LEU N 31 -4.28 16.98 41.06
N SER N 32 -5.44 16.85 41.70
CA SER N 32 -5.73 15.78 42.66
C SER N 32 -5.90 14.46 41.92
N PHE N 33 -5.89 13.33 42.63
CA PHE N 33 -6.12 12.03 41.98
C PHE N 33 -7.50 11.89 41.37
N ALA N 34 -8.54 12.43 42.03
CA ALA N 34 -9.90 12.46 41.51
C ALA N 34 -10.02 13.27 40.22
N ASP N 35 -9.35 14.43 40.15
CA ASP N 35 -9.29 15.25 38.95
C ASP N 35 -8.40 14.64 37.85
N PHE N 36 -7.37 13.86 38.19
CA PHE N 36 -6.60 13.09 37.21
C PHE N 36 -7.44 11.98 36.58
N LEU N 37 -8.11 11.15 37.37
CA LEU N 37 -9.08 10.14 36.90
C LEU N 37 -10.11 10.77 35.98
N ARG N 38 -10.62 11.94 36.34
CA ARG N 38 -11.53 12.71 35.49
C ARG N 38 -10.92 12.98 34.12
N LEU N 39 -9.79 13.67 34.08
CA LEU N 39 -9.12 14.09 32.85
C LEU N 39 -8.74 12.91 31.94
N LEU N 40 -8.25 11.81 32.53
CA LEU N 40 -7.95 10.55 31.84
C LEU N 40 -9.20 9.88 31.24
N SER N 41 -10.34 9.88 31.93
CA SER N 41 -11.59 9.28 31.46
C SER N 41 -12.22 9.99 30.24
N GLU N 42 -11.72 11.17 29.87
CA GLU N 42 -12.07 11.88 28.63
C GLU N 42 -11.28 11.39 27.40
N THR N 43 -10.23 10.58 27.60
CA THR N 43 -9.31 10.08 26.55
C THR N 43 -9.67 8.66 26.07
N VAL N 44 -8.88 8.12 25.15
CA VAL N 44 -8.99 6.72 24.66
C VAL N 44 -8.88 5.68 25.78
N TYR N 45 -8.14 5.96 26.85
CA TYR N 45 -8.00 5.10 28.02
C TYR N 45 -9.28 5.00 28.86
N GLY N 46 -10.23 5.91 28.68
CA GLY N 46 -11.50 5.95 29.40
C GLY N 46 -12.46 4.81 29.10
N GLY N 47 -12.22 4.00 28.07
CA GLY N 47 -12.99 2.78 27.77
C GLY N 47 -12.64 1.59 28.66
N GLU N 48 -11.43 1.55 29.22
CA GLU N 48 -10.93 0.50 30.12
C GLU N 48 -10.86 0.94 31.59
N LEU N 49 -11.35 2.12 31.96
CA LEU N 49 -11.49 2.53 33.36
C LEU N 49 -12.73 1.87 33.97
N ALA N 50 -12.55 1.03 34.99
CA ALA N 50 -13.58 0.26 35.64
C ALA N 50 -13.48 0.37 37.17
N GLY N 51 -13.07 1.54 37.66
CA GLY N 51 -12.82 1.79 39.07
C GLY N 51 -12.14 3.13 39.26
N GLN N 52 -11.82 3.49 40.50
CA GLN N 52 -11.34 4.82 40.87
C GLN N 52 -10.15 4.78 41.85
N GLY N 53 -9.29 3.76 41.74
CA GLY N 53 -8.01 3.65 42.45
C GLY N 53 -6.81 3.56 41.51
N LEU N 54 -5.61 3.50 42.09
CA LEU N 54 -4.36 3.33 41.34
C LEU N 54 -4.27 1.98 40.58
N PRO N 55 -4.76 0.84 41.11
CA PRO N 55 -4.83 -0.40 40.34
C PRO N 55 -5.72 -0.32 39.09
N ASP N 56 -6.76 0.51 39.12
CA ASP N 56 -7.68 0.69 37.99
C ASP N 56 -7.10 1.56 36.89
N VAL N 57 -6.34 2.60 37.24
CA VAL N 57 -5.56 3.34 36.25
C VAL N 57 -4.55 2.43 35.59
N ASP N 58 -3.77 1.67 36.37
CA ASP N 58 -2.76 0.78 35.82
C ASP N 58 -3.36 -0.27 34.88
N ARG N 59 -4.47 -0.91 35.27
CA ARG N 59 -5.19 -1.85 34.39
C ARG N 59 -5.77 -1.16 33.16
N ALA N 60 -6.22 0.08 33.24
CA ALA N 60 -6.70 0.82 32.06
C ALA N 60 -5.59 1.09 31.03
N VAL N 61 -4.38 1.43 31.48
CA VAL N 61 -3.23 1.66 30.59
C VAL N 61 -2.76 0.35 29.96
N LEU N 62 -2.62 -0.71 30.75
CA LEU N 62 -2.28 -2.04 30.26
C LEU N 62 -3.27 -2.51 29.20
N ARG N 63 -4.57 -2.53 29.51
CA ARG N 63 -5.59 -3.11 28.63
C ARG N 63 -5.85 -2.29 27.39
N THR N 64 -5.71 -0.97 27.43
CA THR N 64 -5.79 -0.13 26.23
C THR N 64 -4.68 -0.44 25.25
N GLN N 65 -3.44 -0.60 25.70
CA GLN N 65 -2.32 -0.90 24.81
C GLN N 65 -2.30 -2.34 24.27
N ALA N 66 -2.88 -3.32 24.97
CA ALA N 66 -3.09 -4.65 24.42
C ALA N 66 -3.97 -4.62 23.16
N LYS N 67 -4.97 -3.73 23.13
CA LYS N 67 -5.83 -3.50 21.97
C LYS N 67 -5.20 -2.64 20.87
N LEU N 68 -4.48 -1.58 21.24
CA LEU N 68 -4.01 -0.55 20.29
C LEU N 68 -2.58 -0.74 19.76
N VAL N 69 -1.78 -1.62 20.36
CA VAL N 69 -0.39 -1.90 19.96
C VAL N 69 -0.13 -3.39 19.87
N GLY N 70 -0.52 -4.17 20.88
CA GLY N 70 -0.26 -5.61 20.91
C GLY N 70 -0.89 -6.43 19.78
N ASP N 71 -1.90 -5.94 19.08
CA ASP N 71 -2.52 -6.61 17.93
C ASP N 71 -1.81 -6.36 16.59
N LEU N 72 -0.92 -5.37 16.48
CA LEU N 72 -0.30 -4.96 15.22
C LEU N 72 0.31 -6.12 14.40
N PRO N 73 1.00 -7.14 14.98
CA PRO N 73 1.49 -8.28 14.21
C PRO N 73 0.40 -9.17 13.63
N ARG N 74 -0.79 -9.26 14.24
CA ARG N 74 -1.91 -10.10 13.80
C ARG N 74 -2.71 -9.49 12.65
N LEU N 75 -2.72 -8.17 12.56
CA LEU N 75 -3.35 -7.41 11.46
C LEU N 75 -2.70 -7.72 10.11
N VAL N 76 -1.38 -7.93 10.09
CA VAL N 76 -0.58 -8.29 8.91
C VAL N 76 -0.22 -9.77 8.87
N THR N 77 0.36 -10.20 7.75
CA THR N 77 0.89 -11.54 7.43
C THR N 77 2.24 -11.35 6.73
N GLY N 78 3.04 -12.41 6.53
CA GLY N 78 4.19 -12.38 5.63
C GLY N 78 5.30 -11.44 6.07
N GLU N 79 5.97 -10.82 5.11
CA GLU N 79 7.15 -9.97 5.36
C GLU N 79 6.85 -8.75 6.25
N ALA N 80 5.67 -8.15 6.11
CA ALA N 80 5.22 -7.09 7.00
C ALA N 80 5.06 -7.58 8.46
N ARG N 81 4.54 -8.79 8.70
CA ARG N 81 4.50 -9.39 10.05
C ARG N 81 5.91 -9.60 10.58
N GLU N 82 6.85 -10.06 9.76
CA GLU N 82 8.21 -10.29 10.24
C GLU N 82 8.93 -9.02 10.66
N ALA N 83 8.65 -7.87 10.03
CA ALA N 83 9.17 -6.58 10.49
C ALA N 83 8.47 -6.10 11.77
N VAL N 84 7.14 -6.07 11.77
CA VAL N 84 6.32 -5.54 12.88
C VAL N 84 6.41 -6.39 14.15
N ARG N 85 6.60 -7.71 14.06
CA ARG N 85 6.72 -8.57 15.23
C ARG N 85 8.03 -8.34 15.99
N LEU N 86 9.13 -8.05 15.29
CA LEU N 86 10.42 -7.71 15.89
C LEU N 86 10.36 -6.48 16.80
N LEU N 87 9.57 -5.45 16.44
CA LEU N 87 9.33 -4.27 17.26
C LEU N 87 8.72 -4.62 18.63
N LEU N 88 7.83 -5.60 18.69
CA LEU N 88 7.14 -6.00 19.93
C LEU N 88 7.90 -7.05 20.74
N LEU N 89 8.64 -7.96 20.09
CA LEU N 89 9.50 -8.93 20.80
C LEU N 89 10.61 -8.26 21.60
N ARG N 90 11.10 -7.08 21.18
CA ARG N 90 12.03 -6.27 21.99
C ARG N 90 11.40 -5.84 23.31
N ASN N 91 10.14 -5.43 23.32
CA ASN N 91 9.43 -5.09 24.55
C ASN N 91 9.20 -6.34 25.43
N ASP N 92 8.97 -7.51 24.85
CA ASP N 92 8.91 -8.74 25.65
C ASP N 92 10.24 -9.06 26.33
N LEU N 93 11.39 -8.79 25.70
CA LEU N 93 12.70 -8.94 26.34
C LEU N 93 12.87 -7.97 27.52
N HIS N 94 12.53 -6.69 27.35
CA HIS N 94 12.50 -5.72 28.46
C HIS N 94 11.66 -6.25 29.62
N ASN N 95 10.42 -6.66 29.36
CA ASN N 95 9.49 -7.13 30.37
C ASN N 95 10.04 -8.35 31.13
N LEU N 96 10.62 -9.33 30.43
CA LEU N 96 11.23 -10.51 31.02
C LEU N 96 12.41 -10.15 31.92
N GLN N 97 13.34 -9.33 31.46
CA GLN N 97 14.49 -8.87 32.24
C GLN N 97 14.08 -8.05 33.48
N ALA N 98 13.11 -7.15 33.34
CA ALA N 98 12.56 -6.37 34.47
C ALA N 98 11.93 -7.27 35.52
N LEU N 99 11.15 -8.28 35.13
CA LEU N 99 10.54 -9.23 36.06
C LEU N 99 11.57 -10.12 36.74
N LEU N 100 12.57 -10.66 36.02
CA LEU N 100 13.67 -11.45 36.62
C LEU N 100 14.37 -10.67 37.73
N ARG N 101 14.63 -9.38 37.50
CA ARG N 101 15.25 -8.47 38.47
C ARG N 101 14.32 -8.14 39.65
N ALA N 102 13.05 -7.86 39.39
CA ALA N 102 12.06 -7.59 40.42
C ALA N 102 11.85 -8.80 41.34
N LYS N 103 11.79 -10.02 40.79
CA LYS N 103 11.58 -11.26 41.57
C LYS N 103 12.76 -11.56 42.48
N ALA N 104 13.98 -11.29 42.03
CA ALA N 104 15.19 -11.41 42.85
C ALA N 104 15.27 -10.33 43.96
N THR N 105 14.74 -9.14 43.70
CA THR N 105 14.64 -8.06 44.71
C THR N 105 13.46 -8.30 45.69
N GLY N 106 12.46 -9.10 45.32
CA GLY N 106 11.25 -9.38 46.11
C GLY N 106 10.15 -8.31 46.00
N ARG N 107 10.18 -7.47 44.94
CA ARG N 107 9.26 -6.34 44.74
C ARG N 107 7.83 -6.79 44.37
N PRO N 108 6.79 -5.98 44.64
CA PRO N 108 5.43 -6.25 44.17
C PRO N 108 5.31 -6.19 42.65
N PHE N 109 4.45 -7.02 42.06
CA PHE N 109 4.22 -7.01 40.61
C PHE N 109 3.61 -5.70 40.09
N GLU N 110 2.82 -5.01 40.91
CA GLU N 110 2.31 -3.67 40.57
C GLU N 110 3.40 -2.61 40.46
N GLU N 111 4.56 -2.81 41.12
CA GLU N 111 5.66 -1.84 41.21
C GLU N 111 6.79 -2.11 40.19
N VAL N 112 6.48 -2.71 39.04
CA VAL N 112 7.39 -2.91 37.91
C VAL N 112 6.69 -2.59 36.59
N LEU N 113 7.40 -1.96 35.67
CA LEU N 113 6.89 -1.41 34.40
C LEU N 113 6.83 -2.48 33.28
N LEU N 114 5.68 -2.61 32.62
CA LEU N 114 5.50 -3.43 31.43
C LEU N 114 5.25 -2.57 30.19
N LEU N 115 6.07 -2.78 29.15
CA LEU N 115 5.95 -2.14 27.84
C LEU N 115 5.11 -3.00 26.88
N PRO N 116 4.46 -2.43 25.84
CA PRO N 116 3.50 -3.15 25.00
C PRO N 116 4.16 -4.10 24.00
N GLY N 117 4.62 -5.26 24.47
CA GLY N 117 5.02 -6.39 23.64
C GLY N 117 3.85 -7.29 23.24
N THR N 118 4.12 -8.55 22.93
CA THR N 118 3.13 -9.49 22.40
C THR N 118 2.25 -10.13 23.48
N LEU N 119 2.76 -10.43 24.67
CA LEU N 119 2.01 -11.04 25.78
C LEU N 119 1.01 -10.08 26.47
N ARG N 120 -0.06 -10.62 27.04
CA ARG N 120 -1.03 -9.91 27.90
C ARG N 120 -0.61 -9.91 29.38
N GLU N 121 -1.15 -8.98 30.18
CA GLU N 121 -0.80 -8.81 31.60
C GLU N 121 -0.96 -10.10 32.40
N GLU N 122 -2.05 -10.85 32.27
CA GLU N 122 -2.27 -12.04 33.08
C GLU N 122 -1.23 -13.13 32.86
N VAL N 123 -0.54 -13.15 31.71
CA VAL N 123 0.53 -14.12 31.45
C VAL N 123 1.82 -13.68 32.14
N TRP N 124 2.21 -12.40 32.06
CA TRP N 124 3.34 -11.88 32.84
C TRP N 124 3.10 -11.99 34.35
N ARG N 125 1.86 -11.75 34.80
CA ARG N 125 1.44 -11.92 36.18
C ARG N 125 1.56 -13.37 36.62
N GLN N 126 1.08 -14.31 35.81
CA GLN N 126 1.21 -15.74 36.07
C GLN N 126 2.68 -16.20 36.12
N ALA N 127 3.53 -15.71 35.21
CA ALA N 127 4.94 -16.02 35.19
C ALA N 127 5.65 -15.47 36.44
N TYR N 128 5.31 -14.27 36.89
CA TYR N 128 5.90 -13.65 38.07
C TYR N 128 5.53 -14.36 39.38
N GLU N 129 4.37 -15.03 39.41
CA GLU N 129 3.90 -15.80 40.56
C GLU N 129 4.68 -17.13 40.75
N ALA N 130 5.45 -17.56 39.75
CA ALA N 130 6.34 -18.72 39.83
C ALA N 130 7.55 -18.50 40.76
N GLN N 131 8.20 -19.59 41.17
CA GLN N 131 9.20 -19.58 42.25
C GLN N 131 10.65 -19.24 41.83
N ASP N 132 10.97 -19.28 40.52
CA ASP N 132 12.34 -19.30 40.00
C ASP N 132 12.39 -18.89 38.51
N PRO N 133 13.53 -18.42 37.96
CA PRO N 133 13.68 -18.18 36.52
C PRO N 133 13.37 -19.37 35.61
N ALA N 134 13.64 -20.61 36.02
CA ALA N 134 13.22 -21.77 35.24
C ALA N 134 11.70 -22.00 35.28
N GLY N 135 11.01 -21.56 36.33
CA GLY N 135 9.54 -21.51 36.40
C GLY N 135 8.95 -20.41 35.50
N MET N 136 9.57 -19.23 35.43
CA MET N 136 9.21 -18.19 34.44
C MET N 136 9.34 -18.71 33.01
N ALA N 137 10.43 -19.42 32.70
CA ALA N 137 10.62 -20.06 31.39
C ALA N 137 9.51 -21.07 31.03
N GLN N 138 8.97 -21.81 32.00
CA GLN N 138 7.85 -22.73 31.78
C GLN N 138 6.55 -22.00 31.47
N VAL N 139 6.22 -20.91 32.18
CA VAL N 139 4.97 -20.19 31.91
C VAL N 139 5.01 -19.52 30.53
N LEU N 140 6.17 -19.05 30.08
CA LEU N 140 6.34 -18.55 28.72
C LEU N 140 6.35 -19.66 27.64
N ALA N 141 6.45 -20.93 28.01
CA ALA N 141 6.40 -22.05 27.06
C ALA N 141 4.96 -22.42 26.65
N VAL N 142 3.95 -22.23 27.50
CA VAL N 142 2.54 -22.50 27.14
C VAL N 142 1.98 -21.55 26.06
N PRO N 143 2.33 -20.25 26.01
CA PRO N 143 2.09 -19.40 24.85
C PRO N 143 2.90 -19.82 23.59
N GLY N 144 4.01 -20.52 23.77
CA GLY N 144 4.98 -20.83 22.71
C GLY N 144 5.93 -19.68 22.37
N HIS N 145 6.26 -18.82 23.35
CA HIS N 145 6.99 -17.58 23.11
C HIS N 145 8.51 -17.81 22.94
N PRO N 146 9.20 -17.17 21.97
CA PRO N 146 10.61 -17.44 21.69
C PRO N 146 11.58 -17.28 22.87
N LEU N 147 11.34 -16.34 23.79
CA LEU N 147 12.20 -16.15 24.95
C LEU N 147 12.14 -17.29 25.98
N ALA N 148 11.13 -18.17 25.95
CA ALA N 148 11.11 -19.35 26.80
C ALA N 148 12.28 -20.30 26.46
N ARG N 149 12.38 -20.69 25.19
CA ARG N 149 13.46 -21.50 24.62
C ARG N 149 14.84 -20.87 24.86
N ALA N 150 14.96 -19.56 24.67
CA ALA N 150 16.21 -18.83 24.95
C ALA N 150 16.61 -18.84 26.43
N LEU N 151 15.68 -18.55 27.35
CA LEU N 151 15.95 -18.49 28.79
C LEU N 151 16.37 -19.85 29.34
N ARG N 152 15.79 -20.97 28.89
CA ARG N 152 16.24 -22.31 29.31
C ARG N 152 17.68 -22.60 28.94
N ALA N 153 18.14 -22.13 27.77
CA ALA N 153 19.54 -22.22 27.40
C ALA N 153 20.45 -21.34 28.28
N VAL N 154 20.07 -20.09 28.52
CA VAL N 154 20.81 -19.21 29.44
C VAL N 154 20.96 -19.83 30.83
N LEU N 155 19.90 -20.43 31.37
CA LEU N 155 19.91 -21.04 32.69
C LEU N 155 20.65 -22.38 32.74
N ARG N 156 21.04 -22.98 31.61
CA ARG N 156 22.04 -24.06 31.57
C ARG N 156 23.45 -23.51 31.66
N GLU N 157 23.73 -22.33 31.11
CA GLU N 157 25.05 -21.71 31.21
C GLU N 157 25.35 -21.15 32.61
N THR N 158 24.43 -20.39 33.23
CA THR N 158 24.72 -19.61 34.44
C THR N 158 23.45 -19.26 35.24
N GLN N 159 23.54 -19.13 36.57
CA GLN N 159 22.42 -18.73 37.46
C GLN N 159 22.53 -17.28 37.98
N ASP N 160 23.70 -16.65 37.91
CA ASP N 160 23.96 -15.30 38.40
C ASP N 160 23.25 -14.23 37.55
N LEU N 161 22.29 -13.49 38.11
CA LEU N 161 21.28 -12.79 37.30
C LEU N 161 21.79 -11.65 36.43
N ALA N 162 22.87 -10.93 36.78
CA ALA N 162 23.42 -9.91 35.90
C ALA N 162 23.92 -10.52 34.57
N ARG N 163 24.47 -11.74 34.64
CA ARG N 163 24.89 -12.53 33.48
C ARG N 163 23.70 -13.15 32.75
N VAL N 164 22.64 -13.55 33.46
CA VAL N 164 21.38 -14.01 32.83
C VAL N 164 20.79 -12.91 31.95
N GLU N 165 20.70 -11.67 32.43
CA GLU N 165 20.27 -10.53 31.61
C GLU N 165 21.18 -10.31 30.40
N ALA N 166 22.51 -10.32 30.58
CA ALA N 166 23.44 -10.11 29.46
C ALA N 166 23.32 -11.19 28.37
N LEU N 167 23.18 -12.46 28.75
CA LEU N 167 23.07 -13.59 27.83
C LEU N 167 21.70 -13.65 27.12
N LEU N 168 20.60 -13.27 27.79
CA LEU N 168 19.29 -13.08 27.15
C LEU N 168 19.34 -12.02 26.04
N ALA N 169 19.98 -10.87 26.29
CA ALA N 169 20.15 -9.83 25.29
C ALA N 169 20.94 -10.33 24.08
N LYS N 170 22.04 -11.08 24.27
CA LYS N 170 22.78 -11.71 23.17
C LYS N 170 21.92 -12.67 22.35
N ARG N 171 21.18 -13.59 22.99
CA ARG N 171 20.29 -14.50 22.25
C ARG N 171 19.18 -13.78 21.50
N PHE N 172 18.60 -12.72 22.06
CA PHE N 172 17.62 -11.92 21.35
C PHE N 172 18.22 -11.21 20.14
N PHE N 173 19.32 -10.49 20.28
CA PHE N 173 19.84 -9.71 19.16
C PHE N 173 20.50 -10.58 18.06
N GLU N 174 20.98 -11.79 18.39
CA GLU N 174 21.33 -12.82 17.41
C GLU N 174 20.12 -13.26 16.57
N ASP N 175 18.99 -13.56 17.22
CA ASP N 175 17.70 -13.90 16.61
C ASP N 175 17.07 -12.74 15.81
N VAL N 176 17.18 -11.49 16.28
CA VAL N 176 16.80 -10.27 15.54
C VAL N 176 17.60 -10.12 14.26
N ALA N 177 18.93 -10.24 14.31
CA ALA N 177 19.75 -10.08 13.11
C ALA N 177 19.40 -11.16 12.09
N LYS N 178 19.32 -12.42 12.53
CA LYS N 178 18.88 -13.59 11.75
C LYS N 178 17.51 -13.35 11.08
N ALA N 179 16.54 -12.75 11.78
CA ALA N 179 15.22 -12.46 11.23
C ALA N 179 15.19 -11.25 10.28
N ALA N 180 15.85 -10.15 10.64
CA ALA N 180 15.72 -8.87 9.97
C ALA N 180 16.50 -8.76 8.65
N LYS N 181 17.66 -9.43 8.53
CA LYS N 181 18.66 -9.06 7.51
C LYS N 181 18.19 -9.07 6.06
N GLY N 182 17.23 -9.92 5.70
CA GLY N 182 16.67 -10.01 4.35
C GLY N 182 15.45 -9.15 4.03
N LEU N 183 14.86 -8.41 4.99
CA LEU N 183 13.49 -7.84 4.84
C LEU N 183 13.35 -6.61 3.92
N ASP N 184 14.44 -6.02 3.41
CA ASP N 184 14.43 -4.85 2.51
C ASP N 184 13.64 -3.62 3.02
N GLN N 185 13.82 -3.31 4.31
CA GLN N 185 13.30 -2.10 4.97
C GLN N 185 14.50 -1.24 5.44
N PRO N 186 14.68 0.01 4.96
CA PRO N 186 15.80 0.85 5.37
C PRO N 186 15.65 1.38 6.80
N ALA N 187 14.44 1.75 7.22
CA ALA N 187 14.18 2.27 8.57
C ALA N 187 14.41 1.22 9.67
N LEU N 188 14.09 -0.06 9.41
CA LEU N 188 14.25 -1.12 10.40
C LEU N 188 15.73 -1.40 10.71
N ARG N 189 16.57 -1.59 9.69
CA ARG N 189 17.99 -1.90 9.87
C ARG N 189 18.74 -0.78 10.60
N ASP N 190 18.43 0.47 10.27
CA ASP N 190 18.97 1.63 10.97
C ASP N 190 18.56 1.67 12.46
N TYR N 191 17.31 1.34 12.78
CA TYR N 191 16.84 1.35 14.15
C TYR N 191 17.39 0.19 14.99
N LEU N 192 17.59 -0.98 14.39
CA LEU N 192 18.18 -2.14 15.05
C LEU N 192 19.65 -1.92 15.43
N ALA N 193 20.42 -1.21 14.62
CA ALA N 193 21.78 -0.86 15.00
C ALA N 193 21.78 0.04 16.25
N LEU N 194 21.00 1.10 16.22
CA LEU N 194 20.84 2.06 17.31
C LEU N 194 20.32 1.41 18.61
N GLU N 195 19.41 0.46 18.49
CA GLU N 195 18.88 -0.34 19.60
C GLU N 195 19.96 -1.24 20.23
N VAL N 196 20.87 -1.82 19.44
CA VAL N 196 21.99 -2.63 19.94
C VAL N 196 23.07 -1.76 20.60
N ASP N 197 23.37 -0.59 20.07
CA ASP N 197 24.29 0.35 20.70
C ASP N 197 23.85 0.78 22.11
N ALA N 198 22.58 1.16 22.29
CA ALA N 198 21.99 1.45 23.60
C ALA N 198 22.04 0.25 24.55
N GLU N 199 21.84 -0.98 24.05
CA GLU N 199 21.93 -2.17 24.89
C GLU N 199 23.37 -2.51 25.31
N ASN N 200 24.38 -2.18 24.51
CA ASN N 200 25.77 -2.27 24.94
C ASN N 200 26.05 -1.30 26.09
N LEU N 201 25.57 -0.06 26.02
CA LEU N 201 25.71 0.91 27.12
C LEU N 201 25.06 0.38 28.40
N ARG N 202 23.79 -0.05 28.35
CA ARG N 202 23.11 -0.69 29.50
C ARG N 202 23.85 -1.90 30.03
N THR N 203 24.44 -2.73 29.17
CA THR N 203 25.19 -3.91 29.60
C THR N 203 26.44 -3.53 30.38
N ALA N 204 27.19 -2.53 29.93
CA ALA N 204 28.38 -2.09 30.64
C ALA N 204 28.03 -1.44 31.99
N PHE N 205 26.92 -0.70 32.09
CA PHE N 205 26.41 -0.20 33.37
C PHE N 205 25.89 -1.30 34.31
N LYS N 206 25.18 -2.32 33.82
CA LYS N 206 24.75 -3.46 34.65
C LYS N 206 25.94 -4.24 35.21
N LEU N 207 26.99 -4.40 34.40
CA LEU N 207 28.27 -5.01 34.75
C LEU N 207 29.34 -3.95 35.15
N GLN N 208 28.94 -2.84 35.78
CA GLN N 208 29.87 -1.77 36.13
C GLN N 208 30.80 -2.17 37.29
N GLY N 209 32.11 -2.19 37.05
CA GLY N 209 33.15 -2.41 38.07
C GLY N 209 33.19 -3.81 38.71
N SER N 210 32.34 -4.74 38.28
CA SER N 210 32.11 -6.07 38.91
C SER N 210 33.14 -7.14 38.53
N GLY N 211 34.28 -6.76 37.94
CA GLY N 211 35.12 -7.64 37.12
C GLY N 211 34.54 -7.79 35.71
N LEU N 212 35.42 -7.86 34.71
CA LEU N 212 35.06 -7.64 33.30
C LEU N 212 35.66 -8.67 32.33
N ALA N 213 34.94 -8.87 31.22
CA ALA N 213 35.32 -9.70 30.07
C ALA N 213 34.68 -9.12 28.80
N PRO N 214 35.20 -8.02 28.24
CA PRO N 214 34.48 -7.23 27.24
C PRO N 214 34.06 -8.01 26.00
N ASP N 215 34.92 -8.86 25.44
CA ASP N 215 34.58 -9.62 24.23
C ASP N 215 33.50 -10.69 24.48
N ALA N 216 33.39 -11.19 25.71
CA ALA N 216 32.38 -12.17 26.09
C ALA N 216 30.97 -11.56 26.18
N PHE N 217 30.84 -10.31 26.63
CA PHE N 217 29.55 -9.62 26.83
C PHE N 217 29.12 -8.69 25.70
N PHE N 218 30.02 -8.22 24.82
CA PHE N 218 29.69 -7.26 23.77
C PHE N 218 28.69 -7.81 22.75
N LEU N 219 27.79 -6.97 22.23
CA LEU N 219 26.77 -7.33 21.24
C LEU N 219 27.13 -6.76 19.86
N LYS N 220 27.18 -7.60 18.82
CA LYS N 220 27.39 -7.19 17.42
C LYS N 220 26.12 -6.69 16.73
N GLY N 221 26.29 -5.91 15.67
CA GLY N 221 25.21 -5.34 14.85
C GLY N 221 24.95 -3.84 15.09
N GLY N 222 25.60 -3.24 16.09
CA GLY N 222 25.55 -1.81 16.37
C GLY N 222 26.39 -0.98 15.39
N ARG N 223 26.50 0.34 15.62
CA ARG N 223 27.39 1.23 14.87
C ARG N 223 28.14 2.21 15.77
N PHE N 224 27.42 2.92 16.64
CA PHE N 224 27.95 4.10 17.33
C PHE N 224 28.78 3.76 18.57
N VAL N 225 28.70 2.53 19.08
CA VAL N 225 29.47 2.02 20.22
C VAL N 225 30.36 0.88 19.75
N ASP N 226 31.56 0.75 20.32
CA ASP N 226 32.59 -0.19 19.89
C ASP N 226 33.29 -0.85 21.09
N ARG N 227 34.07 -1.91 20.85
CA ARG N 227 34.71 -2.69 21.92
C ARG N 227 35.65 -1.86 22.80
N VAL N 228 36.27 -0.83 22.25
CA VAL N 228 37.18 0.07 22.98
C VAL N 228 36.40 0.94 23.98
N ARG N 229 35.32 1.59 23.54
CA ARG N 229 34.45 2.34 24.46
C ARG N 229 33.71 1.44 25.44
N PHE N 230 33.19 0.30 25.00
CA PHE N 230 32.54 -0.68 25.88
C PHE N 230 33.48 -1.21 26.96
N ALA N 231 34.71 -1.60 26.61
CA ALA N 231 35.70 -2.10 27.56
C ALA N 231 36.04 -1.04 28.62
N ARG N 232 36.35 0.19 28.22
CA ARG N 232 36.60 1.28 29.17
C ARG N 232 35.38 1.61 30.04
N LEU N 233 34.16 1.55 29.48
CA LEU N 233 32.94 1.73 30.26
C LEU N 233 32.79 0.67 31.36
N MET N 234 33.13 -0.59 31.06
CA MET N 234 33.10 -1.69 32.03
C MET N 234 34.25 -1.66 33.05
N GLU N 235 35.32 -0.89 32.81
CA GLU N 235 36.36 -0.52 33.80
C GLU N 235 35.93 0.65 34.72
N GLY N 236 34.76 1.25 34.48
CA GLY N 236 34.29 2.44 35.19
C GLY N 236 34.84 3.76 34.67
N ASP N 237 35.53 3.74 33.52
CA ASP N 237 36.02 4.97 32.89
C ASP N 237 34.87 5.66 32.13
N TYR N 238 34.03 6.40 32.84
CA TYR N 238 32.89 7.13 32.26
C TYR N 238 33.29 8.15 31.19
N ALA N 239 34.58 8.52 31.08
CA ALA N 239 35.05 9.39 30.01
C ALA N 239 34.58 8.92 28.63
N VAL N 240 34.46 7.61 28.38
CA VAL N 240 34.00 7.02 27.11
C VAL N 240 32.74 7.65 26.51
N LEU N 241 31.77 8.06 27.33
CA LEU N 241 30.51 8.66 26.87
C LEU N 241 30.38 10.14 27.25
N ASP N 242 31.32 10.64 28.06
CA ASP N 242 31.62 12.08 28.12
C ASP N 242 32.38 12.56 26.86
N GLU N 243 33.11 11.67 26.19
CA GLU N 243 33.92 11.91 24.98
C GLU N 243 33.11 12.06 23.68
N LEU N 244 31.90 11.52 23.60
CA LEU N 244 31.11 11.50 22.36
C LEU N 244 30.61 12.91 21.96
N SER N 245 30.72 13.23 20.66
CA SER N 245 30.25 14.51 20.07
C SER N 245 29.47 14.34 18.76
N GLY N 246 29.81 13.37 17.90
CA GLY N 246 29.21 13.22 16.56
C GLY N 246 28.05 12.22 16.45
N THR N 247 27.99 11.22 17.33
CA THR N 247 26.99 10.13 17.31
C THR N 247 25.67 10.55 17.99
N PRO N 248 24.53 9.86 17.75
CA PRO N 248 23.27 10.19 18.41
C PRO N 248 23.30 10.14 19.95
N PHE N 249 24.17 9.32 20.54
CA PHE N 249 24.39 9.24 21.99
C PHE N 249 25.25 10.37 22.58
N SER N 250 25.73 11.31 21.76
CA SER N 250 26.50 12.48 22.21
C SER N 250 25.60 13.44 22.98
N GLY N 251 25.72 13.45 24.30
CA GLY N 251 24.69 13.96 25.20
C GLY N 251 24.46 13.08 26.43
N LEU N 252 25.08 11.89 26.51
CA LEU N 252 25.20 11.10 27.73
C LEU N 252 26.36 11.58 28.64
N SER N 253 26.99 12.71 28.35
CA SER N 253 28.04 13.29 29.19
C SER N 253 27.52 13.63 30.60
N GLY N 254 28.28 13.25 31.63
CA GLY N 254 27.88 13.42 33.03
C GLY N 254 26.79 12.45 33.53
N VAL N 255 26.36 11.45 32.75
CA VAL N 255 25.53 10.34 33.25
C VAL N 255 26.39 9.49 34.19
N ARG N 256 25.88 9.17 35.39
CA ARG N 256 26.62 8.42 36.43
C ARG N 256 25.82 7.35 37.18
N ASP N 257 24.55 7.13 36.83
CA ASP N 257 23.76 6.00 37.33
C ASP N 257 22.83 5.45 36.24
N LEU N 258 22.42 4.19 36.39
CA LEU N 258 21.61 3.50 35.38
C LEU N 258 20.23 4.13 35.20
N LYS N 259 19.67 4.84 36.20
CA LYS N 259 18.42 5.60 36.06
C LYS N 259 18.58 6.82 35.16
N ALA N 260 19.65 7.59 35.32
CA ALA N 260 20.00 8.68 34.40
C ALA N 260 20.38 8.16 33.00
N LEU N 261 21.01 6.98 32.88
CA LEU N 261 21.28 6.36 31.59
C LEU N 261 19.98 6.01 30.87
N GLU N 262 19.11 5.21 31.49
CA GLU N 262 17.85 4.74 30.89
C GLU N 262 16.93 5.90 30.48
N ARG N 263 16.94 7.00 31.25
CA ARG N 263 16.26 8.26 30.92
C ARG N 263 16.86 8.98 29.70
N GLY N 264 18.16 8.88 29.47
CA GLY N 264 18.82 9.43 28.28
C GLY N 264 18.67 8.57 27.04
N LEU N 265 18.91 7.27 27.17
CA LEU N 265 18.77 6.28 26.10
C LEU N 265 17.38 6.28 25.51
N ARG N 266 16.31 6.25 26.33
CA ARG N 266 14.96 6.23 25.78
C ARG N 266 14.53 7.53 25.10
N CYS N 267 15.15 8.68 25.39
CA CYS N 267 14.89 9.92 24.64
C CYS N 267 15.56 9.92 23.26
N VAL N 268 16.84 9.57 23.17
CA VAL N 268 17.52 9.52 21.87
C VAL N 268 16.95 8.43 20.95
N LEU N 269 16.57 7.26 21.47
CA LEU N 269 15.89 6.21 20.70
C LEU N 269 14.45 6.59 20.31
N LEU N 270 13.74 7.39 21.09
CA LEU N 270 12.46 7.99 20.66
C LEU N 270 12.67 9.00 19.54
N LYS N 271 13.59 9.96 19.70
CA LYS N 271 13.92 10.99 18.70
C LYS N 271 14.27 10.38 17.35
N GLU N 272 15.09 9.34 17.34
CA GLU N 272 15.48 8.68 16.10
C GLU N 272 14.33 7.87 15.47
N ALA N 273 13.39 7.32 16.25
CA ALA N 273 12.18 6.69 15.73
C ALA N 273 11.16 7.69 15.15
N LYS N 274 11.01 8.87 15.74
CA LYS N 274 10.09 9.92 15.26
C LYS N 274 10.35 10.37 13.82
N LYS N 275 11.58 10.25 13.31
CA LYS N 275 11.91 10.52 11.90
C LYS N 275 11.16 9.59 10.93
N GLY N 276 10.69 8.42 11.39
CA GLY N 276 9.90 7.48 10.60
C GLY N 276 8.54 8.01 10.12
N VAL N 277 8.04 9.13 10.65
CA VAL N 277 6.86 9.82 10.12
C VAL N 277 7.04 10.32 8.67
N GLN N 278 8.29 10.36 8.17
CA GLN N 278 8.65 10.64 6.78
C GLN N 278 8.58 9.42 5.85
N ASP N 279 8.08 8.26 6.31
CA ASP N 279 7.93 7.04 5.52
C ASP N 279 6.47 6.55 5.51
N PRO N 280 5.57 7.11 4.66
CA PRO N 280 4.13 6.91 4.79
C PRO N 280 3.64 5.50 4.48
N LEU N 281 4.39 4.72 3.70
CA LEU N 281 3.99 3.41 3.17
C LEU N 281 5.01 2.30 3.51
N GLY N 282 5.70 2.41 4.64
CA GLY N 282 6.68 1.44 5.12
C GLY N 282 6.75 1.36 6.64
N VAL N 283 7.75 0.64 7.16
CA VAL N 283 7.93 0.33 8.58
C VAL N 283 8.19 1.56 9.45
N GLY N 284 8.71 2.64 8.89
CA GLY N 284 9.00 3.87 9.65
C GLY N 284 7.78 4.43 10.38
N LEU N 285 6.59 4.43 9.78
CA LEU N 285 5.39 5.00 10.41
C LEU N 285 4.89 4.18 11.61
N VAL N 286 4.86 2.85 11.49
CA VAL N 286 4.50 1.97 12.60
C VAL N 286 5.57 1.96 13.69
N LEU N 287 6.86 1.98 13.35
CA LEU N 287 7.94 2.16 14.32
C LEU N 287 7.77 3.46 15.14
N ALA N 288 7.50 4.59 14.49
CA ALA N 288 7.26 5.86 15.16
C ALA N 288 6.09 5.74 16.14
N TYR N 289 4.93 5.29 15.68
CA TYR N 289 3.71 5.11 16.47
C TYR N 289 3.94 4.23 17.71
N VAL N 290 4.61 3.08 17.57
CA VAL N 290 4.90 2.18 18.68
C VAL N 290 5.77 2.84 19.75
N LYS N 291 6.78 3.64 19.37
CA LYS N 291 7.60 4.41 20.32
C LYS N 291 6.85 5.58 20.95
N GLU N 292 6.00 6.29 20.20
CA GLU N 292 5.17 7.36 20.74
C GLU N 292 4.17 6.85 21.78
N ARG N 293 3.47 5.75 21.47
CA ARG N 293 2.48 5.14 22.37
C ARG N 293 3.14 4.48 23.59
N GLU N 294 4.29 3.85 23.43
CA GLU N 294 5.09 3.35 24.55
C GLU N 294 5.53 4.46 25.51
N TRP N 295 6.01 5.60 25.01
CA TRP N 295 6.39 6.74 25.85
C TRP N 295 5.19 7.37 26.57
N GLU N 296 4.05 7.49 25.91
CA GLU N 296 2.78 7.93 26.50
C GLU N 296 2.36 7.09 27.71
N ALA N 297 2.53 5.77 27.68
CA ALA N 297 2.22 4.93 28.83
C ALA N 297 3.18 5.12 30.01
N VAL N 298 4.47 5.35 29.77
CA VAL N 298 5.43 5.66 30.84
C VAL N 298 5.10 7.00 31.51
N ARG N 299 4.72 8.03 30.75
CA ARG N 299 4.30 9.30 31.33
C ARG N 299 3.01 9.17 32.14
N LEU N 300 1.98 8.48 31.63
CA LEU N 300 0.75 8.20 32.38
C LEU N 300 1.01 7.43 33.69
N ARG N 301 1.91 6.44 33.66
CA ARG N 301 2.33 5.68 34.85
C ARG N 301 2.90 6.59 35.94
N LEU N 302 3.71 7.58 35.58
CA LEU N 302 4.34 8.52 36.52
C LEU N 302 3.33 9.52 37.08
N LEU N 303 2.52 10.14 36.21
CA LEU N 303 1.46 11.09 36.59
C LEU N 303 0.49 10.51 37.60
N ALA N 304 0.02 9.28 37.38
CA ALA N 304 -0.94 8.63 38.26
C ALA N 304 -0.42 8.50 39.69
N ARG N 305 0.86 8.13 39.87
CA ARG N 305 1.53 8.09 41.18
C ARG N 305 1.81 9.48 41.78
N ARG N 306 2.18 10.47 40.97
CA ARG N 306 2.38 11.87 41.43
C ARG N 306 1.09 12.43 42.02
N ALA N 307 -0.02 12.29 41.31
CA ALA N 307 -1.34 12.76 41.75
C ALA N 307 -1.87 11.95 42.95
N TYR N 308 -1.66 10.63 42.98
CA TYR N 308 -2.15 9.76 44.06
C TYR N 308 -1.44 10.05 45.39
N PHE N 309 -0.11 10.02 45.41
CA PHE N 309 0.68 10.26 46.62
C PHE N 309 0.85 11.74 46.96
N GLY N 310 0.42 12.65 46.07
CA GLY N 310 0.44 14.11 46.29
C GLY N 310 1.86 14.70 46.34
N LEU N 311 2.80 14.09 45.62
CA LEU N 311 4.24 14.38 45.71
C LEU N 311 4.59 15.80 45.21
N PRO N 312 5.66 16.44 45.70
CA PRO N 312 6.14 17.73 45.18
C PRO N 312 6.46 17.69 43.67
N ARG N 313 5.93 18.63 42.90
CA ARG N 313 5.99 18.61 41.42
C ARG N 313 7.39 18.74 40.82
N ALA N 314 8.24 19.57 41.44
CA ALA N 314 9.47 20.06 40.82
C ALA N 314 10.45 18.96 40.33
N GLN N 315 10.68 17.89 41.10
CA GLN N 315 11.61 16.84 40.72
C GLN N 315 11.09 15.95 39.57
N VAL N 316 9.79 15.63 39.55
CA VAL N 316 9.19 14.76 38.52
C VAL N 316 9.19 15.42 37.13
N GLU N 317 9.17 16.75 37.04
CA GLU N 317 9.14 17.48 35.77
C GLU N 317 10.35 17.17 34.84
N GLU N 318 11.50 16.78 35.38
CA GLU N 318 12.67 16.31 34.63
C GLU N 318 12.50 14.90 34.04
N GLU N 319 11.65 14.07 34.66
CA GLU N 319 11.53 12.64 34.40
C GLU N 319 10.50 12.29 33.32
N VAL N 320 9.75 13.29 32.83
CA VAL N 320 8.43 13.11 32.20
C VAL N 320 8.24 13.97 30.93
N VAL N 321 9.32 14.24 30.18
CA VAL N 321 9.29 15.15 29.01
C VAL N 321 9.90 14.63 27.69
N CYS N 322 11.16 14.18 27.64
CA CYS N 322 11.97 14.02 26.40
C CYS N 322 11.74 15.16 25.38
N PRO N 323 12.22 16.40 25.63
CA PRO N 323 11.84 17.60 24.89
C PRO N 323 12.11 17.55 23.37
N GLY O 21 8.23 -41.51 25.57
CA GLY O 21 8.02 -41.15 24.18
C GLY O 21 6.72 -41.70 23.59
N LEU O 22 6.62 -41.70 22.26
CA LEU O 22 5.46 -42.27 21.55
C LEU O 22 5.24 -43.77 21.81
N ILE O 23 6.32 -44.53 22.04
CA ILE O 23 6.24 -45.86 22.65
C ILE O 23 6.57 -45.89 24.16
N LYS O 24 7.39 -44.96 24.66
CA LYS O 24 7.79 -44.89 26.06
C LYS O 24 6.65 -44.59 27.05
N SER O 25 5.63 -43.85 26.63
CA SER O 25 4.40 -43.67 27.39
C SER O 25 3.61 -44.98 27.57
N LEU O 26 3.67 -45.89 26.60
CA LEU O 26 3.07 -47.23 26.72
C LEU O 26 3.87 -48.17 27.62
N ALA O 27 5.20 -48.07 27.64
CA ALA O 27 6.05 -48.81 28.58
C ALA O 27 5.84 -48.40 30.04
N GLU O 28 5.73 -47.09 30.31
CA GLU O 28 5.31 -46.60 31.62
C GLU O 28 3.84 -46.93 31.97
N LYS O 29 2.95 -46.98 30.97
CA LYS O 29 1.57 -47.41 31.15
C LYS O 29 1.43 -48.87 31.60
N GLU O 30 2.25 -49.78 31.07
CA GLU O 30 2.37 -51.13 31.59
C GLU O 30 2.97 -51.18 33.01
N LYS O 31 3.97 -50.34 33.28
CA LYS O 31 4.59 -50.22 34.61
C LYS O 31 3.64 -49.71 35.71
N GLN O 32 2.63 -48.93 35.36
CA GLN O 32 1.57 -48.51 36.28
C GLN O 32 0.68 -49.66 36.81
N LEU O 33 0.70 -50.83 36.16
CA LEU O 33 0.02 -52.02 36.63
C LEU O 33 0.56 -52.57 37.97
N LEU O 34 1.79 -52.26 38.35
CA LEU O 34 2.32 -52.57 39.68
C LEU O 34 1.65 -51.77 40.82
N GLU O 35 1.18 -50.54 40.54
CA GLU O 35 0.34 -49.80 41.47
C GLU O 35 -1.11 -50.31 41.52
N ARG O 36 -1.64 -50.78 40.38
CA ARG O 36 -2.94 -51.44 40.33
C ARG O 36 -2.99 -52.78 41.07
N LEU O 37 -1.96 -53.61 40.97
CA LEU O 37 -1.82 -54.82 41.77
C LEU O 37 -1.53 -54.56 43.26
N GLU O 38 -0.77 -53.50 43.57
CA GLU O 38 -0.55 -53.07 44.95
C GLU O 38 -1.82 -52.53 45.63
N ALA O 39 -2.70 -51.86 44.88
CA ALA O 39 -4.01 -51.45 45.36
C ALA O 39 -5.02 -52.60 45.44
N ALA O 40 -5.04 -53.51 44.47
CA ALA O 40 -5.92 -54.67 44.47
C ALA O 40 -5.60 -55.72 45.55
N LYS O 41 -4.35 -55.81 45.99
CA LYS O 41 -3.94 -56.65 47.13
C LYS O 41 -4.22 -56.07 48.53
N LYS O 42 -4.67 -54.81 48.63
CA LYS O 42 -4.97 -54.15 49.90
C LYS O 42 -3.75 -53.97 50.80
N SER P 2 13.10 -53.42 28.63
CA SER P 2 13.43 -52.00 28.62
C SER P 2 13.36 -51.31 29.99
N LYS P 3 13.67 -50.01 30.04
CA LYS P 3 13.70 -49.24 31.28
C LYS P 3 12.36 -49.11 32.01
N LEU P 4 11.24 -49.22 31.29
CA LEU P 4 9.90 -49.30 31.89
C LEU P 4 9.64 -50.60 32.67
N GLU P 5 10.32 -51.69 32.37
CA GLU P 5 10.37 -52.86 33.24
C GLU P 5 11.49 -52.81 34.29
N ALA P 6 12.65 -52.23 33.95
CA ALA P 6 13.80 -52.12 34.86
C ALA P 6 13.58 -51.26 36.10
N ILE P 7 12.69 -50.26 36.04
CA ILE P 7 12.23 -49.52 37.22
C ILE P 7 11.39 -50.35 38.21
N LEU P 8 10.87 -51.51 37.80
CA LEU P 8 10.11 -52.42 38.66
C LEU P 8 10.93 -53.08 39.78
N SER P 9 12.26 -53.18 39.63
CA SER P 9 13.17 -53.56 40.71
C SER P 9 13.60 -52.43 41.66
N GLN P 10 13.29 -51.16 41.32
CA GLN P 10 13.60 -49.99 42.14
C GLN P 10 12.34 -49.37 42.76
N GLU P 11 11.77 -48.37 42.09
CA GLU P 11 10.53 -47.72 42.51
C GLU P 11 9.30 -48.65 42.53
N VAL P 12 9.26 -49.66 41.64
CA VAL P 12 8.26 -50.72 41.70
C VAL P 12 8.40 -51.63 42.94
N GLU P 13 9.64 -51.97 43.32
CA GLU P 13 9.93 -52.73 44.53
C GLU P 13 9.66 -51.96 45.84
N ALA P 14 9.82 -50.63 45.82
CA ALA P 14 9.45 -49.78 46.95
C ALA P 14 7.94 -49.72 47.25
N GLU P 15 7.09 -49.90 46.24
CA GLU P 15 5.65 -50.11 46.44
C GLU P 15 5.29 -51.56 46.79
N ILE P 16 5.91 -52.54 46.12
CA ILE P 16 5.65 -53.96 46.37
C ILE P 16 6.11 -54.48 47.74
N GLN P 17 7.07 -53.83 48.39
CA GLN P 17 7.54 -54.19 49.72
C GLN P 17 6.60 -53.83 50.89
N ALA P 18 5.57 -53.01 50.66
CA ALA P 18 4.64 -52.60 51.72
C ALA P 18 3.65 -53.68 52.20
N LEU P 19 3.47 -54.77 51.44
CA LEU P 19 2.54 -55.84 51.79
C LEU P 19 2.98 -56.77 52.94
N LEU P 20 4.25 -56.74 53.35
CA LEU P 20 4.76 -57.55 54.45
C LEU P 20 4.90 -56.84 55.81
N GLN P 21 4.59 -55.53 55.88
CA GLN P 21 4.84 -54.70 57.05
C GLN P 21 4.07 -55.12 58.31
#